data_1LUZ
# 
_entry.id   1LUZ 
# 
_audit_conform.dict_name       mmcif_pdbx.dic 
_audit_conform.dict_version    5.397 
_audit_conform.dict_location   http://mmcif.pdb.org/dictionaries/ascii/mmcif_pdbx.dic 
# 
loop_
_database_2.database_id 
_database_2.database_code 
_database_2.pdbx_database_accession 
_database_2.pdbx_DOI 
PDB   1LUZ         pdb_00001luz 10.2210/pdb1luz/pdb 
RCSB  RCSB016298   ?            ?                   
WWPDB D_1000016298 ?            ?                   
# 
loop_
_pdbx_audit_revision_history.ordinal 
_pdbx_audit_revision_history.data_content_type 
_pdbx_audit_revision_history.major_revision 
_pdbx_audit_revision_history.minor_revision 
_pdbx_audit_revision_history.revision_date 
1 'Structure model' 1 0 2002-08-28 
2 'Structure model' 1 1 2008-04-28 
3 'Structure model' 1 2 2011-07-13 
4 'Structure model' 1 3 2024-10-30 
# 
_pdbx_audit_revision_details.ordinal             1 
_pdbx_audit_revision_details.revision_ordinal    1 
_pdbx_audit_revision_details.data_content_type   'Structure model' 
_pdbx_audit_revision_details.provider            repository 
_pdbx_audit_revision_details.type                'Initial release' 
_pdbx_audit_revision_details.description         ? 
_pdbx_audit_revision_details.details             ? 
# 
loop_
_pdbx_audit_revision_group.ordinal 
_pdbx_audit_revision_group.revision_ordinal 
_pdbx_audit_revision_group.data_content_type 
_pdbx_audit_revision_group.group 
1 2 'Structure model' 'Version format compliance' 
2 3 'Structure model' 'Source and taxonomy'       
3 3 'Structure model' 'Version format compliance' 
4 4 'Structure model' 'Data collection'           
5 4 'Structure model' 'Database references'       
6 4 'Structure model' 'Derived calculations'      
7 4 'Structure model' 'Structure summary'         
# 
loop_
_pdbx_audit_revision_category.ordinal 
_pdbx_audit_revision_category.revision_ordinal 
_pdbx_audit_revision_category.data_content_type 
_pdbx_audit_revision_category.category 
1 4 'Structure model' chem_comp_atom            
2 4 'Structure model' chem_comp_bond            
3 4 'Structure model' database_2                
4 4 'Structure model' pdbx_entry_details        
5 4 'Structure model' pdbx_modification_feature 
6 4 'Structure model' struct_conn               
7 4 'Structure model' struct_ref_seq_dif        
# 
loop_
_pdbx_audit_revision_item.ordinal 
_pdbx_audit_revision_item.revision_ordinal 
_pdbx_audit_revision_item.data_content_type 
_pdbx_audit_revision_item.item 
1 4 'Structure model' '_database_2.pdbx_DOI'                
2 4 'Structure model' '_database_2.pdbx_database_accession' 
3 4 'Structure model' '_struct_conn.pdbx_leaving_atom_flag' 
4 4 'Structure model' '_struct_ref_seq_dif.details'         
# 
_pdbx_database_status.status_code                     REL 
_pdbx_database_status.entry_id                        1LUZ 
_pdbx_database_status.recvd_initial_deposition_date   2002-05-23 
_pdbx_database_status.deposit_site                    RCSB 
_pdbx_database_status.process_site                    RCSB 
_pdbx_database_status.SG_entry                        . 
_pdbx_database_status.pdb_format_compatible           Y 
_pdbx_database_status.status_code_mr                  ? 
_pdbx_database_status.status_code_sf                  ? 
_pdbx_database_status.status_code_cs                  ? 
_pdbx_database_status.status_code_nmr_data            ? 
_pdbx_database_status.methods_development_category    ? 
# 
loop_
_audit_author.name 
_audit_author.pdbx_ordinal 
'Dar, A.C.'   1 
'Sicheri, F.' 2 
# 
_citation.id                        primary 
_citation.title                     
;X-ray crystal structure and functional analysis of vaccinia virus K3L reveals molecular determinants for PKR subversion and substrate recognition.
;
_citation.journal_abbrev            Mol.Cell 
_citation.journal_volume            10 
_citation.page_first                295 
_citation.page_last                 305 
_citation.year                      2002 
_citation.journal_id_ASTM           MOCEFL 
_citation.country                   US 
_citation.journal_id_ISSN           1097-2765 
_citation.journal_id_CSD            2168 
_citation.book_publisher            ? 
_citation.pdbx_database_id_PubMed   12191475 
_citation.pdbx_database_id_DOI      '10.1016/S1097-2765(02)00590-7' 
# 
loop_
_citation_author.citation_id 
_citation_author.name 
_citation_author.ordinal 
_citation_author.identifier_ORCID 
primary 'Dar, A.C.'   1 ? 
primary 'Sicheri, F.' 2 ? 
# 
loop_
_entity.id 
_entity.type 
_entity.src_method 
_entity.pdbx_description 
_entity.formula_weight 
_entity.pdbx_number_of_molecules 
_entity.pdbx_ec 
_entity.pdbx_mutation 
_entity.pdbx_fragment 
_entity.details 
1 polymer man 'Protein K3' 10715.065 2  ? ? ? ? 
2 water   nat water        18.015    87 ? ? ? ? 
# 
_entity_name_com.entity_id   1 
_entity_name_com.name        'Protein K2' 
# 
_entity_poly.entity_id                      1 
_entity_poly.type                           'polypeptide(L)' 
_entity_poly.nstd_linkage                   no 
_entity_poly.nstd_monomer                   yes 
_entity_poly.pdbx_seq_one_letter_code       
;MLAFCYSLPNAGDVIKGRVYEKDYALYIYLFDYPHFEAILAESVK(MSE)H(MSE)DRYVEYRDKLVGKTVKVKVIRVDY
TKGYIDVNYKR(MSE)CRHQ
;
_entity_poly.pdbx_seq_one_letter_code_can   
;MLAFCYSLPNAGDVIKGRVYEKDYALYIYLFDYPHFEAILAESVKMHMDRYVEYRDKLVGKTVKVKVIRVDYTKGYIDVN
YKRMCRHQ
;
_entity_poly.pdbx_strand_id                 A,B 
_entity_poly.pdbx_target_identifier         ? 
# 
_pdbx_entity_nonpoly.entity_id   2 
_pdbx_entity_nonpoly.name        water 
_pdbx_entity_nonpoly.comp_id     HOH 
# 
loop_
_entity_poly_seq.entity_id 
_entity_poly_seq.num 
_entity_poly_seq.mon_id 
_entity_poly_seq.hetero 
1 1  MET n 
1 2  LEU n 
1 3  ALA n 
1 4  PHE n 
1 5  CYS n 
1 6  TYR n 
1 7  SER n 
1 8  LEU n 
1 9  PRO n 
1 10 ASN n 
1 11 ALA n 
1 12 GLY n 
1 13 ASP n 
1 14 VAL n 
1 15 ILE n 
1 16 LYS n 
1 17 GLY n 
1 18 ARG n 
1 19 VAL n 
1 20 TYR n 
1 21 GLU n 
1 22 LYS n 
1 23 ASP n 
1 24 TYR n 
1 25 ALA n 
1 26 LEU n 
1 27 TYR n 
1 28 ILE n 
1 29 TYR n 
1 30 LEU n 
1 31 PHE n 
1 32 ASP n 
1 33 TYR n 
1 34 PRO n 
1 35 HIS n 
1 36 PHE n 
1 37 GLU n 
1 38 ALA n 
1 39 ILE n 
1 40 LEU n 
1 41 ALA n 
1 42 GLU n 
1 43 SER n 
1 44 VAL n 
1 45 LYS n 
1 46 MSE n 
1 47 HIS n 
1 48 MSE n 
1 49 ASP n 
1 50 ARG n 
1 51 TYR n 
1 52 VAL n 
1 53 GLU n 
1 54 TYR n 
1 55 ARG n 
1 56 ASP n 
1 57 LYS n 
1 58 LEU n 
1 59 VAL n 
1 60 GLY n 
1 61 LYS n 
1 62 THR n 
1 63 VAL n 
1 64 LYS n 
1 65 VAL n 
1 66 LYS n 
1 67 VAL n 
1 68 ILE n 
1 69 ARG n 
1 70 VAL n 
1 71 ASP n 
1 72 TYR n 
1 73 THR n 
1 74 LYS n 
1 75 GLY n 
1 76 TYR n 
1 77 ILE n 
1 78 ASP n 
1 79 VAL n 
1 80 ASN n 
1 81 TYR n 
1 82 LYS n 
1 83 ARG n 
1 84 MSE n 
1 85 CYS n 
1 86 ARG n 
1 87 HIS n 
1 88 GLN n 
# 
_entity_src_gen.entity_id                          1 
_entity_src_gen.pdbx_src_id                        1 
_entity_src_gen.pdbx_alt_source_flag               sample 
_entity_src_gen.pdbx_seq_type                      ? 
_entity_src_gen.pdbx_beg_seq_num                   ? 
_entity_src_gen.pdbx_end_seq_num                   ? 
_entity_src_gen.gene_src_common_name               ? 
_entity_src_gen.gene_src_genus                     Orthopoxvirus 
_entity_src_gen.pdbx_gene_src_gene                 K3L 
_entity_src_gen.gene_src_species                   'Vaccinia virus' 
_entity_src_gen.gene_src_strain                    WR 
_entity_src_gen.gene_src_tissue                    ? 
_entity_src_gen.gene_src_tissue_fraction           ? 
_entity_src_gen.gene_src_details                   ? 
_entity_src_gen.pdbx_gene_src_fragment             ? 
_entity_src_gen.pdbx_gene_src_scientific_name      'Vaccinia virus' 
_entity_src_gen.pdbx_gene_src_ncbi_taxonomy_id     10254 
_entity_src_gen.pdbx_gene_src_variant              ? 
_entity_src_gen.pdbx_gene_src_cell_line            ? 
_entity_src_gen.pdbx_gene_src_atcc                 ? 
_entity_src_gen.pdbx_gene_src_organ                ? 
_entity_src_gen.pdbx_gene_src_organelle            ? 
_entity_src_gen.pdbx_gene_src_cell                 ? 
_entity_src_gen.pdbx_gene_src_cellular_location    ? 
_entity_src_gen.host_org_common_name               ? 
_entity_src_gen.pdbx_host_org_scientific_name      'Escherichia coli BL21' 
_entity_src_gen.pdbx_host_org_ncbi_taxonomy_id     511693 
_entity_src_gen.host_org_genus                     Escherichia 
_entity_src_gen.pdbx_host_org_gene                 ? 
_entity_src_gen.pdbx_host_org_organ                ? 
_entity_src_gen.host_org_species                   'Escherichia coli' 
_entity_src_gen.pdbx_host_org_tissue               ? 
_entity_src_gen.pdbx_host_org_tissue_fraction      ? 
_entity_src_gen.pdbx_host_org_strain               BL21 
_entity_src_gen.pdbx_host_org_variant              ? 
_entity_src_gen.pdbx_host_org_cell_line            ? 
_entity_src_gen.pdbx_host_org_atcc                 ? 
_entity_src_gen.pdbx_host_org_culture_collection   ? 
_entity_src_gen.pdbx_host_org_cell                 ? 
_entity_src_gen.pdbx_host_org_organelle            ? 
_entity_src_gen.pdbx_host_org_cellular_location    ? 
_entity_src_gen.pdbx_host_org_vector_type          PLASMID 
_entity_src_gen.pdbx_host_org_vector               ? 
_entity_src_gen.host_org_details                   ? 
_entity_src_gen.expression_system_id               ? 
_entity_src_gen.plasmid_name                       pET11d 
_entity_src_gen.plasmid_details                    ? 
_entity_src_gen.pdbx_description                   ? 
# 
loop_
_chem_comp.id 
_chem_comp.type 
_chem_comp.mon_nstd_flag 
_chem_comp.name 
_chem_comp.pdbx_synonyms 
_chem_comp.formula 
_chem_comp.formula_weight 
ALA 'L-peptide linking' y ALANINE          ? 'C3 H7 N O2'     89.093  
ARG 'L-peptide linking' y ARGININE         ? 'C6 H15 N4 O2 1' 175.209 
ASN 'L-peptide linking' y ASPARAGINE       ? 'C4 H8 N2 O3'    132.118 
ASP 'L-peptide linking' y 'ASPARTIC ACID'  ? 'C4 H7 N O4'     133.103 
CYS 'L-peptide linking' y CYSTEINE         ? 'C3 H7 N O2 S'   121.158 
GLN 'L-peptide linking' y GLUTAMINE        ? 'C5 H10 N2 O3'   146.144 
GLU 'L-peptide linking' y 'GLUTAMIC ACID'  ? 'C5 H9 N O4'     147.129 
GLY 'peptide linking'   y GLYCINE          ? 'C2 H5 N O2'     75.067  
HIS 'L-peptide linking' y HISTIDINE        ? 'C6 H10 N3 O2 1' 156.162 
HOH non-polymer         . WATER            ? 'H2 O'           18.015  
ILE 'L-peptide linking' y ISOLEUCINE       ? 'C6 H13 N O2'    131.173 
LEU 'L-peptide linking' y LEUCINE          ? 'C6 H13 N O2'    131.173 
LYS 'L-peptide linking' y LYSINE           ? 'C6 H15 N2 O2 1' 147.195 
MET 'L-peptide linking' y METHIONINE       ? 'C5 H11 N O2 S'  149.211 
MSE 'L-peptide linking' n SELENOMETHIONINE ? 'C5 H11 N O2 Se' 196.106 
PHE 'L-peptide linking' y PHENYLALANINE    ? 'C9 H11 N O2'    165.189 
PRO 'L-peptide linking' y PROLINE          ? 'C5 H9 N O2'     115.130 
SER 'L-peptide linking' y SERINE           ? 'C3 H7 N O3'     105.093 
THR 'L-peptide linking' y THREONINE        ? 'C4 H9 N O3'     119.119 
TYR 'L-peptide linking' y TYROSINE         ? 'C9 H11 N O3'    181.189 
VAL 'L-peptide linking' y VALINE           ? 'C5 H11 N O2'    117.146 
# 
loop_
_pdbx_poly_seq_scheme.asym_id 
_pdbx_poly_seq_scheme.entity_id 
_pdbx_poly_seq_scheme.seq_id 
_pdbx_poly_seq_scheme.mon_id 
_pdbx_poly_seq_scheme.ndb_seq_num 
_pdbx_poly_seq_scheme.pdb_seq_num 
_pdbx_poly_seq_scheme.auth_seq_num 
_pdbx_poly_seq_scheme.pdb_mon_id 
_pdbx_poly_seq_scheme.auth_mon_id 
_pdbx_poly_seq_scheme.pdb_strand_id 
_pdbx_poly_seq_scheme.pdb_ins_code 
_pdbx_poly_seq_scheme.hetero 
A 1 1  MET 1  1  ?  ?   ?   A . n 
A 1 2  LEU 2  2  ?  ?   ?   A . n 
A 1 3  ALA 3  3  ?  ?   ?   A . n 
A 1 4  PHE 4  4  4  PHE PHE A . n 
A 1 5  CYS 5  5  5  CYS ALA A . n 
A 1 6  TYR 6  6  6  TYR TYR A . n 
A 1 7  SER 7  7  7  SER SER A . n 
A 1 8  LEU 8  8  8  LEU LEU A . n 
A 1 9  PRO 9  9  9  PRO PRO A . n 
A 1 10 ASN 10 10 10 ASN ASN A . n 
A 1 11 ALA 11 11 11 ALA ALA A . n 
A 1 12 GLY 12 12 12 GLY GLY A . n 
A 1 13 ASP 13 13 13 ASP ASP A . n 
A 1 14 VAL 14 14 14 VAL VAL A . n 
A 1 15 ILE 15 15 15 ILE ILE A . n 
A 1 16 LYS 16 16 16 LYS LYS A . n 
A 1 17 GLY 17 17 17 GLY GLY A . n 
A 1 18 ARG 18 18 18 ARG ARG A . n 
A 1 19 VAL 19 19 19 VAL VAL A . n 
A 1 20 TYR 20 20 20 TYR TYR A . n 
A 1 21 GLU 21 21 21 GLU GLU A . n 
A 1 22 LYS 22 22 22 LYS LYS A . n 
A 1 23 ASP 23 23 23 ASP ASP A . n 
A 1 24 TYR 24 24 24 TYR TYR A . n 
A 1 25 ALA 25 25 25 ALA ALA A . n 
A 1 26 LEU 26 26 26 LEU LEU A . n 
A 1 27 TYR 27 27 27 TYR TYR A . n 
A 1 28 ILE 28 28 28 ILE ILE A . n 
A 1 29 TYR 29 29 29 TYR TYR A . n 
A 1 30 LEU 30 30 30 LEU LEU A . n 
A 1 31 PHE 31 31 31 PHE PHE A . n 
A 1 32 ASP 32 32 32 ASP ASP A . n 
A 1 33 TYR 33 33 33 TYR TYR A . n 
A 1 34 PRO 34 34 34 PRO PRO A . n 
A 1 35 HIS 35 35 35 HIS HIS A . n 
A 1 36 PHE 36 36 36 PHE PHE A . n 
A 1 37 GLU 37 37 37 GLU GLU A . n 
A 1 38 ALA 38 38 38 ALA ALA A . n 
A 1 39 ILE 39 39 39 ILE ILE A . n 
A 1 40 LEU 40 40 40 LEU LEU A . n 
A 1 41 ALA 41 41 41 ALA ALA A . n 
A 1 42 GLU 42 42 42 GLU GLU A . n 
A 1 43 SER 43 43 43 SER SER A . n 
A 1 44 VAL 44 44 44 VAL VAL A . n 
A 1 45 LYS 45 45 45 LYS LYS A . n 
A 1 46 MSE 46 46 46 MSE MSE A . n 
A 1 47 HIS 47 47 47 HIS HIS A . n 
A 1 48 MSE 48 48 48 MSE MSE A . n 
A 1 49 ASP 49 49 49 ASP ASP A . n 
A 1 50 ARG 50 50 50 ARG ARG A . n 
A 1 51 TYR 51 51 51 TYR TYR A . n 
A 1 52 VAL 52 52 52 VAL VAL A . n 
A 1 53 GLU 53 53 53 GLU GLU A . n 
A 1 54 TYR 54 54 54 TYR TYR A . n 
A 1 55 ARG 55 55 55 ARG ARG A . n 
A 1 56 ASP 56 56 56 ASP ASP A . n 
A 1 57 LYS 57 57 57 LYS LYS A . n 
A 1 58 LEU 58 58 58 LEU LEU A . n 
A 1 59 VAL 59 59 59 VAL VAL A . n 
A 1 60 GLY 60 60 60 GLY GLY A . n 
A 1 61 LYS 61 61 61 LYS LYS A . n 
A 1 62 THR 62 62 62 THR THR A . n 
A 1 63 VAL 63 63 63 VAL VAL A . n 
A 1 64 LYS 64 64 64 LYS LYS A . n 
A 1 65 VAL 65 65 65 VAL VAL A . n 
A 1 66 LYS 66 66 66 LYS LYS A . n 
A 1 67 VAL 67 67 67 VAL VAL A . n 
A 1 68 ILE 68 68 68 ILE ILE A . n 
A 1 69 ARG 69 69 69 ARG ARG A . n 
A 1 70 VAL 70 70 70 VAL VAL A . n 
A 1 71 ASP 71 71 71 ASP ASP A . n 
A 1 72 TYR 72 72 72 TYR TYR A . n 
A 1 73 THR 73 73 73 THR THR A . n 
A 1 74 LYS 74 74 74 LYS LYS A . n 
A 1 75 GLY 75 75 75 GLY GLY A . n 
A 1 76 TYR 76 76 76 TYR TYR A . n 
A 1 77 ILE 77 77 77 ILE ILE A . n 
A 1 78 ASP 78 78 78 ASP ASP A . n 
A 1 79 VAL 79 79 79 VAL VAL A . n 
A 1 80 ASN 80 80 80 ASN ASN A . n 
A 1 81 TYR 81 81 81 TYR TYR A . n 
A 1 82 LYS 82 82 82 LYS LYS A . n 
A 1 83 ARG 83 83 83 ARG ARG A . n 
A 1 84 MSE 84 84 84 MSE MSE A . n 
A 1 85 CYS 85 85 85 CYS CYS A . n 
A 1 86 ARG 86 86 86 ARG ALA A . n 
A 1 87 HIS 87 87 87 HIS ALA A . n 
A 1 88 GLN 88 88 88 GLN ALA A . n 
B 1 1  MET 1  1  ?  ?   ?   B . n 
B 1 2  LEU 2  2  ?  ?   ?   B . n 
B 1 3  ALA 3  3  ?  ?   ?   B . n 
B 1 4  PHE 4  4  ?  ?   ?   B . n 
B 1 5  CYS 5  5  ?  ?   ?   B . n 
B 1 6  TYR 6  6  6  TYR ALA B . n 
B 1 7  SER 7  7  7  SER SER B . n 
B 1 8  LEU 8  8  8  LEU LEU B . n 
B 1 9  PRO 9  9  9  PRO PRO B . n 
B 1 10 ASN 10 10 10 ASN ASN B . n 
B 1 11 ALA 11 11 11 ALA ALA B . n 
B 1 12 GLY 12 12 12 GLY GLY B . n 
B 1 13 ASP 13 13 13 ASP ASP B . n 
B 1 14 VAL 14 14 14 VAL VAL B . n 
B 1 15 ILE 15 15 15 ILE ILE B . n 
B 1 16 LYS 16 16 16 LYS LYS B . n 
B 1 17 GLY 17 17 17 GLY GLY B . n 
B 1 18 ARG 18 18 18 ARG ARG B . n 
B 1 19 VAL 19 19 19 VAL VAL B . n 
B 1 20 TYR 20 20 20 TYR TYR B . n 
B 1 21 GLU 21 21 21 GLU GLU B . n 
B 1 22 LYS 22 22 22 LYS LYS B . n 
B 1 23 ASP 23 23 23 ASP ASP B . n 
B 1 24 TYR 24 24 24 TYR TYR B . n 
B 1 25 ALA 25 25 25 ALA ALA B . n 
B 1 26 LEU 26 26 26 LEU LEU B . n 
B 1 27 TYR 27 27 27 TYR TYR B . n 
B 1 28 ILE 28 28 28 ILE ILE B . n 
B 1 29 TYR 29 29 29 TYR TYR B . n 
B 1 30 LEU 30 30 30 LEU LEU B . n 
B 1 31 PHE 31 31 31 PHE PHE B . n 
B 1 32 ASP 32 32 32 ASP ASP B . n 
B 1 33 TYR 33 33 33 TYR TYR B . n 
B 1 34 PRO 34 34 34 PRO PRO B . n 
B 1 35 HIS 35 35 35 HIS HIS B . n 
B 1 36 PHE 36 36 36 PHE PHE B . n 
B 1 37 GLU 37 37 37 GLU GLU B . n 
B 1 38 ALA 38 38 38 ALA ALA B . n 
B 1 39 ILE 39 39 39 ILE ILE B . n 
B 1 40 LEU 40 40 40 LEU LEU B . n 
B 1 41 ALA 41 41 41 ALA ALA B . n 
B 1 42 GLU 42 42 42 GLU GLU B . n 
B 1 43 SER 43 43 43 SER SER B . n 
B 1 44 VAL 44 44 44 VAL VAL B . n 
B 1 45 LYS 45 45 45 LYS LYS B . n 
B 1 46 MSE 46 46 46 MSE MSE B . n 
B 1 47 HIS 47 47 47 HIS HIS B . n 
B 1 48 MSE 48 48 48 MSE MSE B . n 
B 1 49 ASP 49 49 49 ASP ASP B . n 
B 1 50 ARG 50 50 50 ARG ARG B . n 
B 1 51 TYR 51 51 51 TYR TYR B . n 
B 1 52 VAL 52 52 52 VAL VAL B . n 
B 1 53 GLU 53 53 53 GLU GLU B . n 
B 1 54 TYR 54 54 54 TYR TYR B . n 
B 1 55 ARG 55 55 55 ARG ARG B . n 
B 1 56 ASP 56 56 56 ASP ASP B . n 
B 1 57 LYS 57 57 57 LYS LYS B . n 
B 1 58 LEU 58 58 58 LEU LEU B . n 
B 1 59 VAL 59 59 59 VAL VAL B . n 
B 1 60 GLY 60 60 60 GLY GLY B . n 
B 1 61 LYS 61 61 61 LYS LYS B . n 
B 1 62 THR 62 62 62 THR THR B . n 
B 1 63 VAL 63 63 63 VAL VAL B . n 
B 1 64 LYS 64 64 64 LYS LYS B . n 
B 1 65 VAL 65 65 65 VAL VAL B . n 
B 1 66 LYS 66 66 66 LYS LYS B . n 
B 1 67 VAL 67 67 67 VAL VAL B . n 
B 1 68 ILE 68 68 68 ILE ILE B . n 
B 1 69 ARG 69 69 69 ARG ARG B . n 
B 1 70 VAL 70 70 70 VAL VAL B . n 
B 1 71 ASP 71 71 71 ASP ASP B . n 
B 1 72 TYR 72 72 72 TYR TYR B . n 
B 1 73 THR 73 73 73 THR THR B . n 
B 1 74 LYS 74 74 74 LYS LYS B . n 
B 1 75 GLY 75 75 75 GLY GLY B . n 
B 1 76 TYR 76 76 76 TYR TYR B . n 
B 1 77 ILE 77 77 77 ILE ILE B . n 
B 1 78 ASP 78 78 78 ASP ASP B . n 
B 1 79 VAL 79 79 79 VAL VAL B . n 
B 1 80 ASN 80 80 80 ASN ASN B . n 
B 1 81 TYR 81 81 81 TYR TYR B . n 
B 1 82 LYS 82 82 82 LYS LYS B . n 
B 1 83 ARG 83 83 83 ARG ARG B . n 
B 1 84 MSE 84 84 84 MSE MSE B . n 
B 1 85 CYS 85 85 85 CYS CYS B . n 
B 1 86 ARG 86 86 86 ARG ARG B . n 
B 1 87 HIS 87 87 87 HIS HIS B . n 
B 1 88 GLN 88 88 88 GLN GLN B . n 
# 
loop_
_pdbx_nonpoly_scheme.asym_id 
_pdbx_nonpoly_scheme.entity_id 
_pdbx_nonpoly_scheme.mon_id 
_pdbx_nonpoly_scheme.ndb_seq_num 
_pdbx_nonpoly_scheme.pdb_seq_num 
_pdbx_nonpoly_scheme.auth_seq_num 
_pdbx_nonpoly_scheme.pdb_mon_id 
_pdbx_nonpoly_scheme.auth_mon_id 
_pdbx_nonpoly_scheme.pdb_strand_id 
_pdbx_nonpoly_scheme.pdb_ins_code 
C 2 HOH 1  89  3  HOH TIP A . 
C 2 HOH 2  90  4  HOH TIP A . 
C 2 HOH 3  91  5  HOH TIP A . 
C 2 HOH 4  92  6  HOH TIP A . 
C 2 HOH 5  93  7  HOH TIP A . 
C 2 HOH 6  94  8  HOH TIP A . 
C 2 HOH 7  95  10 HOH TIP A . 
C 2 HOH 8  96  12 HOH TIP A . 
C 2 HOH 9  97  14 HOH TIP A . 
C 2 HOH 10 98  15 HOH TIP A . 
C 2 HOH 11 99  17 HOH TIP A . 
C 2 HOH 12 100 20 HOH TIP A . 
C 2 HOH 13 101 24 HOH TIP A . 
C 2 HOH 14 102 25 HOH TIP A . 
C 2 HOH 15 103 26 HOH TIP A . 
C 2 HOH 16 104 27 HOH TIP A . 
C 2 HOH 17 105 28 HOH TIP A . 
C 2 HOH 18 106 29 HOH TIP A . 
C 2 HOH 19 107 30 HOH TIP A . 
C 2 HOH 20 108 32 HOH TIP A . 
C 2 HOH 21 109 35 HOH TIP A . 
C 2 HOH 22 110 36 HOH TIP A . 
C 2 HOH 23 111 37 HOH TIP A . 
C 2 HOH 24 112 38 HOH TIP A . 
C 2 HOH 25 113 39 HOH TIP A . 
C 2 HOH 26 114 40 HOH TIP A . 
C 2 HOH 27 115 41 HOH TIP A . 
C 2 HOH 28 116 42 HOH TIP A . 
C 2 HOH 29 117 43 HOH TIP A . 
C 2 HOH 30 118 44 HOH TIP A . 
C 2 HOH 31 119 46 HOH TIP A . 
C 2 HOH 32 120 47 HOH TIP A . 
C 2 HOH 33 121 48 HOH TIP A . 
C 2 HOH 34 122 49 HOH TIP A . 
C 2 HOH 35 123 51 HOH TIP A . 
C 2 HOH 36 124 52 HOH TIP A . 
C 2 HOH 37 125 53 HOH TIP A . 
C 2 HOH 38 126 54 HOH TIP A . 
C 2 HOH 39 127 55 HOH TIP A . 
C 2 HOH 40 128 56 HOH TIP A . 
C 2 HOH 41 129 58 HOH TIP A . 
C 2 HOH 42 130 60 HOH TIP A . 
C 2 HOH 43 131 63 HOH TIP A . 
C 2 HOH 44 132 66 HOH TIP A . 
C 2 HOH 45 133 68 HOH TIP A . 
C 2 HOH 46 134 69 HOH TIP A . 
C 2 HOH 47 135 71 HOH TIP A . 
C 2 HOH 48 136 75 HOH TIP A . 
C 2 HOH 49 137 77 HOH TIP A . 
C 2 HOH 50 138 81 HOH TIP A . 
C 2 HOH 51 139 82 HOH TIP A . 
C 2 HOH 52 140 84 HOH TIP A . 
D 2 HOH 1  89  1  HOH TIP B . 
D 2 HOH 2  90  2  HOH TIP B . 
D 2 HOH 3  91  9  HOH TIP B . 
D 2 HOH 4  92  11 HOH TIP B . 
D 2 HOH 5  93  13 HOH TIP B . 
D 2 HOH 6  94  16 HOH TIP B . 
D 2 HOH 7  95  18 HOH TIP B . 
D 2 HOH 8  96  19 HOH TIP B . 
D 2 HOH 9  97  21 HOH TIP B . 
D 2 HOH 10 98  22 HOH TIP B . 
D 2 HOH 11 99  23 HOH TIP B . 
D 2 HOH 12 100 31 HOH TIP B . 
D 2 HOH 13 101 33 HOH TIP B . 
D 2 HOH 14 102 34 HOH TIP B . 
D 2 HOH 15 103 45 HOH TIP B . 
D 2 HOH 16 104 50 HOH TIP B . 
D 2 HOH 17 105 57 HOH TIP B . 
D 2 HOH 18 106 59 HOH TIP B . 
D 2 HOH 19 107 61 HOH TIP B . 
D 2 HOH 20 108 62 HOH TIP B . 
D 2 HOH 21 109 64 HOH TIP B . 
D 2 HOH 22 110 65 HOH TIP B . 
D 2 HOH 23 111 67 HOH TIP B . 
D 2 HOH 24 112 70 HOH TIP B . 
D 2 HOH 25 113 72 HOH TIP B . 
D 2 HOH 26 114 73 HOH TIP B . 
D 2 HOH 27 115 74 HOH TIP B . 
D 2 HOH 28 116 76 HOH TIP B . 
D 2 HOH 29 117 78 HOH TIP B . 
D 2 HOH 30 118 79 HOH TIP B . 
D 2 HOH 31 119 80 HOH TIP B . 
D 2 HOH 32 120 83 HOH TIP B . 
D 2 HOH 33 121 85 HOH TIP B . 
D 2 HOH 34 122 86 HOH TIP B . 
D 2 HOH 35 123 87 HOH TIP B . 
# 
loop_
_pdbx_unobs_or_zero_occ_atoms.id 
_pdbx_unobs_or_zero_occ_atoms.PDB_model_num 
_pdbx_unobs_or_zero_occ_atoms.polymer_flag 
_pdbx_unobs_or_zero_occ_atoms.occupancy_flag 
_pdbx_unobs_or_zero_occ_atoms.auth_asym_id 
_pdbx_unobs_or_zero_occ_atoms.auth_comp_id 
_pdbx_unobs_or_zero_occ_atoms.auth_seq_id 
_pdbx_unobs_or_zero_occ_atoms.PDB_ins_code 
_pdbx_unobs_or_zero_occ_atoms.auth_atom_id 
_pdbx_unobs_or_zero_occ_atoms.label_alt_id 
_pdbx_unobs_or_zero_occ_atoms.label_asym_id 
_pdbx_unobs_or_zero_occ_atoms.label_comp_id 
_pdbx_unobs_or_zero_occ_atoms.label_seq_id 
_pdbx_unobs_or_zero_occ_atoms.label_atom_id 
1  1 Y 1 A CYS 5  ? SG  ? A CYS 5  SG  
2  1 Y 1 A ARG 86 ? CG  ? A ARG 86 CG  
3  1 Y 1 A ARG 86 ? CD  ? A ARG 86 CD  
4  1 Y 1 A ARG 86 ? NE  ? A ARG 86 NE  
5  1 Y 1 A ARG 86 ? CZ  ? A ARG 86 CZ  
6  1 Y 1 A ARG 86 ? NH1 ? A ARG 86 NH1 
7  1 Y 1 A ARG 86 ? NH2 ? A ARG 86 NH2 
8  1 Y 1 A HIS 87 ? CG  ? A HIS 87 CG  
9  1 Y 1 A HIS 87 ? ND1 ? A HIS 87 ND1 
10 1 Y 1 A HIS 87 ? CD2 ? A HIS 87 CD2 
11 1 Y 1 A HIS 87 ? CE1 ? A HIS 87 CE1 
12 1 Y 1 A HIS 87 ? NE2 ? A HIS 87 NE2 
13 1 Y 1 A GLN 88 ? CG  ? A GLN 88 CG  
14 1 Y 1 A GLN 88 ? CD  ? A GLN 88 CD  
15 1 Y 1 A GLN 88 ? OE1 ? A GLN 88 OE1 
16 1 Y 1 A GLN 88 ? NE2 ? A GLN 88 NE2 
17 1 Y 1 B TYR 6  ? CG  ? B TYR 6  CG  
18 1 Y 1 B TYR 6  ? CD1 ? B TYR 6  CD1 
19 1 Y 1 B TYR 6  ? CD2 ? B TYR 6  CD2 
20 1 Y 1 B TYR 6  ? CE1 ? B TYR 6  CE1 
21 1 Y 1 B TYR 6  ? CE2 ? B TYR 6  CE2 
22 1 Y 1 B TYR 6  ? CZ  ? B TYR 6  CZ  
23 1 Y 1 B TYR 6  ? OH  ? B TYR 6  OH  
# 
loop_
_software.name 
_software.classification 
_software.version 
_software.citation_id 
_software.pdbx_ordinal 
SHARP     phasing          . ? 1 
CNS       refinement       . ? 2 
HKL-2000  'data reduction' . ? 3 
SCALEPACK 'data scaling'   . ? 4 
# 
_cell.entry_id           1LUZ 
_cell.length_a           73.119 
_cell.length_b           49.580 
_cell.length_c           59.938 
_cell.angle_alpha        90.00 
_cell.angle_beta         100.69 
_cell.angle_gamma        90.00 
_cell.Z_PDB              8 
_cell.pdbx_unique_axis   ? 
# 
_symmetry.entry_id                         1LUZ 
_symmetry.space_group_name_H-M             'C 1 2 1' 
_symmetry.pdbx_full_space_group_name_H-M   ? 
_symmetry.cell_setting                     ? 
_symmetry.Int_Tables_number                5 
# 
_exptl.entry_id          1LUZ 
_exptl.method            'X-RAY DIFFRACTION' 
_exptl.crystals_number   2 
# 
_exptl_crystal.id                    1 
_exptl_crystal.density_meas          ? 
_exptl_crystal.density_percent_sol   50.61 
_exptl_crystal.density_Matthews      2.49 
_exptl_crystal.description           ? 
# 
_diffrn.id                     1 
_diffrn.ambient_temp           200.0 
_diffrn.ambient_temp_details   ? 
_diffrn.crystal_id             1 
# 
_diffrn_detector.diffrn_id              1 
_diffrn_detector.detector               CCD 
_diffrn_detector.type                   'ADSC QUANTUM 4' 
_diffrn_detector.pdbx_collection_date   2000-05-01 
_diffrn_detector.details                ? 
# 
_diffrn_radiation.diffrn_id                        1 
_diffrn_radiation.wavelength_id                    1 
_diffrn_radiation.pdbx_monochromatic_or_laue_m_l   M 
_diffrn_radiation.monochromator                    ? 
_diffrn_radiation.pdbx_diffrn_protocol             MAD 
_diffrn_radiation.pdbx_scattering_type             x-ray 
# 
loop_
_diffrn_radiation_wavelength.id 
_diffrn_radiation_wavelength.wavelength 
_diffrn_radiation_wavelength.wt 
1 0.9788 1.0 
2 0.9790 1.0 
3 1.0000 1.0 
# 
_diffrn_source.diffrn_id                   1 
_diffrn_source.source                      SYNCHROTRON 
_diffrn_source.type                        'APS BEAMLINE 14-BM-C' 
_diffrn_source.pdbx_synchrotron_site       APS 
_diffrn_source.pdbx_synchrotron_beamline   14-BM-C 
_diffrn_source.pdbx_wavelength             ? 
_diffrn_source.pdbx_wavelength_list        0.9788,0.9790,1.0000 
# 
_reflns.entry_id                     1LUZ 
_reflns.observed_criterion_sigma_F   ? 
_reflns.observed_criterion_sigma_I   -3.0 
_reflns.d_resolution_high            1.8 
_reflns.d_resolution_low             500 
_reflns.number_all                   ? 
_reflns.number_obs                   112629 
_reflns.percent_possible_obs         99.8 
_reflns.pdbx_Rmerge_I_obs            ? 
_reflns.pdbx_Rsym_value              ? 
_reflns.pdbx_netI_over_sigmaI        ? 
_reflns.B_iso_Wilson_estimate        ? 
_reflns.pdbx_redundancy              ? 
_reflns.R_free_details               ? 
_reflns.limit_h_max                  ? 
_reflns.limit_h_min                  ? 
_reflns.limit_k_max                  ? 
_reflns.limit_k_min                  ? 
_reflns.limit_l_max                  ? 
_reflns.limit_l_min                  ? 
_reflns.observed_criterion_F_max     ? 
_reflns.observed_criterion_F_min     ? 
_reflns.pdbx_ordinal                 1 
_reflns.pdbx_diffrn_id               1 
# 
_refine.entry_id                                 1LUZ 
_refine.ls_d_res_high                            1.8 
_refine.ls_d_res_low                             500 
_refine.pdbx_ls_sigma_F                          ? 
_refine.pdbx_ls_sigma_I                          ? 
_refine.ls_number_reflns_all                     19455 
_refine.ls_number_reflns_obs                     19455 
_refine.ls_number_reflns_R_free                  1922 
_refine.ls_percent_reflns_obs                    ? 
_refine.ls_R_factor_all                          ? 
_refine.ls_R_factor_obs                          ? 
_refine.ls_R_factor_R_work                       0.2320000 
_refine.ls_R_factor_R_free                       0.2560000 
_refine.ls_redundancy_reflns_obs                 ? 
_refine.pdbx_data_cutoff_high_absF               ? 
_refine.pdbx_data_cutoff_low_absF                ? 
_refine.ls_number_parameters                     ? 
_refine.ls_number_restraints                     ? 
_refine.ls_percent_reflns_R_free                 ? 
_refine.ls_R_factor_R_free_error                 ? 
_refine.ls_R_factor_R_free_error_details         ? 
_refine.pdbx_method_to_determine_struct          MAD 
_refine.pdbx_starting_model                      ? 
_refine.pdbx_ls_cross_valid_method               ? 
_refine.pdbx_R_Free_selection_details            ? 
_refine.pdbx_stereochem_target_val_spec_case     ? 
_refine.pdbx_stereochemistry_target_values       ? 
_refine.solvent_model_details                    ? 
_refine.solvent_model_param_bsol                 ? 
_refine.solvent_model_param_ksol                 ? 
_refine.occupancy_max                            ? 
_refine.occupancy_min                            ? 
_refine.pdbx_isotropic_thermal_model             ? 
_refine.B_iso_mean                               ? 
_refine.aniso_B[1][1]                            ? 
_refine.aniso_B[1][2]                            ? 
_refine.aniso_B[1][3]                            ? 
_refine.aniso_B[2][2]                            ? 
_refine.aniso_B[2][3]                            ? 
_refine.aniso_B[3][3]                            ? 
_refine.details                                  ? 
_refine.B_iso_min                                ? 
_refine.B_iso_max                                ? 
_refine.correlation_coeff_Fo_to_Fc               ? 
_refine.correlation_coeff_Fo_to_Fc_free          ? 
_refine.pdbx_solvent_vdw_probe_radii             ? 
_refine.pdbx_solvent_ion_probe_radii             ? 
_refine.pdbx_solvent_shrinkage_radii             ? 
_refine.overall_SU_R_Cruickshank_DPI             ? 
_refine.overall_SU_R_free                        ? 
_refine.overall_SU_B                             ? 
_refine.overall_SU_ML                            ? 
_refine.pdbx_overall_ESU_R                       ? 
_refine.pdbx_overall_ESU_R_Free                  ? 
_refine.pdbx_data_cutoff_high_rms_absF           ? 
_refine.pdbx_refine_id                           'X-RAY DIFFRACTION' 
_refine.pdbx_diffrn_id                           1 
_refine.pdbx_TLS_residual_ADP_flag               ? 
_refine.pdbx_overall_phase_error                 ? 
_refine.pdbx_overall_SU_R_free_Cruickshank_DPI   ? 
_refine.pdbx_overall_SU_R_Blow_DPI               ? 
_refine.pdbx_overall_SU_R_free_Blow_DPI          ? 
# 
_refine_hist.pdbx_refine_id                   'X-RAY DIFFRACTION' 
_refine_hist.cycle_id                         LAST 
_refine_hist.pdbx_number_atoms_protein        1404 
_refine_hist.pdbx_number_atoms_nucleic_acid   0 
_refine_hist.pdbx_number_atoms_ligand         0 
_refine_hist.number_atoms_solvent             87 
_refine_hist.number_atoms_total               1491 
_refine_hist.d_res_high                       1.8 
_refine_hist.d_res_low                        500 
# 
_struct.entry_id                  1LUZ 
_struct.title                     'Crystal Structure of the K3L Protein From Vaccinia Virus (Wisconsin Strain)' 
_struct.pdbx_model_details        ? 
_struct.pdbx_CASP_flag            ? 
_struct.pdbx_model_type_details   ? 
# 
_struct_keywords.entry_id        1LUZ 
_struct_keywords.pdbx_keywords   'VIRAL PROTEIN' 
_struct_keywords.text            '5 stranded anti-parallel beta barrel, Viral protein' 
# 
loop_
_struct_asym.id 
_struct_asym.pdbx_blank_PDB_chainid_flag 
_struct_asym.pdbx_modified 
_struct_asym.entity_id 
_struct_asym.details 
A N N 1 ? 
B N N 1 ? 
C N N 2 ? 
D N N 2 ? 
# 
_struct_ref.id                         1 
_struct_ref.db_name                    UNP 
_struct_ref.db_code                    VK03_VACCV 
_struct_ref.entity_id                  1 
_struct_ref.pdbx_seq_one_letter_code   
;MLAFCYSLPNAGDVIKGRVYEKDYALYIYLFDYPHFEAILAESVKMHMDRYVEYRDKLVGKTVKVKVIRVDYTKGYIDVN
YKRMCRHQ
;
_struct_ref.pdbx_align_begin           1 
_struct_ref.pdbx_db_accession          P18378 
_struct_ref.pdbx_db_isoform            ? 
# 
loop_
_struct_ref_seq.align_id 
_struct_ref_seq.ref_id 
_struct_ref_seq.pdbx_PDB_id_code 
_struct_ref_seq.pdbx_strand_id 
_struct_ref_seq.seq_align_beg 
_struct_ref_seq.pdbx_seq_align_beg_ins_code 
_struct_ref_seq.seq_align_end 
_struct_ref_seq.pdbx_seq_align_end_ins_code 
_struct_ref_seq.pdbx_db_accession 
_struct_ref_seq.db_align_beg 
_struct_ref_seq.pdbx_db_align_beg_ins_code 
_struct_ref_seq.db_align_end 
_struct_ref_seq.pdbx_db_align_end_ins_code 
_struct_ref_seq.pdbx_auth_seq_align_beg 
_struct_ref_seq.pdbx_auth_seq_align_end 
1 1 1LUZ A 1 ? 88 ? P18378 1 ? 88 ? 1 88 
2 1 1LUZ B 1 ? 88 ? P18378 1 ? 88 ? 1 88 
# 
loop_
_struct_ref_seq_dif.align_id 
_struct_ref_seq_dif.pdbx_pdb_id_code 
_struct_ref_seq_dif.mon_id 
_struct_ref_seq_dif.pdbx_pdb_strand_id 
_struct_ref_seq_dif.seq_num 
_struct_ref_seq_dif.pdbx_pdb_ins_code 
_struct_ref_seq_dif.pdbx_seq_db_name 
_struct_ref_seq_dif.pdbx_seq_db_accession_code 
_struct_ref_seq_dif.db_mon_id 
_struct_ref_seq_dif.pdbx_seq_db_seq_num 
_struct_ref_seq_dif.details 
_struct_ref_seq_dif.pdbx_auth_seq_num 
_struct_ref_seq_dif.pdbx_ordinal 
1 1LUZ MSE A 46 ? UNP P18378 MET 46 'modified residue' 46 1 
1 1LUZ MSE A 48 ? UNP P18378 MET 48 'modified residue' 48 2 
1 1LUZ MSE A 84 ? UNP P18378 MET 84 'modified residue' 84 3 
2 1LUZ MSE B 46 ? UNP P18378 MET 46 'modified residue' 46 4 
2 1LUZ MSE B 48 ? UNP P18378 MET 48 'modified residue' 48 5 
2 1LUZ MSE B 84 ? UNP P18378 MET 84 'modified residue' 84 6 
# 
loop_
_pdbx_struct_assembly.id 
_pdbx_struct_assembly.details 
_pdbx_struct_assembly.method_details 
_pdbx_struct_assembly.oligomeric_details 
_pdbx_struct_assembly.oligomeric_count 
1 author_defined_assembly ? monomeric 1 
2 author_defined_assembly ? monomeric 1 
# 
loop_
_pdbx_struct_assembly_gen.assembly_id 
_pdbx_struct_assembly_gen.oper_expression 
_pdbx_struct_assembly_gen.asym_id_list 
1 1 A,C 
2 1 B,D 
# 
_pdbx_struct_oper_list.id                   1 
_pdbx_struct_oper_list.type                 'identity operation' 
_pdbx_struct_oper_list.name                 1_555 
_pdbx_struct_oper_list.symmetry_operation   x,y,z 
_pdbx_struct_oper_list.matrix[1][1]         1.0000000000 
_pdbx_struct_oper_list.matrix[1][2]         0.0000000000 
_pdbx_struct_oper_list.matrix[1][3]         0.0000000000 
_pdbx_struct_oper_list.vector[1]            0.0000000000 
_pdbx_struct_oper_list.matrix[2][1]         0.0000000000 
_pdbx_struct_oper_list.matrix[2][2]         1.0000000000 
_pdbx_struct_oper_list.matrix[2][3]         0.0000000000 
_pdbx_struct_oper_list.vector[2]            0.0000000000 
_pdbx_struct_oper_list.matrix[3][1]         0.0000000000 
_pdbx_struct_oper_list.matrix[3][2]         0.0000000000 
_pdbx_struct_oper_list.matrix[3][3]         1.0000000000 
_pdbx_struct_oper_list.vector[3]            0.0000000000 
# 
loop_
_struct_biol.id 
_struct_biol.pdbx_parent_biol_id 
_struct_biol.details 
1 ? ? 
2 ? ? 
# 
loop_
_struct_conf.conf_type_id 
_struct_conf.id 
_struct_conf.pdbx_PDB_helix_id 
_struct_conf.beg_label_comp_id 
_struct_conf.beg_label_asym_id 
_struct_conf.beg_label_seq_id 
_struct_conf.pdbx_beg_PDB_ins_code 
_struct_conf.end_label_comp_id 
_struct_conf.end_label_asym_id 
_struct_conf.end_label_seq_id 
_struct_conf.pdbx_end_PDB_ins_code 
_struct_conf.beg_auth_comp_id 
_struct_conf.beg_auth_asym_id 
_struct_conf.beg_auth_seq_id 
_struct_conf.end_auth_comp_id 
_struct_conf.end_auth_asym_id 
_struct_conf.end_auth_seq_id 
_struct_conf.pdbx_PDB_helix_class 
_struct_conf.details 
_struct_conf.pdbx_PDB_helix_length 
HELX_P HELX_P1 1 GLU A 42 ? VAL A 44 ? GLU A 42 VAL A 44 5 ? 3  
HELX_P HELX_P2 2 HIS A 47 ? VAL A 59 ? HIS A 47 VAL A 59 1 ? 13 
HELX_P HELX_P3 3 GLU B 42 ? VAL B 44 ? GLU B 42 VAL B 44 5 ? 3  
HELX_P HELX_P4 4 HIS B 47 ? VAL B 59 ? HIS B 47 VAL B 59 1 ? 13 
# 
_struct_conf_type.id          HELX_P 
_struct_conf_type.criteria    ? 
_struct_conf_type.reference   ? 
# 
loop_
_struct_conn.id 
_struct_conn.conn_type_id 
_struct_conn.pdbx_leaving_atom_flag 
_struct_conn.pdbx_PDB_id 
_struct_conn.ptnr1_label_asym_id 
_struct_conn.ptnr1_label_comp_id 
_struct_conn.ptnr1_label_seq_id 
_struct_conn.ptnr1_label_atom_id 
_struct_conn.pdbx_ptnr1_label_alt_id 
_struct_conn.pdbx_ptnr1_PDB_ins_code 
_struct_conn.pdbx_ptnr1_standard_comp_id 
_struct_conn.ptnr1_symmetry 
_struct_conn.ptnr2_label_asym_id 
_struct_conn.ptnr2_label_comp_id 
_struct_conn.ptnr2_label_seq_id 
_struct_conn.ptnr2_label_atom_id 
_struct_conn.pdbx_ptnr2_label_alt_id 
_struct_conn.pdbx_ptnr2_PDB_ins_code 
_struct_conn.ptnr1_auth_asym_id 
_struct_conn.ptnr1_auth_comp_id 
_struct_conn.ptnr1_auth_seq_id 
_struct_conn.ptnr2_auth_asym_id 
_struct_conn.ptnr2_auth_comp_id 
_struct_conn.ptnr2_auth_seq_id 
_struct_conn.ptnr2_symmetry 
_struct_conn.pdbx_ptnr3_label_atom_id 
_struct_conn.pdbx_ptnr3_label_seq_id 
_struct_conn.pdbx_ptnr3_label_comp_id 
_struct_conn.pdbx_ptnr3_label_asym_id 
_struct_conn.pdbx_ptnr3_label_alt_id 
_struct_conn.pdbx_ptnr3_PDB_ins_code 
_struct_conn.details 
_struct_conn.pdbx_dist_value 
_struct_conn.pdbx_value_order 
_struct_conn.pdbx_role 
covale1  covale both ? A LYS 45 C ? ? ? 1_555 A MSE 46 N ? ? A LYS 45 A MSE 46 1_555 ? ? ? ? ? ? ? 1.330 ? ? 
covale2  covale both ? A MSE 46 C ? ? ? 1_555 A HIS 47 N ? ? A MSE 46 A HIS 47 1_555 ? ? ? ? ? ? ? 1.329 ? ? 
covale3  covale both ? A HIS 47 C ? ? ? 1_555 A MSE 48 N ? ? A HIS 47 A MSE 48 1_555 ? ? ? ? ? ? ? 1.329 ? ? 
covale4  covale both ? A MSE 48 C ? ? ? 1_555 A ASP 49 N ? ? A MSE 48 A ASP 49 1_555 ? ? ? ? ? ? ? 1.332 ? ? 
covale5  covale both ? A ARG 83 C ? ? ? 1_555 A MSE 84 N ? ? A ARG 83 A MSE 84 1_555 ? ? ? ? ? ? ? 1.327 ? ? 
covale6  covale both ? A MSE 84 C ? ? ? 1_555 A CYS 85 N ? ? A MSE 84 A CYS 85 1_555 ? ? ? ? ? ? ? 1.330 ? ? 
covale7  covale both ? B LYS 45 C ? ? ? 1_555 B MSE 46 N ? ? B LYS 45 B MSE 46 1_555 ? ? ? ? ? ? ? 1.326 ? ? 
covale8  covale both ? B MSE 46 C ? ? ? 1_555 B HIS 47 N ? ? B MSE 46 B HIS 47 1_555 ? ? ? ? ? ? ? 1.331 ? ? 
covale9  covale both ? B HIS 47 C ? ? ? 1_555 B MSE 48 N ? ? B HIS 47 B MSE 48 1_555 ? ? ? ? ? ? ? 1.327 ? ? 
covale10 covale both ? B MSE 48 C ? ? ? 1_555 B ASP 49 N ? ? B MSE 48 B ASP 49 1_555 ? ? ? ? ? ? ? 1.330 ? ? 
covale11 covale both ? B ARG 83 C ? ? ? 1_555 B MSE 84 N ? ? B ARG 83 B MSE 84 1_555 ? ? ? ? ? ? ? 1.327 ? ? 
covale12 covale both ? B MSE 84 C ? ? ? 1_555 B CYS 85 N ? ? B MSE 84 B CYS 85 1_555 ? ? ? ? ? ? ? 1.329 ? ? 
# 
_struct_conn_type.id          covale 
_struct_conn_type.criteria    ? 
_struct_conn_type.reference   ? 
# 
loop_
_pdbx_modification_feature.ordinal 
_pdbx_modification_feature.label_comp_id 
_pdbx_modification_feature.label_asym_id 
_pdbx_modification_feature.label_seq_id 
_pdbx_modification_feature.label_alt_id 
_pdbx_modification_feature.modified_residue_label_comp_id 
_pdbx_modification_feature.modified_residue_label_asym_id 
_pdbx_modification_feature.modified_residue_label_seq_id 
_pdbx_modification_feature.modified_residue_label_alt_id 
_pdbx_modification_feature.auth_comp_id 
_pdbx_modification_feature.auth_asym_id 
_pdbx_modification_feature.auth_seq_id 
_pdbx_modification_feature.PDB_ins_code 
_pdbx_modification_feature.symmetry 
_pdbx_modification_feature.modified_residue_auth_comp_id 
_pdbx_modification_feature.modified_residue_auth_asym_id 
_pdbx_modification_feature.modified_residue_auth_seq_id 
_pdbx_modification_feature.modified_residue_PDB_ins_code 
_pdbx_modification_feature.modified_residue_symmetry 
_pdbx_modification_feature.comp_id_linking_atom 
_pdbx_modification_feature.modified_residue_id_linking_atom 
_pdbx_modification_feature.modified_residue_id 
_pdbx_modification_feature.ref_pcm_id 
_pdbx_modification_feature.ref_comp_id 
_pdbx_modification_feature.type 
_pdbx_modification_feature.category 
1 MSE A 46 ? . . . . MSE A 46 ? 1_555 . . . . . . . MET 1 MSE Selenomethionine 'Named protein modification' 
2 MSE A 48 ? . . . . MSE A 48 ? 1_555 . . . . . . . MET 1 MSE Selenomethionine 'Named protein modification' 
3 MSE A 84 ? . . . . MSE A 84 ? 1_555 . . . . . . . MET 1 MSE Selenomethionine 'Named protein modification' 
4 MSE B 46 ? . . . . MSE B 46 ? 1_555 . . . . . . . MET 1 MSE Selenomethionine 'Named protein modification' 
5 MSE B 48 ? . . . . MSE B 48 ? 1_555 . . . . . . . MET 1 MSE Selenomethionine 'Named protein modification' 
6 MSE B 84 ? . . . . MSE B 84 ? 1_555 . . . . . . . MET 1 MSE Selenomethionine 'Named protein modification' 
# 
loop_
_struct_sheet.id 
_struct_sheet.type 
_struct_sheet.number_strands 
_struct_sheet.details 
A ? 6 ? 
B ? 6 ? 
# 
loop_
_struct_sheet_order.sheet_id 
_struct_sheet_order.range_id_1 
_struct_sheet_order.range_id_2 
_struct_sheet_order.offset 
_struct_sheet_order.sense 
A 1 2 ? anti-parallel 
A 2 3 ? anti-parallel 
A 3 4 ? parallel      
A 4 5 ? anti-parallel 
A 5 6 ? anti-parallel 
B 1 2 ? anti-parallel 
B 2 3 ? anti-parallel 
B 3 4 ? parallel      
B 4 5 ? anti-parallel 
B 5 6 ? anti-parallel 
# 
loop_
_struct_sheet_range.sheet_id 
_struct_sheet_range.id 
_struct_sheet_range.beg_label_comp_id 
_struct_sheet_range.beg_label_asym_id 
_struct_sheet_range.beg_label_seq_id 
_struct_sheet_range.pdbx_beg_PDB_ins_code 
_struct_sheet_range.end_label_comp_id 
_struct_sheet_range.end_label_asym_id 
_struct_sheet_range.end_label_seq_id 
_struct_sheet_range.pdbx_end_PDB_ins_code 
_struct_sheet_range.beg_auth_comp_id 
_struct_sheet_range.beg_auth_asym_id 
_struct_sheet_range.beg_auth_seq_id 
_struct_sheet_range.end_auth_comp_id 
_struct_sheet_range.end_auth_asym_id 
_struct_sheet_range.end_auth_seq_id 
A 1 VAL A 14 ? LYS A 22 ? VAL A 14 LYS A 22 
A 2 ALA A 25 ? LEU A 30 ? ALA A 25 LEU A 30 
A 3 GLU A 37 ? LEU A 40 ? GLU A 37 LEU A 40 
A 4 TYR A 76 ? MSE A 84 ? TYR A 76 MSE A 84 
A 5 THR A 62 ? ASP A 71 ? THR A 62 ASP A 71 
A 6 VAL A 14 ? LYS A 22 ? VAL A 14 LYS A 22 
B 1 VAL B 14 ? LYS B 22 ? VAL B 14 LYS B 22 
B 2 ALA B 25 ? LEU B 30 ? ALA B 25 LEU B 30 
B 3 GLU B 37 ? LEU B 40 ? GLU B 37 LEU B 40 
B 4 TYR B 76 ? MSE B 84 ? TYR B 76 MSE B 84 
B 5 THR B 62 ? ASP B 71 ? THR B 62 ASP B 71 
B 6 VAL B 14 ? LYS B 22 ? VAL B 14 LYS B 22 
# 
loop_
_pdbx_struct_sheet_hbond.sheet_id 
_pdbx_struct_sheet_hbond.range_id_1 
_pdbx_struct_sheet_hbond.range_id_2 
_pdbx_struct_sheet_hbond.range_1_label_atom_id 
_pdbx_struct_sheet_hbond.range_1_label_comp_id 
_pdbx_struct_sheet_hbond.range_1_label_asym_id 
_pdbx_struct_sheet_hbond.range_1_label_seq_id 
_pdbx_struct_sheet_hbond.range_1_PDB_ins_code 
_pdbx_struct_sheet_hbond.range_1_auth_atom_id 
_pdbx_struct_sheet_hbond.range_1_auth_comp_id 
_pdbx_struct_sheet_hbond.range_1_auth_asym_id 
_pdbx_struct_sheet_hbond.range_1_auth_seq_id 
_pdbx_struct_sheet_hbond.range_2_label_atom_id 
_pdbx_struct_sheet_hbond.range_2_label_comp_id 
_pdbx_struct_sheet_hbond.range_2_label_asym_id 
_pdbx_struct_sheet_hbond.range_2_label_seq_id 
_pdbx_struct_sheet_hbond.range_2_PDB_ins_code 
_pdbx_struct_sheet_hbond.range_2_auth_atom_id 
_pdbx_struct_sheet_hbond.range_2_auth_comp_id 
_pdbx_struct_sheet_hbond.range_2_auth_asym_id 
_pdbx_struct_sheet_hbond.range_2_auth_seq_id 
A 1 2 N TYR A 20 ? N TYR A 20 O TYR A 27 ? O TYR A 27 
A 2 3 N ILE A 28 ? N ILE A 28 O ALA A 38 ? O ALA A 38 
A 3 4 N ILE A 39 ? N ILE A 39 O VAL A 79 ? O VAL A 79 
A 4 5 O TYR A 76 ? O TYR A 76 N ASP A 71 ? N ASP A 71 
A 5 6 O VAL A 65 ? O VAL A 65 N ILE A 15 ? N ILE A 15 
B 1 2 N TYR B 20 ? N TYR B 20 O TYR B 27 ? O TYR B 27 
B 2 3 N ILE B 28 ? N ILE B 28 O ALA B 38 ? O ALA B 38 
B 3 4 N ILE B 39 ? N ILE B 39 O VAL B 79 ? O VAL B 79 
B 4 5 O TYR B 76 ? O TYR B 76 N ASP B 71 ? N ASP B 71 
B 5 6 O VAL B 65 ? O VAL B 65 N ILE B 15 ? N ILE B 15 
# 
_pdbx_entry_details.entry_id                   1LUZ 
_pdbx_entry_details.compound_details           ? 
_pdbx_entry_details.source_details             ? 
_pdbx_entry_details.nonpolymer_details         ? 
_pdbx_entry_details.sequence_details           ? 
_pdbx_entry_details.has_ligand_of_interest     ? 
_pdbx_entry_details.has_protein_modification   Y 
# 
_pdbx_validate_symm_contact.id                1 
_pdbx_validate_symm_contact.PDB_model_num     1 
_pdbx_validate_symm_contact.auth_atom_id_1    O 
_pdbx_validate_symm_contact.auth_asym_id_1    B 
_pdbx_validate_symm_contact.auth_comp_id_1    HOH 
_pdbx_validate_symm_contact.auth_seq_id_1     120 
_pdbx_validate_symm_contact.PDB_ins_code_1    ? 
_pdbx_validate_symm_contact.label_alt_id_1    ? 
_pdbx_validate_symm_contact.site_symmetry_1   1_555 
_pdbx_validate_symm_contact.auth_atom_id_2    O 
_pdbx_validate_symm_contact.auth_asym_id_2    B 
_pdbx_validate_symm_contact.auth_comp_id_2    HOH 
_pdbx_validate_symm_contact.auth_seq_id_2     120 
_pdbx_validate_symm_contact.PDB_ins_code_2    ? 
_pdbx_validate_symm_contact.label_alt_id_2    ? 
_pdbx_validate_symm_contact.site_symmetry_2   2_555 
_pdbx_validate_symm_contact.dist              2.14 
# 
loop_
_pdbx_validate_torsion.id 
_pdbx_validate_torsion.PDB_model_num 
_pdbx_validate_torsion.auth_comp_id 
_pdbx_validate_torsion.auth_asym_id 
_pdbx_validate_torsion.auth_seq_id 
_pdbx_validate_torsion.PDB_ins_code 
_pdbx_validate_torsion.label_alt_id 
_pdbx_validate_torsion.phi 
_pdbx_validate_torsion.psi 
1 1 TYR A 6 ? ? 131.98 163.10 
2 1 SER B 7 ? ? -43.40 152.14 
# 
loop_
_pdbx_struct_mod_residue.id 
_pdbx_struct_mod_residue.label_asym_id 
_pdbx_struct_mod_residue.label_comp_id 
_pdbx_struct_mod_residue.label_seq_id 
_pdbx_struct_mod_residue.auth_asym_id 
_pdbx_struct_mod_residue.auth_comp_id 
_pdbx_struct_mod_residue.auth_seq_id 
_pdbx_struct_mod_residue.PDB_ins_code 
_pdbx_struct_mod_residue.parent_comp_id 
_pdbx_struct_mod_residue.details 
1 A MSE 46 A MSE 46 ? MET SELENOMETHIONINE 
2 A MSE 48 A MSE 48 ? MET SELENOMETHIONINE 
3 A MSE 84 A MSE 84 ? MET SELENOMETHIONINE 
4 B MSE 46 B MSE 46 ? MET SELENOMETHIONINE 
5 B MSE 48 B MSE 48 ? MET SELENOMETHIONINE 
6 B MSE 84 B MSE 84 ? MET SELENOMETHIONINE 
# 
loop_
_pdbx_unobs_or_zero_occ_residues.id 
_pdbx_unobs_or_zero_occ_residues.PDB_model_num 
_pdbx_unobs_or_zero_occ_residues.polymer_flag 
_pdbx_unobs_or_zero_occ_residues.occupancy_flag 
_pdbx_unobs_or_zero_occ_residues.auth_asym_id 
_pdbx_unobs_or_zero_occ_residues.auth_comp_id 
_pdbx_unobs_or_zero_occ_residues.auth_seq_id 
_pdbx_unobs_or_zero_occ_residues.PDB_ins_code 
_pdbx_unobs_or_zero_occ_residues.label_asym_id 
_pdbx_unobs_or_zero_occ_residues.label_comp_id 
_pdbx_unobs_or_zero_occ_residues.label_seq_id 
1 1 Y 1 A MET 1 ? A MET 1 
2 1 Y 1 A LEU 2 ? A LEU 2 
3 1 Y 1 A ALA 3 ? A ALA 3 
4 1 Y 1 B MET 1 ? B MET 1 
5 1 Y 1 B LEU 2 ? B LEU 2 
6 1 Y 1 B ALA 3 ? B ALA 3 
7 1 Y 1 B PHE 4 ? B PHE 4 
8 1 Y 1 B CYS 5 ? B CYS 5 
# 
loop_
_chem_comp_atom.comp_id 
_chem_comp_atom.atom_id 
_chem_comp_atom.type_symbol 
_chem_comp_atom.pdbx_aromatic_flag 
_chem_comp_atom.pdbx_stereo_config 
_chem_comp_atom.pdbx_ordinal 
ALA N    N  N N 1   
ALA CA   C  N S 2   
ALA C    C  N N 3   
ALA O    O  N N 4   
ALA CB   C  N N 5   
ALA OXT  O  N N 6   
ALA H    H  N N 7   
ALA H2   H  N N 8   
ALA HA   H  N N 9   
ALA HB1  H  N N 10  
ALA HB2  H  N N 11  
ALA HB3  H  N N 12  
ALA HXT  H  N N 13  
ARG N    N  N N 14  
ARG CA   C  N S 15  
ARG C    C  N N 16  
ARG O    O  N N 17  
ARG CB   C  N N 18  
ARG CG   C  N N 19  
ARG CD   C  N N 20  
ARG NE   N  N N 21  
ARG CZ   C  N N 22  
ARG NH1  N  N N 23  
ARG NH2  N  N N 24  
ARG OXT  O  N N 25  
ARG H    H  N N 26  
ARG H2   H  N N 27  
ARG HA   H  N N 28  
ARG HB2  H  N N 29  
ARG HB3  H  N N 30  
ARG HG2  H  N N 31  
ARG HG3  H  N N 32  
ARG HD2  H  N N 33  
ARG HD3  H  N N 34  
ARG HE   H  N N 35  
ARG HH11 H  N N 36  
ARG HH12 H  N N 37  
ARG HH21 H  N N 38  
ARG HH22 H  N N 39  
ARG HXT  H  N N 40  
ASN N    N  N N 41  
ASN CA   C  N S 42  
ASN C    C  N N 43  
ASN O    O  N N 44  
ASN CB   C  N N 45  
ASN CG   C  N N 46  
ASN OD1  O  N N 47  
ASN ND2  N  N N 48  
ASN OXT  O  N N 49  
ASN H    H  N N 50  
ASN H2   H  N N 51  
ASN HA   H  N N 52  
ASN HB2  H  N N 53  
ASN HB3  H  N N 54  
ASN HD21 H  N N 55  
ASN HD22 H  N N 56  
ASN HXT  H  N N 57  
ASP N    N  N N 58  
ASP CA   C  N S 59  
ASP C    C  N N 60  
ASP O    O  N N 61  
ASP CB   C  N N 62  
ASP CG   C  N N 63  
ASP OD1  O  N N 64  
ASP OD2  O  N N 65  
ASP OXT  O  N N 66  
ASP H    H  N N 67  
ASP H2   H  N N 68  
ASP HA   H  N N 69  
ASP HB2  H  N N 70  
ASP HB3  H  N N 71  
ASP HD2  H  N N 72  
ASP HXT  H  N N 73  
CYS N    N  N N 74  
CYS CA   C  N R 75  
CYS C    C  N N 76  
CYS O    O  N N 77  
CYS CB   C  N N 78  
CYS SG   S  N N 79  
CYS OXT  O  N N 80  
CYS H    H  N N 81  
CYS H2   H  N N 82  
CYS HA   H  N N 83  
CYS HB2  H  N N 84  
CYS HB3  H  N N 85  
CYS HG   H  N N 86  
CYS HXT  H  N N 87  
GLN N    N  N N 88  
GLN CA   C  N S 89  
GLN C    C  N N 90  
GLN O    O  N N 91  
GLN CB   C  N N 92  
GLN CG   C  N N 93  
GLN CD   C  N N 94  
GLN OE1  O  N N 95  
GLN NE2  N  N N 96  
GLN OXT  O  N N 97  
GLN H    H  N N 98  
GLN H2   H  N N 99  
GLN HA   H  N N 100 
GLN HB2  H  N N 101 
GLN HB3  H  N N 102 
GLN HG2  H  N N 103 
GLN HG3  H  N N 104 
GLN HE21 H  N N 105 
GLN HE22 H  N N 106 
GLN HXT  H  N N 107 
GLU N    N  N N 108 
GLU CA   C  N S 109 
GLU C    C  N N 110 
GLU O    O  N N 111 
GLU CB   C  N N 112 
GLU CG   C  N N 113 
GLU CD   C  N N 114 
GLU OE1  O  N N 115 
GLU OE2  O  N N 116 
GLU OXT  O  N N 117 
GLU H    H  N N 118 
GLU H2   H  N N 119 
GLU HA   H  N N 120 
GLU HB2  H  N N 121 
GLU HB3  H  N N 122 
GLU HG2  H  N N 123 
GLU HG3  H  N N 124 
GLU HE2  H  N N 125 
GLU HXT  H  N N 126 
GLY N    N  N N 127 
GLY CA   C  N N 128 
GLY C    C  N N 129 
GLY O    O  N N 130 
GLY OXT  O  N N 131 
GLY H    H  N N 132 
GLY H2   H  N N 133 
GLY HA2  H  N N 134 
GLY HA3  H  N N 135 
GLY HXT  H  N N 136 
HIS N    N  N N 137 
HIS CA   C  N S 138 
HIS C    C  N N 139 
HIS O    O  N N 140 
HIS CB   C  N N 141 
HIS CG   C  Y N 142 
HIS ND1  N  Y N 143 
HIS CD2  C  Y N 144 
HIS CE1  C  Y N 145 
HIS NE2  N  Y N 146 
HIS OXT  O  N N 147 
HIS H    H  N N 148 
HIS H2   H  N N 149 
HIS HA   H  N N 150 
HIS HB2  H  N N 151 
HIS HB3  H  N N 152 
HIS HD1  H  N N 153 
HIS HD2  H  N N 154 
HIS HE1  H  N N 155 
HIS HE2  H  N N 156 
HIS HXT  H  N N 157 
HOH O    O  N N 158 
HOH H1   H  N N 159 
HOH H2   H  N N 160 
ILE N    N  N N 161 
ILE CA   C  N S 162 
ILE C    C  N N 163 
ILE O    O  N N 164 
ILE CB   C  N S 165 
ILE CG1  C  N N 166 
ILE CG2  C  N N 167 
ILE CD1  C  N N 168 
ILE OXT  O  N N 169 
ILE H    H  N N 170 
ILE H2   H  N N 171 
ILE HA   H  N N 172 
ILE HB   H  N N 173 
ILE HG12 H  N N 174 
ILE HG13 H  N N 175 
ILE HG21 H  N N 176 
ILE HG22 H  N N 177 
ILE HG23 H  N N 178 
ILE HD11 H  N N 179 
ILE HD12 H  N N 180 
ILE HD13 H  N N 181 
ILE HXT  H  N N 182 
LEU N    N  N N 183 
LEU CA   C  N S 184 
LEU C    C  N N 185 
LEU O    O  N N 186 
LEU CB   C  N N 187 
LEU CG   C  N N 188 
LEU CD1  C  N N 189 
LEU CD2  C  N N 190 
LEU OXT  O  N N 191 
LEU H    H  N N 192 
LEU H2   H  N N 193 
LEU HA   H  N N 194 
LEU HB2  H  N N 195 
LEU HB3  H  N N 196 
LEU HG   H  N N 197 
LEU HD11 H  N N 198 
LEU HD12 H  N N 199 
LEU HD13 H  N N 200 
LEU HD21 H  N N 201 
LEU HD22 H  N N 202 
LEU HD23 H  N N 203 
LEU HXT  H  N N 204 
LYS N    N  N N 205 
LYS CA   C  N S 206 
LYS C    C  N N 207 
LYS O    O  N N 208 
LYS CB   C  N N 209 
LYS CG   C  N N 210 
LYS CD   C  N N 211 
LYS CE   C  N N 212 
LYS NZ   N  N N 213 
LYS OXT  O  N N 214 
LYS H    H  N N 215 
LYS H2   H  N N 216 
LYS HA   H  N N 217 
LYS HB2  H  N N 218 
LYS HB3  H  N N 219 
LYS HG2  H  N N 220 
LYS HG3  H  N N 221 
LYS HD2  H  N N 222 
LYS HD3  H  N N 223 
LYS HE2  H  N N 224 
LYS HE3  H  N N 225 
LYS HZ1  H  N N 226 
LYS HZ2  H  N N 227 
LYS HZ3  H  N N 228 
LYS HXT  H  N N 229 
MET N    N  N N 230 
MET CA   C  N S 231 
MET C    C  N N 232 
MET O    O  N N 233 
MET CB   C  N N 234 
MET CG   C  N N 235 
MET SD   S  N N 236 
MET CE   C  N N 237 
MET OXT  O  N N 238 
MET H    H  N N 239 
MET H2   H  N N 240 
MET HA   H  N N 241 
MET HB2  H  N N 242 
MET HB3  H  N N 243 
MET HG2  H  N N 244 
MET HG3  H  N N 245 
MET HE1  H  N N 246 
MET HE2  H  N N 247 
MET HE3  H  N N 248 
MET HXT  H  N N 249 
MSE N    N  N N 250 
MSE CA   C  N S 251 
MSE C    C  N N 252 
MSE O    O  N N 253 
MSE OXT  O  N N 254 
MSE CB   C  N N 255 
MSE CG   C  N N 256 
MSE SE   SE N N 257 
MSE CE   C  N N 258 
MSE H    H  N N 259 
MSE H2   H  N N 260 
MSE HA   H  N N 261 
MSE HXT  H  N N 262 
MSE HB2  H  N N 263 
MSE HB3  H  N N 264 
MSE HG2  H  N N 265 
MSE HG3  H  N N 266 
MSE HE1  H  N N 267 
MSE HE2  H  N N 268 
MSE HE3  H  N N 269 
PHE N    N  N N 270 
PHE CA   C  N S 271 
PHE C    C  N N 272 
PHE O    O  N N 273 
PHE CB   C  N N 274 
PHE CG   C  Y N 275 
PHE CD1  C  Y N 276 
PHE CD2  C  Y N 277 
PHE CE1  C  Y N 278 
PHE CE2  C  Y N 279 
PHE CZ   C  Y N 280 
PHE OXT  O  N N 281 
PHE H    H  N N 282 
PHE H2   H  N N 283 
PHE HA   H  N N 284 
PHE HB2  H  N N 285 
PHE HB3  H  N N 286 
PHE HD1  H  N N 287 
PHE HD2  H  N N 288 
PHE HE1  H  N N 289 
PHE HE2  H  N N 290 
PHE HZ   H  N N 291 
PHE HXT  H  N N 292 
PRO N    N  N N 293 
PRO CA   C  N S 294 
PRO C    C  N N 295 
PRO O    O  N N 296 
PRO CB   C  N N 297 
PRO CG   C  N N 298 
PRO CD   C  N N 299 
PRO OXT  O  N N 300 
PRO H    H  N N 301 
PRO HA   H  N N 302 
PRO HB2  H  N N 303 
PRO HB3  H  N N 304 
PRO HG2  H  N N 305 
PRO HG3  H  N N 306 
PRO HD2  H  N N 307 
PRO HD3  H  N N 308 
PRO HXT  H  N N 309 
SER N    N  N N 310 
SER CA   C  N S 311 
SER C    C  N N 312 
SER O    O  N N 313 
SER CB   C  N N 314 
SER OG   O  N N 315 
SER OXT  O  N N 316 
SER H    H  N N 317 
SER H2   H  N N 318 
SER HA   H  N N 319 
SER HB2  H  N N 320 
SER HB3  H  N N 321 
SER HG   H  N N 322 
SER HXT  H  N N 323 
THR N    N  N N 324 
THR CA   C  N S 325 
THR C    C  N N 326 
THR O    O  N N 327 
THR CB   C  N R 328 
THR OG1  O  N N 329 
THR CG2  C  N N 330 
THR OXT  O  N N 331 
THR H    H  N N 332 
THR H2   H  N N 333 
THR HA   H  N N 334 
THR HB   H  N N 335 
THR HG1  H  N N 336 
THR HG21 H  N N 337 
THR HG22 H  N N 338 
THR HG23 H  N N 339 
THR HXT  H  N N 340 
TYR N    N  N N 341 
TYR CA   C  N S 342 
TYR C    C  N N 343 
TYR O    O  N N 344 
TYR CB   C  N N 345 
TYR CG   C  Y N 346 
TYR CD1  C  Y N 347 
TYR CD2  C  Y N 348 
TYR CE1  C  Y N 349 
TYR CE2  C  Y N 350 
TYR CZ   C  Y N 351 
TYR OH   O  N N 352 
TYR OXT  O  N N 353 
TYR H    H  N N 354 
TYR H2   H  N N 355 
TYR HA   H  N N 356 
TYR HB2  H  N N 357 
TYR HB3  H  N N 358 
TYR HD1  H  N N 359 
TYR HD2  H  N N 360 
TYR HE1  H  N N 361 
TYR HE2  H  N N 362 
TYR HH   H  N N 363 
TYR HXT  H  N N 364 
VAL N    N  N N 365 
VAL CA   C  N S 366 
VAL C    C  N N 367 
VAL O    O  N N 368 
VAL CB   C  N N 369 
VAL CG1  C  N N 370 
VAL CG2  C  N N 371 
VAL OXT  O  N N 372 
VAL H    H  N N 373 
VAL H2   H  N N 374 
VAL HA   H  N N 375 
VAL HB   H  N N 376 
VAL HG11 H  N N 377 
VAL HG12 H  N N 378 
VAL HG13 H  N N 379 
VAL HG21 H  N N 380 
VAL HG22 H  N N 381 
VAL HG23 H  N N 382 
VAL HXT  H  N N 383 
# 
loop_
_chem_comp_bond.comp_id 
_chem_comp_bond.atom_id_1 
_chem_comp_bond.atom_id_2 
_chem_comp_bond.value_order 
_chem_comp_bond.pdbx_aromatic_flag 
_chem_comp_bond.pdbx_stereo_config 
_chem_comp_bond.pdbx_ordinal 
ALA N   CA   sing N N 1   
ALA N   H    sing N N 2   
ALA N   H2   sing N N 3   
ALA CA  C    sing N N 4   
ALA CA  CB   sing N N 5   
ALA CA  HA   sing N N 6   
ALA C   O    doub N N 7   
ALA C   OXT  sing N N 8   
ALA CB  HB1  sing N N 9   
ALA CB  HB2  sing N N 10  
ALA CB  HB3  sing N N 11  
ALA OXT HXT  sing N N 12  
ARG N   CA   sing N N 13  
ARG N   H    sing N N 14  
ARG N   H2   sing N N 15  
ARG CA  C    sing N N 16  
ARG CA  CB   sing N N 17  
ARG CA  HA   sing N N 18  
ARG C   O    doub N N 19  
ARG C   OXT  sing N N 20  
ARG CB  CG   sing N N 21  
ARG CB  HB2  sing N N 22  
ARG CB  HB3  sing N N 23  
ARG CG  CD   sing N N 24  
ARG CG  HG2  sing N N 25  
ARG CG  HG3  sing N N 26  
ARG CD  NE   sing N N 27  
ARG CD  HD2  sing N N 28  
ARG CD  HD3  sing N N 29  
ARG NE  CZ   sing N N 30  
ARG NE  HE   sing N N 31  
ARG CZ  NH1  sing N N 32  
ARG CZ  NH2  doub N N 33  
ARG NH1 HH11 sing N N 34  
ARG NH1 HH12 sing N N 35  
ARG NH2 HH21 sing N N 36  
ARG NH2 HH22 sing N N 37  
ARG OXT HXT  sing N N 38  
ASN N   CA   sing N N 39  
ASN N   H    sing N N 40  
ASN N   H2   sing N N 41  
ASN CA  C    sing N N 42  
ASN CA  CB   sing N N 43  
ASN CA  HA   sing N N 44  
ASN C   O    doub N N 45  
ASN C   OXT  sing N N 46  
ASN CB  CG   sing N N 47  
ASN CB  HB2  sing N N 48  
ASN CB  HB3  sing N N 49  
ASN CG  OD1  doub N N 50  
ASN CG  ND2  sing N N 51  
ASN ND2 HD21 sing N N 52  
ASN ND2 HD22 sing N N 53  
ASN OXT HXT  sing N N 54  
ASP N   CA   sing N N 55  
ASP N   H    sing N N 56  
ASP N   H2   sing N N 57  
ASP CA  C    sing N N 58  
ASP CA  CB   sing N N 59  
ASP CA  HA   sing N N 60  
ASP C   O    doub N N 61  
ASP C   OXT  sing N N 62  
ASP CB  CG   sing N N 63  
ASP CB  HB2  sing N N 64  
ASP CB  HB3  sing N N 65  
ASP CG  OD1  doub N N 66  
ASP CG  OD2  sing N N 67  
ASP OD2 HD2  sing N N 68  
ASP OXT HXT  sing N N 69  
CYS N   CA   sing N N 70  
CYS N   H    sing N N 71  
CYS N   H2   sing N N 72  
CYS CA  C    sing N N 73  
CYS CA  CB   sing N N 74  
CYS CA  HA   sing N N 75  
CYS C   O    doub N N 76  
CYS C   OXT  sing N N 77  
CYS CB  SG   sing N N 78  
CYS CB  HB2  sing N N 79  
CYS CB  HB3  sing N N 80  
CYS SG  HG   sing N N 81  
CYS OXT HXT  sing N N 82  
GLN N   CA   sing N N 83  
GLN N   H    sing N N 84  
GLN N   H2   sing N N 85  
GLN CA  C    sing N N 86  
GLN CA  CB   sing N N 87  
GLN CA  HA   sing N N 88  
GLN C   O    doub N N 89  
GLN C   OXT  sing N N 90  
GLN CB  CG   sing N N 91  
GLN CB  HB2  sing N N 92  
GLN CB  HB3  sing N N 93  
GLN CG  CD   sing N N 94  
GLN CG  HG2  sing N N 95  
GLN CG  HG3  sing N N 96  
GLN CD  OE1  doub N N 97  
GLN CD  NE2  sing N N 98  
GLN NE2 HE21 sing N N 99  
GLN NE2 HE22 sing N N 100 
GLN OXT HXT  sing N N 101 
GLU N   CA   sing N N 102 
GLU N   H    sing N N 103 
GLU N   H2   sing N N 104 
GLU CA  C    sing N N 105 
GLU CA  CB   sing N N 106 
GLU CA  HA   sing N N 107 
GLU C   O    doub N N 108 
GLU C   OXT  sing N N 109 
GLU CB  CG   sing N N 110 
GLU CB  HB2  sing N N 111 
GLU CB  HB3  sing N N 112 
GLU CG  CD   sing N N 113 
GLU CG  HG2  sing N N 114 
GLU CG  HG3  sing N N 115 
GLU CD  OE1  doub N N 116 
GLU CD  OE2  sing N N 117 
GLU OE2 HE2  sing N N 118 
GLU OXT HXT  sing N N 119 
GLY N   CA   sing N N 120 
GLY N   H    sing N N 121 
GLY N   H2   sing N N 122 
GLY CA  C    sing N N 123 
GLY CA  HA2  sing N N 124 
GLY CA  HA3  sing N N 125 
GLY C   O    doub N N 126 
GLY C   OXT  sing N N 127 
GLY OXT HXT  sing N N 128 
HIS N   CA   sing N N 129 
HIS N   H    sing N N 130 
HIS N   H2   sing N N 131 
HIS CA  C    sing N N 132 
HIS CA  CB   sing N N 133 
HIS CA  HA   sing N N 134 
HIS C   O    doub N N 135 
HIS C   OXT  sing N N 136 
HIS CB  CG   sing N N 137 
HIS CB  HB2  sing N N 138 
HIS CB  HB3  sing N N 139 
HIS CG  ND1  sing Y N 140 
HIS CG  CD2  doub Y N 141 
HIS ND1 CE1  doub Y N 142 
HIS ND1 HD1  sing N N 143 
HIS CD2 NE2  sing Y N 144 
HIS CD2 HD2  sing N N 145 
HIS CE1 NE2  sing Y N 146 
HIS CE1 HE1  sing N N 147 
HIS NE2 HE2  sing N N 148 
HIS OXT HXT  sing N N 149 
HOH O   H1   sing N N 150 
HOH O   H2   sing N N 151 
ILE N   CA   sing N N 152 
ILE N   H    sing N N 153 
ILE N   H2   sing N N 154 
ILE CA  C    sing N N 155 
ILE CA  CB   sing N N 156 
ILE CA  HA   sing N N 157 
ILE C   O    doub N N 158 
ILE C   OXT  sing N N 159 
ILE CB  CG1  sing N N 160 
ILE CB  CG2  sing N N 161 
ILE CB  HB   sing N N 162 
ILE CG1 CD1  sing N N 163 
ILE CG1 HG12 sing N N 164 
ILE CG1 HG13 sing N N 165 
ILE CG2 HG21 sing N N 166 
ILE CG2 HG22 sing N N 167 
ILE CG2 HG23 sing N N 168 
ILE CD1 HD11 sing N N 169 
ILE CD1 HD12 sing N N 170 
ILE CD1 HD13 sing N N 171 
ILE OXT HXT  sing N N 172 
LEU N   CA   sing N N 173 
LEU N   H    sing N N 174 
LEU N   H2   sing N N 175 
LEU CA  C    sing N N 176 
LEU CA  CB   sing N N 177 
LEU CA  HA   sing N N 178 
LEU C   O    doub N N 179 
LEU C   OXT  sing N N 180 
LEU CB  CG   sing N N 181 
LEU CB  HB2  sing N N 182 
LEU CB  HB3  sing N N 183 
LEU CG  CD1  sing N N 184 
LEU CG  CD2  sing N N 185 
LEU CG  HG   sing N N 186 
LEU CD1 HD11 sing N N 187 
LEU CD1 HD12 sing N N 188 
LEU CD1 HD13 sing N N 189 
LEU CD2 HD21 sing N N 190 
LEU CD2 HD22 sing N N 191 
LEU CD2 HD23 sing N N 192 
LEU OXT HXT  sing N N 193 
LYS N   CA   sing N N 194 
LYS N   H    sing N N 195 
LYS N   H2   sing N N 196 
LYS CA  C    sing N N 197 
LYS CA  CB   sing N N 198 
LYS CA  HA   sing N N 199 
LYS C   O    doub N N 200 
LYS C   OXT  sing N N 201 
LYS CB  CG   sing N N 202 
LYS CB  HB2  sing N N 203 
LYS CB  HB3  sing N N 204 
LYS CG  CD   sing N N 205 
LYS CG  HG2  sing N N 206 
LYS CG  HG3  sing N N 207 
LYS CD  CE   sing N N 208 
LYS CD  HD2  sing N N 209 
LYS CD  HD3  sing N N 210 
LYS CE  NZ   sing N N 211 
LYS CE  HE2  sing N N 212 
LYS CE  HE3  sing N N 213 
LYS NZ  HZ1  sing N N 214 
LYS NZ  HZ2  sing N N 215 
LYS NZ  HZ3  sing N N 216 
LYS OXT HXT  sing N N 217 
MET N   CA   sing N N 218 
MET N   H    sing N N 219 
MET N   H2   sing N N 220 
MET CA  C    sing N N 221 
MET CA  CB   sing N N 222 
MET CA  HA   sing N N 223 
MET C   O    doub N N 224 
MET C   OXT  sing N N 225 
MET CB  CG   sing N N 226 
MET CB  HB2  sing N N 227 
MET CB  HB3  sing N N 228 
MET CG  SD   sing N N 229 
MET CG  HG2  sing N N 230 
MET CG  HG3  sing N N 231 
MET SD  CE   sing N N 232 
MET CE  HE1  sing N N 233 
MET CE  HE2  sing N N 234 
MET CE  HE3  sing N N 235 
MET OXT HXT  sing N N 236 
MSE N   CA   sing N N 237 
MSE N   H    sing N N 238 
MSE N   H2   sing N N 239 
MSE CA  C    sing N N 240 
MSE CA  CB   sing N N 241 
MSE CA  HA   sing N N 242 
MSE C   O    doub N N 243 
MSE C   OXT  sing N N 244 
MSE OXT HXT  sing N N 245 
MSE CB  CG   sing N N 246 
MSE CB  HB2  sing N N 247 
MSE CB  HB3  sing N N 248 
MSE CG  SE   sing N N 249 
MSE CG  HG2  sing N N 250 
MSE CG  HG3  sing N N 251 
MSE SE  CE   sing N N 252 
MSE CE  HE1  sing N N 253 
MSE CE  HE2  sing N N 254 
MSE CE  HE3  sing N N 255 
PHE N   CA   sing N N 256 
PHE N   H    sing N N 257 
PHE N   H2   sing N N 258 
PHE CA  C    sing N N 259 
PHE CA  CB   sing N N 260 
PHE CA  HA   sing N N 261 
PHE C   O    doub N N 262 
PHE C   OXT  sing N N 263 
PHE CB  CG   sing N N 264 
PHE CB  HB2  sing N N 265 
PHE CB  HB3  sing N N 266 
PHE CG  CD1  doub Y N 267 
PHE CG  CD2  sing Y N 268 
PHE CD1 CE1  sing Y N 269 
PHE CD1 HD1  sing N N 270 
PHE CD2 CE2  doub Y N 271 
PHE CD2 HD2  sing N N 272 
PHE CE1 CZ   doub Y N 273 
PHE CE1 HE1  sing N N 274 
PHE CE2 CZ   sing Y N 275 
PHE CE2 HE2  sing N N 276 
PHE CZ  HZ   sing N N 277 
PHE OXT HXT  sing N N 278 
PRO N   CA   sing N N 279 
PRO N   CD   sing N N 280 
PRO N   H    sing N N 281 
PRO CA  C    sing N N 282 
PRO CA  CB   sing N N 283 
PRO CA  HA   sing N N 284 
PRO C   O    doub N N 285 
PRO C   OXT  sing N N 286 
PRO CB  CG   sing N N 287 
PRO CB  HB2  sing N N 288 
PRO CB  HB3  sing N N 289 
PRO CG  CD   sing N N 290 
PRO CG  HG2  sing N N 291 
PRO CG  HG3  sing N N 292 
PRO CD  HD2  sing N N 293 
PRO CD  HD3  sing N N 294 
PRO OXT HXT  sing N N 295 
SER N   CA   sing N N 296 
SER N   H    sing N N 297 
SER N   H2   sing N N 298 
SER CA  C    sing N N 299 
SER CA  CB   sing N N 300 
SER CA  HA   sing N N 301 
SER C   O    doub N N 302 
SER C   OXT  sing N N 303 
SER CB  OG   sing N N 304 
SER CB  HB2  sing N N 305 
SER CB  HB3  sing N N 306 
SER OG  HG   sing N N 307 
SER OXT HXT  sing N N 308 
THR N   CA   sing N N 309 
THR N   H    sing N N 310 
THR N   H2   sing N N 311 
THR CA  C    sing N N 312 
THR CA  CB   sing N N 313 
THR CA  HA   sing N N 314 
THR C   O    doub N N 315 
THR C   OXT  sing N N 316 
THR CB  OG1  sing N N 317 
THR CB  CG2  sing N N 318 
THR CB  HB   sing N N 319 
THR OG1 HG1  sing N N 320 
THR CG2 HG21 sing N N 321 
THR CG2 HG22 sing N N 322 
THR CG2 HG23 sing N N 323 
THR OXT HXT  sing N N 324 
TYR N   CA   sing N N 325 
TYR N   H    sing N N 326 
TYR N   H2   sing N N 327 
TYR CA  C    sing N N 328 
TYR CA  CB   sing N N 329 
TYR CA  HA   sing N N 330 
TYR C   O    doub N N 331 
TYR C   OXT  sing N N 332 
TYR CB  CG   sing N N 333 
TYR CB  HB2  sing N N 334 
TYR CB  HB3  sing N N 335 
TYR CG  CD1  doub Y N 336 
TYR CG  CD2  sing Y N 337 
TYR CD1 CE1  sing Y N 338 
TYR CD1 HD1  sing N N 339 
TYR CD2 CE2  doub Y N 340 
TYR CD2 HD2  sing N N 341 
TYR CE1 CZ   doub Y N 342 
TYR CE1 HE1  sing N N 343 
TYR CE2 CZ   sing Y N 344 
TYR CE2 HE2  sing N N 345 
TYR CZ  OH   sing N N 346 
TYR OH  HH   sing N N 347 
TYR OXT HXT  sing N N 348 
VAL N   CA   sing N N 349 
VAL N   H    sing N N 350 
VAL N   H2   sing N N 351 
VAL CA  C    sing N N 352 
VAL CA  CB   sing N N 353 
VAL CA  HA   sing N N 354 
VAL C   O    doub N N 355 
VAL C   OXT  sing N N 356 
VAL CB  CG1  sing N N 357 
VAL CB  CG2  sing N N 358 
VAL CB  HB   sing N N 359 
VAL CG1 HG11 sing N N 360 
VAL CG1 HG12 sing N N 361 
VAL CG1 HG13 sing N N 362 
VAL CG2 HG21 sing N N 363 
VAL CG2 HG22 sing N N 364 
VAL CG2 HG23 sing N N 365 
VAL OXT HXT  sing N N 366 
# 
_atom_sites.entry_id                    1LUZ 
_atom_sites.fract_transf_matrix[1][1]   -0.01222658 
_atom_sites.fract_transf_matrix[1][2]   -0.00661853 
_atom_sites.fract_transf_matrix[1][3]   0.00063678 
_atom_sites.fract_transf_matrix[2][1]   -0.00914712 
_atom_sites.fract_transf_matrix[2][2]   0.01613545 
_atom_sites.fract_transf_matrix[2][3]   -0.00792249 
_atom_sites.fract_transf_matrix[3][1]   -0.00026133 
_atom_sites.fract_transf_matrix[3][2]   -0.00760155 
_atom_sites.fract_transf_matrix[3][3]   -0.01518007 
_atom_sites.fract_transf_vector[1]      0.220290 
_atom_sites.fract_transf_vector[2]      0.521545 
_atom_sites.fract_transf_vector[3]      0.256663 
# 
loop_
_atom_type.symbol 
C  
N  
O  
S  
SE 
# 
loop_
_atom_site.group_PDB 
_atom_site.id 
_atom_site.type_symbol 
_atom_site.label_atom_id 
_atom_site.label_alt_id 
_atom_site.label_comp_id 
_atom_site.label_asym_id 
_atom_site.label_entity_id 
_atom_site.label_seq_id 
_atom_site.pdbx_PDB_ins_code 
_atom_site.Cartn_x 
_atom_site.Cartn_y 
_atom_site.Cartn_z 
_atom_site.occupancy 
_atom_site.B_iso_or_equiv 
_atom_site.pdbx_formal_charge 
_atom_site.auth_seq_id 
_atom_site.auth_comp_id 
_atom_site.auth_asym_id 
_atom_site.auth_atom_id 
_atom_site.pdbx_PDB_model_num 
ATOM   1    N  N   . PHE A 1 4  ? 19.224  -4.253  -22.564 1.00 49.34 ? 4   PHE A N   1 
ATOM   2    C  CA  . PHE A 1 4  ? 18.264  -4.240  -21.420 1.00 49.29 ? 4   PHE A CA  1 
ATOM   3    C  C   . PHE A 1 4  ? 18.062  -2.832  -20.849 1.00 49.80 ? 4   PHE A C   1 
ATOM   4    O  O   . PHE A 1 4  ? 18.821  -1.911  -21.154 1.00 50.35 ? 4   PHE A O   1 
ATOM   5    C  CB  . PHE A 1 4  ? 18.759  -5.185  -20.315 1.00 48.26 ? 4   PHE A CB  1 
ATOM   6    C  CG  . PHE A 1 4  ? 17.896  -5.187  -19.091 1.00 46.77 ? 4   PHE A CG  1 
ATOM   7    C  CD1 . PHE A 1 4  ? 16.646  -5.800  -19.098 1.00 46.78 ? 4   PHE A CD1 1 
ATOM   8    C  CD2 . PHE A 1 4  ? 18.309  -4.522  -17.942 1.00 47.16 ? 4   PHE A CD2 1 
ATOM   9    C  CE1 . PHE A 1 4  ? 15.821  -5.746  -17.982 1.00 45.76 ? 4   PHE A CE1 1 
ATOM   10   C  CE2 . PHE A 1 4  ? 17.490  -4.461  -16.819 1.00 46.18 ? 4   PHE A CE2 1 
ATOM   11   C  CZ  . PHE A 1 4  ? 16.244  -5.075  -16.841 1.00 46.26 ? 4   PHE A CZ  1 
ATOM   12   N  N   . CYS A 1 5  ? 17.020  -2.686  -20.030 1.00 49.70 ? 5   CYS A N   1 
ATOM   13   C  CA  . CYS A 1 5  ? 16.657  -1.431  -19.375 1.00 48.75 ? 5   CYS A CA  1 
ATOM   14   C  C   . CYS A 1 5  ? 15.420  -1.748  -18.541 1.00 48.05 ? 5   CYS A C   1 
ATOM   15   O  O   . CYS A 1 5  ? 14.757  -2.754  -18.793 1.00 49.24 ? 5   CYS A O   1 
ATOM   16   C  CB  . CYS A 1 5  ? 16.337  -0.372  -20.408 1.00 49.07 ? 5   CYS A CB  1 
ATOM   17   N  N   . TYR A 1 6  ? 15.127  -0.906  -17.551 1.00 45.94 ? 6   TYR A N   1 
ATOM   18   C  CA  . TYR A 1 6  ? 13.972  -1.078  -16.655 1.00 43.51 ? 6   TYR A CA  1 
ATOM   19   C  C   . TYR A 1 6  ? 14.468  -0.901  -15.223 1.00 41.48 ? 6   TYR A C   1 
ATOM   20   O  O   . TYR A 1 6  ? 15.671  -0.986  -14.966 1.00 41.13 ? 6   TYR A O   1 
ATOM   21   C  CB  . TYR A 1 6  ? 13.352  -2.479  -16.774 1.00 43.75 ? 6   TYR A CB  1 
ATOM   22   C  CG  . TYR A 1 6  ? 11.848  -2.516  -16.594 1.00 44.91 ? 6   TYR A CG  1 
ATOM   23   C  CD1 . TYR A 1 6  ? 11.010  -1.812  -17.462 1.00 44.63 ? 6   TYR A CD1 1 
ATOM   24   C  CD2 . TYR A 1 6  ? 11.260  -3.250  -15.562 1.00 44.94 ? 6   TYR A CD2 1 
ATOM   25   C  CE1 . TYR A 1 6  ? 9.632   -1.834  -17.311 1.00 44.80 ? 6   TYR A CE1 1 
ATOM   26   C  CE2 . TYR A 1 6  ? 9.870   -3.278  -15.402 1.00 44.93 ? 6   TYR A CE2 1 
ATOM   27   C  CZ  . TYR A 1 6  ? 9.066   -2.565  -16.280 1.00 45.41 ? 6   TYR A CZ  1 
ATOM   28   O  OH  . TYR A 1 6  ? 7.698   -2.567  -16.124 1.00 45.69 ? 6   TYR A OH  1 
ATOM   29   N  N   . SER A 1 7  ? 13.543  -0.674  -14.293 1.00 38.54 ? 7   SER A N   1 
ATOM   30   C  CA  . SER A 1 7  ? 13.893  -0.485  -12.891 1.00 35.89 ? 7   SER A CA  1 
ATOM   31   C  C   . SER A 1 7  ? 14.166  -1.821  -12.198 1.00 32.51 ? 7   SER A C   1 
ATOM   32   O  O   . SER A 1 7  ? 13.478  -2.810  -12.453 1.00 32.55 ? 7   SER A O   1 
ATOM   33   C  CB  . SER A 1 7  ? 12.766  0.253   -12.170 1.00 37.78 ? 7   SER A CB  1 
ATOM   34   O  OG  . SER A 1 7  ? 11.543  -0.449  -12.306 1.00 40.25 ? 7   SER A OG  1 
ATOM   35   N  N   . LEU A 1 8  ? 15.164  -1.837  -11.316 1.00 28.14 ? 8   LEU A N   1 
ATOM   36   C  CA  . LEU A 1 8  ? 15.540  -3.053  -10.594 1.00 25.18 ? 8   LEU A CA  1 
ATOM   37   C  C   . LEU A 1 8  ? 15.871  -2.805  -9.127  1.00 22.64 ? 8   LEU A C   1 
ATOM   38   O  O   . LEU A 1 8  ? 16.425  -1.767  -8.772  1.00 23.09 ? 8   LEU A O   1 
ATOM   39   C  CB  . LEU A 1 8  ? 16.773  -3.691  -11.242 1.00 22.05 ? 8   LEU A CB  1 
ATOM   40   C  CG  . LEU A 1 8  ? 16.724  -4.110  -12.711 1.00 20.86 ? 8   LEU A CG  1 
ATOM   41   C  CD1 . LEU A 1 8  ? 18.084  -4.645  -13.119 1.00 18.48 ? 8   LEU A CD1 1 
ATOM   42   C  CD2 . LEU A 1 8  ? 15.661  -5.169  -12.904 1.00 18.36 ? 8   LEU A CD2 1 
ATOM   43   N  N   . PRO A 1 9  ? 15.527  -3.759  -8.250  1.00 20.25 ? 9   PRO A N   1 
ATOM   44   C  CA  . PRO A 1 9  ? 15.843  -3.566  -6.836  1.00 19.98 ? 9   PRO A CA  1 
ATOM   45   C  C   . PRO A 1 9  ? 17.274  -4.060  -6.609  1.00 19.88 ? 9   PRO A C   1 
ATOM   46   O  O   . PRO A 1 9  ? 17.827  -4.783  -7.441  1.00 19.16 ? 9   PRO A O   1 
ATOM   47   C  CB  . PRO A 1 9  ? 14.810  -4.440  -6.133  1.00 19.42 ? 9   PRO A CB  1 
ATOM   48   C  CG  . PRO A 1 9  ? 14.689  -5.596  -7.072  1.00 18.19 ? 9   PRO A CG  1 
ATOM   49   C  CD  . PRO A 1 9  ? 14.649  -4.930  -8.437  1.00 19.61 ? 9   PRO A CD  1 
ATOM   50   N  N   . ASN A 1 10 ? 17.875  -3.660  -5.497  1.00 20.84 ? 10  ASN A N   1 
ATOM   51   C  CA  . ASN A 1 10 ? 19.233  -4.076  -5.182  1.00 21.18 ? 10  ASN A CA  1 
ATOM   52   C  C   . ASN A 1 10 ? 19.206  -5.137  -4.092  1.00 21.17 ? 10  ASN A C   1 
ATOM   53   O  O   . ASN A 1 10 ? 18.334  -5.114  -3.225  1.00 20.88 ? 10  ASN A O   1 
ATOM   54   C  CB  . ASN A 1 10 ? 20.048  -2.871  -4.705  1.00 23.87 ? 10  ASN A CB  1 
ATOM   55   C  CG  . ASN A 1 10 ? 20.124  -1.770  -5.748  1.00 26.92 ? 10  ASN A CG  1 
ATOM   56   O  OD1 . ASN A 1 10 ? 20.717  -1.944  -6.812  1.00 27.23 ? 10  ASN A OD1 1 
ATOM   57   N  ND2 . ASN A 1 10 ? 19.512  -0.629  -5.451  1.00 29.07 ? 10  ASN A ND2 1 
ATOM   58   N  N   . ALA A 1 11 ? 20.145  -6.075  -4.141  1.00 21.71 ? 11  ALA A N   1 
ATOM   59   C  CA  . ALA A 1 11 ? 20.212  -7.117  -3.122  1.00 22.81 ? 11  ALA A CA  1 
ATOM   60   C  C   . ALA A 1 11 ? 20.254  -6.434  -1.756  1.00 24.06 ? 11  ALA A C   1 
ATOM   61   O  O   . ALA A 1 11 ? 21.011  -5.479  -1.554  1.00 26.28 ? 11  ALA A O   1 
ATOM   62   C  CB  . ALA A 1 11 ? 21.451  -7.971  -3.322  1.00 24.85 ? 11  ALA A CB  1 
ATOM   63   N  N   . GLY A 1 12 ? 19.436  -6.913  -0.827  1.00 22.77 ? 12  GLY A N   1 
ATOM   64   C  CA  . GLY A 1 12 ? 19.394  -6.321  0.498   1.00 24.15 ? 12  GLY A CA  1 
ATOM   65   C  C   . GLY A 1 12 ? 18.240  -5.342  0.653   1.00 23.12 ? 12  GLY A C   1 
ATOM   66   O  O   . GLY A 1 12 ? 17.851  -5.014  1.771   1.00 25.18 ? 12  GLY A O   1 
ATOM   67   N  N   . ASP A 1 13 ? 17.694  -4.872  -0.465  1.00 22.84 ? 13  ASP A N   1 
ATOM   68   C  CA  . ASP A 1 13 ? 16.569  -3.945  -0.431  1.00 21.88 ? 13  ASP A CA  1 
ATOM   69   C  C   . ASP A 1 13 ? 15.358  -4.616  0.205   1.00 22.47 ? 13  ASP A C   1 
ATOM   70   O  O   . ASP A 1 13 ? 15.097  -5.792  -0.039  1.00 21.92 ? 13  ASP A O   1 
ATOM   71   C  CB  . ASP A 1 13 ? 16.177  -3.506  -1.845  1.00 22.86 ? 13  ASP A CB  1 
ATOM   72   C  CG  . ASP A 1 13 ? 17.012  -2.358  -2.362  1.00 24.07 ? 13  ASP A CG  1 
ATOM   73   O  OD1 . ASP A 1 13 ? 17.999  -1.978  -1.698  1.00 24.46 ? 13  ASP A OD1 1 
ATOM   74   O  OD2 . ASP A 1 13 ? 16.674  -1.837  -3.447  1.00 22.95 ? 13  ASP A OD2 1 
ATOM   75   N  N   . VAL A 1 14 ? 14.623  -3.872  1.023   1.00 21.02 ? 14  VAL A N   1 
ATOM   76   C  CA  . VAL A 1 14 ? 13.420  -4.410  1.646   1.00 21.21 ? 14  VAL A CA  1 
ATOM   77   C  C   . VAL A 1 14 ? 12.246  -3.776  0.908   1.00 22.14 ? 14  VAL A C   1 
ATOM   78   O  O   . VAL A 1 14 ? 12.062  -2.561  0.957   1.00 24.53 ? 14  VAL A O   1 
ATOM   79   C  CB  . VAL A 1 14 ? 13.344  -4.052  3.145   1.00 22.66 ? 14  VAL A CB  1 
ATOM   80   C  CG1 . VAL A 1 14 ? 12.085  -4.645  3.756   1.00 21.64 ? 14  VAL A CG1 1 
ATOM   81   C  CG2 . VAL A 1 14 ? 14.578  -4.569  3.866   1.00 24.08 ? 14  VAL A CG2 1 
ATOM   82   N  N   . ILE A 1 15 ? 11.458  -4.598  0.219   1.00 21.90 ? 15  ILE A N   1 
ATOM   83   C  CA  . ILE A 1 15 ? 10.322  -4.094  -0.552  1.00 20.54 ? 15  ILE A CA  1 
ATOM   84   C  C   . ILE A 1 15 ? 9.003   -4.781  -0.209  1.00 19.98 ? 15  ILE A C   1 
ATOM   85   O  O   . ILE A 1 15 ? 8.989   -5.803  0.470   1.00 19.28 ? 15  ILE A O   1 
ATOM   86   C  CB  . ILE A 1 15 ? 10.603  -4.225  -2.063  1.00 21.22 ? 15  ILE A CB  1 
ATOM   87   C  CG1 . ILE A 1 15 ? 11.023  -5.658  -2.392  1.00 19.44 ? 15  ILE A CG1 1 
ATOM   88   C  CG2 . ILE A 1 15 ? 11.709  -3.254  -2.466  1.00 22.06 ? 15  ILE A CG2 1 
ATOM   89   C  CD1 . ILE A 1 15 ? 11.446  -5.844  -3.837  1.00 20.15 ? 15  ILE A CD1 1 
ATOM   90   N  N   . LYS A 1 16 ? 7.897   -4.218  -0.691  1.00 19.23 ? 16  LYS A N   1 
ATOM   91   C  CA  . LYS A 1 16 ? 6.574   -4.754  -0.386  1.00 18.82 ? 16  LYS A CA  1 
ATOM   92   C  C   . LYS A 1 16 ? 5.869   -5.466  -1.530  1.00 17.82 ? 16  LYS A C   1 
ATOM   93   O  O   . LYS A 1 16 ? 6.101   -5.178  -2.703  1.00 17.09 ? 16  LYS A O   1 
ATOM   94   C  CB  . LYS A 1 16 ? 5.671   -3.628  0.126   1.00 22.91 ? 16  LYS A CB  1 
ATOM   95   C  CG  . LYS A 1 16 ? 6.192   -2.940  1.376   1.00 28.87 ? 16  LYS A CG  1 
ATOM   96   C  CD  . LYS A 1 16 ? 5.285   -1.786  1.787   1.00 33.19 ? 16  LYS A CD  1 
ATOM   97   C  CE  . LYS A 1 16 ? 5.847   -1.049  2.991   1.00 36.02 ? 16  LYS A CE  1 
ATOM   98   N  NZ  . LYS A 1 16 ? 4.943   0.044   3.450   1.00 37.88 ? 16  LYS A NZ  1 
ATOM   99   N  N   . GLY A 1 17 ? 4.994   -6.398  -1.165  1.00 16.20 ? 17  GLY A N   1 
ATOM   100  C  CA  . GLY A 1 17 ? 4.238   -7.147  -2.151  1.00 15.60 ? 17  GLY A CA  1 
ATOM   101  C  C   . GLY A 1 17 ? 3.226   -8.043  -1.467  1.00 14.84 ? 17  GLY A C   1 
ATOM   102  O  O   . GLY A 1 17 ? 3.203   -8.124  -0.238  1.00 15.82 ? 17  GLY A O   1 
ATOM   103  N  N   . ARG A 1 18 ? 2.389   -8.717  -2.250  1.00 15.95 ? 18  ARG A N   1 
ATOM   104  C  CA  . ARG A 1 18 ? 1.381   -9.614  -1.685  1.00 16.40 ? 18  ARG A CA  1 
ATOM   105  C  C   . ARG A 1 18 ? 1.740   -11.071 -1.979  1.00 14.73 ? 18  ARG A C   1 
ATOM   106  O  O   . ARG A 1 18 ? 1.963   -11.446 -3.131  1.00 15.41 ? 18  ARG A O   1 
ATOM   107  C  CB  . ARG A 1 18 ? -0.002  -9.276  -2.256  1.00 19.49 ? 18  ARG A CB  1 
ATOM   108  C  CG  . ARG A 1 18 ? -1.153  -9.997  -1.567  1.00 24.14 ? 18  ARG A CG  1 
ATOM   109  C  CD  . ARG A 1 18 ? -2.500  -9.454  -2.021  1.00 30.77 ? 18  ARG A CD  1 
ATOM   110  N  NE  . ARG A 1 18 ? -3.605  -10.107 -1.322  1.00 37.93 ? 18  ARG A NE  1 
ATOM   111  C  CZ  . ARG A 1 18 ? -4.893  -9.830  -1.516  1.00 40.72 ? 18  ARG A CZ  1 
ATOM   112  N  NH1 . ARG A 1 18 ? -5.255  -8.904  -2.396  1.00 43.37 ? 18  ARG A NH1 1 
ATOM   113  N  NH2 . ARG A 1 18 ? -5.821  -10.481 -0.824  1.00 41.37 ? 18  ARG A NH2 1 
ATOM   114  N  N   . VAL A 1 19 ? 1.773   -11.893 -0.933  1.00 13.99 ? 19  VAL A N   1 
ATOM   115  C  CA  . VAL A 1 19 ? 2.136   -13.301 -1.073  1.00 14.45 ? 19  VAL A CA  1 
ATOM   116  C  C   . VAL A 1 19 ? 1.035   -14.192 -1.646  1.00 15.65 ? 19  VAL A C   1 
ATOM   117  O  O   . VAL A 1 19 ? -0.150  -14.002 -1.365  1.00 17.29 ? 19  VAL A O   1 
ATOM   118  C  CB  . VAL A 1 19 ? 2.596   -13.886 0.292   1.00 13.96 ? 19  VAL A CB  1 
ATOM   119  C  CG1 . VAL A 1 19 ? 2.899   -15.364 0.155   1.00 13.63 ? 19  VAL A CG1 1 
ATOM   120  C  CG2 . VAL A 1 19 ? 3.834   -13.133 0.784   1.00 15.49 ? 19  VAL A CG2 1 
ATOM   121  N  N   . TYR A 1 20 ? 1.435   -15.155 -2.471  1.00 15.53 ? 20  TYR A N   1 
ATOM   122  C  CA  . TYR A 1 20 ? 0.499   -16.099 -3.065  1.00 15.78 ? 20  TYR A CA  1 
ATOM   123  C  C   . TYR A 1 20 ? 1.205   -17.438 -3.238  1.00 16.80 ? 20  TYR A C   1 
ATOM   124  O  O   . TYR A 1 20 ? 2.430   -17.500 -3.210  1.00 16.79 ? 20  TYR A O   1 
ATOM   125  C  CB  . TYR A 1 20 ? -0.016  -15.580 -4.416  1.00 17.21 ? 20  TYR A CB  1 
ATOM   126  C  CG  . TYR A 1 20 ? 1.016   -15.491 -5.521  1.00 16.50 ? 20  TYR A CG  1 
ATOM   127  C  CD1 . TYR A 1 20 ? 1.161   -16.520 -6.459  1.00 16.02 ? 20  TYR A CD1 1 
ATOM   128  C  CD2 . TYR A 1 20 ? 1.814   -14.357 -5.663  1.00 15.36 ? 20  TYR A CD2 1 
ATOM   129  C  CE1 . TYR A 1 20 ? 2.070   -16.410 -7.514  1.00 16.93 ? 20  TYR A CE1 1 
ATOM   130  C  CE2 . TYR A 1 20 ? 2.722   -14.243 -6.710  1.00 15.75 ? 20  TYR A CE2 1 
ATOM   131  C  CZ  . TYR A 1 20 ? 2.844   -15.270 -7.630  1.00 16.70 ? 20  TYR A CZ  1 
ATOM   132  O  OH  . TYR A 1 20 ? 3.745   -15.146 -8.667  1.00 16.35 ? 20  TYR A OH  1 
ATOM   133  N  N   . GLU A 1 21 ? 0.438   -18.512 -3.395  1.00 18.31 ? 21  GLU A N   1 
ATOM   134  C  CA  . GLU A 1 21 ? 1.040   -19.827 -3.573  1.00 19.59 ? 21  GLU A CA  1 
ATOM   135  C  C   . GLU A 1 21 ? 0.884   -20.317 -5.001  1.00 20.75 ? 21  GLU A C   1 
ATOM   136  O  O   . GLU A 1 21 ? -0.146  -20.094 -5.642  1.00 20.37 ? 21  GLU A O   1 
ATOM   137  C  CB  . GLU A 1 21 ? 0.424   -20.852 -2.610  1.00 22.77 ? 21  GLU A CB  1 
ATOM   138  C  CG  . GLU A 1 21 ? 0.935   -22.275 -2.842  1.00 26.03 ? 21  GLU A CG  1 
ATOM   139  C  CD  . GLU A 1 21 ? 0.437   -23.263 -1.805  1.00 31.51 ? 21  GLU A CD  1 
ATOM   140  O  OE1 . GLU A 1 21 ? -0.774  -23.246 -1.517  1.00 30.92 ? 21  GLU A OE1 1 
ATOM   141  O  OE2 . GLU A 1 21 ? 1.253   -24.064 -1.289  1.00 32.04 ? 21  GLU A OE2 1 
ATOM   142  N  N   . LYS A 1 22 ? 1.924   -20.985 -5.489  1.00 20.43 ? 22  LYS A N   1 
ATOM   143  C  CA  . LYS A 1 22 ? 1.942   -21.540 -6.833  1.00 21.86 ? 22  LYS A CA  1 
ATOM   144  C  C   . LYS A 1 22 ? 3.051   -22.583 -6.946  1.00 20.98 ? 22  LYS A C   1 
ATOM   145  O  O   . LYS A 1 22 ? 4.127   -22.411 -6.390  1.00 20.38 ? 22  LYS A O   1 
ATOM   146  C  CB  . LYS A 1 22 ? 2.182   -20.432 -7.864  1.00 25.54 ? 22  LYS A CB  1 
ATOM   147  C  CG  . LYS A 1 22 ? 2.319   -20.945 -9.289  1.00 31.01 ? 22  LYS A CG  1 
ATOM   148  C  CD  . LYS A 1 22 ? 2.482   -19.821 -10.306 1.00 33.28 ? 22  LYS A CD  1 
ATOM   149  C  CE  . LYS A 1 22 ? 2.532   -20.390 -11.724 1.00 37.27 ? 22  LYS A CE  1 
ATOM   150  N  NZ  . LYS A 1 22 ? 2.615   -19.341 -12.782 1.00 38.74 ? 22  LYS A NZ  1 
ATOM   151  N  N   . ASP A 1 23 ? 2.775   -23.665 -7.661  1.00 23.67 ? 23  ASP A N   1 
ATOM   152  C  CA  . ASP A 1 23 ? 3.751   -24.731 -7.879  1.00 23.52 ? 23  ASP A CA  1 
ATOM   153  C  C   . ASP A 1 23 ? 4.552   -25.183 -6.651  1.00 23.02 ? 23  ASP A C   1 
ATOM   154  O  O   . ASP A 1 23 ? 5.784   -25.269 -6.700  1.00 22.58 ? 23  ASP A O   1 
ATOM   155  C  CB  . ASP A 1 23 ? 4.730   -24.320 -8.986  1.00 27.71 ? 23  ASP A CB  1 
ATOM   156  C  CG  . ASP A 1 23 ? 4.038   -24.065 -10.317 1.00 31.05 ? 23  ASP A CG  1 
ATOM   157  O  OD1 . ASP A 1 23 ? 3.214   -24.907 -10.735 1.00 33.33 ? 23  ASP A OD1 1 
ATOM   158  O  OD2 . ASP A 1 23 ? 4.330   -23.028 -10.948 1.00 33.01 ? 23  ASP A OD2 1 
ATOM   159  N  N   . TYR A 1 24 ? 3.848   -25.470 -5.560  1.00 19.56 ? 24  TYR A N   1 
ATOM   160  C  CA  . TYR A 1 24 ? 4.462   -25.956 -4.319  1.00 19.39 ? 24  TYR A CA  1 
ATOM   161  C  C   . TYR A 1 24 ? 5.292   -24.949 -3.537  1.00 17.33 ? 24  TYR A C   1 
ATOM   162  O  O   . TYR A 1 24 ? 6.013   -25.334 -2.625  1.00 15.94 ? 24  TYR A O   1 
ATOM   163  C  CB  . TYR A 1 24 ? 5.347   -27.181 -4.598  1.00 22.55 ? 24  TYR A CB  1 
ATOM   164  C  CG  . TYR A 1 24 ? 4.696   -28.256 -5.433  1.00 23.39 ? 24  TYR A CG  1 
ATOM   165  C  CD1 . TYR A 1 24 ? 5.263   -28.657 -6.642  1.00 24.77 ? 24  TYR A CD1 1 
ATOM   166  C  CD2 . TYR A 1 24 ? 3.517   -28.874 -5.020  1.00 26.66 ? 24  TYR A CD2 1 
ATOM   167  C  CE1 . TYR A 1 24 ? 4.671   -29.648 -7.421  1.00 26.01 ? 24  TYR A CE1 1 
ATOM   168  C  CE2 . TYR A 1 24 ? 2.916   -29.865 -5.790  1.00 28.15 ? 24  TYR A CE2 1 
ATOM   169  C  CZ  . TYR A 1 24 ? 3.500   -30.244 -6.989  1.00 27.65 ? 24  TYR A CZ  1 
ATOM   170  O  OH  . TYR A 1 24 ? 2.910   -31.219 -7.762  1.00 31.20 ? 24  TYR A OH  1 
ATOM   171  N  N   . ALA A 1 25 ? 5.201   -23.665 -3.867  1.00 15.84 ? 25  ALA A N   1 
ATOM   172  C  CA  . ALA A 1 25 ? 5.991   -22.689 -3.126  1.00 14.39 ? 25  ALA A CA  1 
ATOM   173  C  C   . ALA A 1 25 ? 5.251   -21.383 -2.947  1.00 13.39 ? 25  ALA A C   1 
ATOM   174  O  O   . ALA A 1 25 ? 4.168   -21.191 -3.496  1.00 15.38 ? 25  ALA A O   1 
ATOM   175  C  CB  . ALA A 1 25 ? 7.312   -22.438 -3.838  1.00 13.08 ? 25  ALA A CB  1 
ATOM   176  N  N   . LEU A 1 26 ? 5.846   -20.483 -2.175  1.00 12.77 ? 26  LEU A N   1 
ATOM   177  C  CA  . LEU A 1 26 ? 5.241   -19.177 -1.955  1.00 12.15 ? 26  LEU A CA  1 
ATOM   178  C  C   . LEU A 1 26 ? 5.958   -18.165 -2.829  1.00 12.28 ? 26  LEU A C   1 
ATOM   179  O  O   . LEU A 1 26 ? 7.193   -18.149 -2.902  1.00 12.91 ? 26  LEU A O   1 
ATOM   180  C  CB  . LEU A 1 26 ? 5.363   -18.746 -0.486  1.00 13.05 ? 26  LEU A CB  1 
ATOM   181  C  CG  . LEU A 1 26 ? 4.714   -19.667 0.548   1.00 15.60 ? 26  LEU A CG  1 
ATOM   182  C  CD1 . LEU A 1 26 ? 4.856   -19.042 1.926   1.00 16.30 ? 26  LEU A CD1 1 
ATOM   183  C  CD2 . LEU A 1 26 ? 3.238   -19.887 0.207   1.00 18.05 ? 26  LEU A CD2 1 
ATOM   184  N  N   . TYR A 1 27 ? 5.169   -17.330 -3.492  1.00 11.52 ? 27  TYR A N   1 
ATOM   185  C  CA  . TYR A 1 27 ? 5.692   -16.289 -4.359  1.00 12.63 ? 27  TYR A CA  1 
ATOM   186  C  C   . TYR A 1 27 ? 5.140   -14.963 -3.860  1.00 12.37 ? 27  TYR A C   1 
ATOM   187  O  O   . TYR A 1 27 ? 4.321   -14.927 -2.943  1.00 13.18 ? 27  TYR A O   1 
ATOM   188  C  CB  . TYR A 1 27 ? 5.240   -16.521 -5.801  1.00 12.50 ? 27  TYR A CB  1 
ATOM   189  C  CG  . TYR A 1 27 ? 5.901   -17.697 -6.488  1.00 13.35 ? 27  TYR A CG  1 
ATOM   190  C  CD1 . TYR A 1 27 ? 5.596   -19.008 -6.128  1.00 15.74 ? 27  TYR A CD1 1 
ATOM   191  C  CD2 . TYR A 1 27 ? 6.823   -17.496 -7.510  1.00 14.78 ? 27  TYR A CD2 1 
ATOM   192  C  CE1 . TYR A 1 27 ? 6.189   -20.090 -6.777  1.00 16.36 ? 27  TYR A CE1 1 
ATOM   193  C  CE2 . TYR A 1 27 ? 7.421   -18.567 -8.166  1.00 16.07 ? 27  TYR A CE2 1 
ATOM   194  C  CZ  . TYR A 1 27 ? 7.101   -19.859 -7.797  1.00 18.75 ? 27  TYR A CZ  1 
ATOM   195  O  OH  . TYR A 1 27 ? 7.685   -20.918 -8.453  1.00 20.79 ? 27  TYR A OH  1 
ATOM   196  N  N   . ILE A 1 28 ? 5.580   -13.870 -4.459  1.00 11.81 ? 28  ILE A N   1 
ATOM   197  C  CA  . ILE A 1 28 ? 5.078   -12.577 -4.030  1.00 11.76 ? 28  ILE A CA  1 
ATOM   198  C  C   . ILE A 1 28 ? 4.908   -11.641 -5.206  1.00 14.68 ? 28  ILE A C   1 
ATOM   199  O  O   . ILE A 1 28 ? 5.755   -11.579 -6.095  1.00 13.77 ? 28  ILE A O   1 
ATOM   200  C  CB  . ILE A 1 28 ? 6.007   -11.942 -2.967  1.00 14.58 ? 28  ILE A CB  1 
ATOM   201  C  CG1 . ILE A 1 28 ? 5.426   -10.612 -2.491  1.00 12.99 ? 28  ILE A CG1 1 
ATOM   202  C  CG2 . ILE A 1 28 ? 7.408   -11.761 -3.531  1.00 13.08 ? 28  ILE A CG2 1 
ATOM   203  C  CD1 . ILE A 1 28 ? 6.153   -10.026 -1.280  1.00 13.87 ? 28  ILE A CD1 1 
ATOM   204  N  N   . TYR A 1 29 ? 3.769   -10.958 -5.228  1.00 14.69 ? 29  TYR A N   1 
ATOM   205  C  CA  . TYR A 1 29 ? 3.483   -9.990  -6.273  1.00 17.94 ? 29  TYR A CA  1 
ATOM   206  C  C   . TYR A 1 29 ? 4.120   -8.712  -5.754  1.00 17.07 ? 29  TYR A C   1 
ATOM   207  O  O   . TYR A 1 29 ? 3.574   -8.061  -4.856  1.00 18.64 ? 29  TYR A O   1 
ATOM   208  C  CB  . TYR A 1 29 ? 1.968   -9.782  -6.426  1.00 22.09 ? 29  TYR A CB  1 
ATOM   209  C  CG  . TYR A 1 29 ? 1.222   -10.928 -7.070  1.00 28.66 ? 29  TYR A CG  1 
ATOM   210  C  CD1 . TYR A 1 29 ? 0.079   -11.461 -6.475  1.00 31.27 ? 29  TYR A CD1 1 
ATOM   211  C  CD2 . TYR A 1 29 ? 1.637   -11.464 -8.292  1.00 31.87 ? 29  TYR A CD2 1 
ATOM   212  C  CE1 . TYR A 1 29 ? -0.633  -12.499 -7.077  1.00 32.53 ? 29  TYR A CE1 1 
ATOM   213  C  CE2 . TYR A 1 29 ? 0.928   -12.501 -8.903  1.00 32.28 ? 29  TYR A CE2 1 
ATOM   214  C  CZ  . TYR A 1 29 ? -0.203  -13.012 -8.287  1.00 32.01 ? 29  TYR A CZ  1 
ATOM   215  O  OH  . TYR A 1 29 ? -0.901  -14.045 -8.873  1.00 33.38 ? 29  TYR A OH  1 
ATOM   216  N  N   . LEU A 1 30 ? 5.290   -8.373  -6.283  1.00 16.13 ? 30  LEU A N   1 
ATOM   217  C  CA  . LEU A 1 30 ? 5.986   -7.167  -5.852  1.00 16.36 ? 30  LEU A CA  1 
ATOM   218  C  C   . LEU A 1 30 ? 5.303   -5.959  -6.473  1.00 16.29 ? 30  LEU A C   1 
ATOM   219  O  O   . LEU A 1 30 ? 5.212   -5.844  -7.694  1.00 15.25 ? 30  LEU A O   1 
ATOM   220  C  CB  . LEU A 1 30 ? 7.458   -7.226  -6.272  1.00 14.46 ? 30  LEU A CB  1 
ATOM   221  C  CG  . LEU A 1 30 ? 8.252   -8.363  -5.614  1.00 14.19 ? 30  LEU A CG  1 
ATOM   222  C  CD1 . LEU A 1 30 ? 9.675   -8.406  -6.180  1.00 14.01 ? 30  LEU A CD1 1 
ATOM   223  C  CD2 . LEU A 1 30 ? 8.285   -8.157  -4.112  1.00 13.46 ? 30  LEU A CD2 1 
ATOM   224  N  N   . PHE A 1 31 ? 4.829   -5.062  -5.616  1.00 17.08 ? 31  PHE A N   1 
ATOM   225  C  CA  . PHE A 1 31 ? 4.120   -3.872  -6.056  1.00 15.67 ? 31  PHE A CA  1 
ATOM   226  C  C   . PHE A 1 31 ? 4.903   -2.990  -7.019  1.00 16.78 ? 31  PHE A C   1 
ATOM   227  O  O   . PHE A 1 31 ? 4.322   -2.424  -7.947  1.00 16.05 ? 31  PHE A O   1 
ATOM   228  C  CB  . PHE A 1 31 ? 3.680   -3.063  -4.833  1.00 18.79 ? 31  PHE A CB  1 
ATOM   229  C  CG  . PHE A 1 31 ? 2.730   -3.804  -3.929  1.00 20.20 ? 31  PHE A CG  1 
ATOM   230  C  CD1 . PHE A 1 31 ? 2.653   -3.493  -2.578  1.00 23.36 ? 31  PHE A CD1 1 
ATOM   231  C  CD2 . PHE A 1 31 ? 1.910   -4.810  -4.432  1.00 23.73 ? 31  PHE A CD2 1 
ATOM   232  C  CE1 . PHE A 1 31 ? 1.769   -4.175  -1.737  1.00 24.17 ? 31  PHE A CE1 1 
ATOM   233  C  CE2 . PHE A 1 31 ? 1.022   -5.497  -3.598  1.00 23.83 ? 31  PHE A CE2 1 
ATOM   234  C  CZ  . PHE A 1 31 ? 0.955   -5.178  -2.250  1.00 22.49 ? 31  PHE A CZ  1 
ATOM   235  N  N   . ASP A 1 32 ? 6.212   -2.876  -6.811  1.00 15.70 ? 32  ASP A N   1 
ATOM   236  C  CA  . ASP A 1 32 ? 7.037   -2.045  -7.680  1.00 17.59 ? 32  ASP A CA  1 
ATOM   237  C  C   . ASP A 1 32 ? 7.775   -2.797  -8.789  1.00 16.57 ? 32  ASP A C   1 
ATOM   238  O  O   . ASP A 1 32 ? 8.458   -2.180  -9.614  1.00 16.95 ? 32  ASP A O   1 
ATOM   239  C  CB  . ASP A 1 32 ? 8.031   -1.239  -6.841  1.00 20.87 ? 32  ASP A CB  1 
ATOM   240  C  CG  . ASP A 1 32 ? 7.350   -0.148  -6.030  1.00 25.35 ? 32  ASP A CG  1 
ATOM   241  O  OD1 . ASP A 1 32 ? 6.531   0.596   -6.610  1.00 27.40 ? 32  ASP A OD1 1 
ATOM   242  O  OD2 . ASP A 1 32 ? 7.631   -0.031  -4.822  1.00 28.79 ? 32  ASP A OD2 1 
ATOM   243  N  N   . TYR A 1 33 ? 7.633   -4.120  -8.806  1.00 13.97 ? 33  TYR A N   1 
ATOM   244  C  CA  . TYR A 1 33 ? 8.257   -4.967  -9.831  1.00 13.50 ? 33  TYR A CA  1 
ATOM   245  C  C   . TYR A 1 33 ? 7.257   -6.064  -10.237 1.00 12.96 ? 33  TYR A C   1 
ATOM   246  O  O   . TYR A 1 33 ? 7.557   -7.256  -10.177 1.00 13.47 ? 33  TYR A O   1 
ATOM   247  C  CB  . TYR A 1 33 ? 9.540   -5.593  -9.278  1.00 13.78 ? 33  TYR A CB  1 
ATOM   248  C  CG  . TYR A 1 33 ? 10.484  -4.564  -8.696  1.00 15.08 ? 33  TYR A CG  1 
ATOM   249  C  CD1 . TYR A 1 33 ? 10.510  -4.305  -7.326  1.00 18.42 ? 33  TYR A CD1 1 
ATOM   250  C  CD2 . TYR A 1 33 ? 11.294  -3.796  -9.526  1.00 16.39 ? 33  TYR A CD2 1 
ATOM   251  C  CE1 . TYR A 1 33 ? 11.326  -3.297  -6.798  1.00 20.03 ? 33  TYR A CE1 1 
ATOM   252  C  CE2 . TYR A 1 33 ? 12.107  -2.785  -9.013  1.00 20.44 ? 33  TYR A CE2 1 
ATOM   253  C  CZ  . TYR A 1 33 ? 12.117  -2.542  -7.651  1.00 20.42 ? 33  TYR A CZ  1 
ATOM   254  O  OH  . TYR A 1 33 ? 12.921  -1.542  -7.151  1.00 23.50 ? 33  TYR A OH  1 
ATOM   255  N  N   . PRO A 1 34 ? 6.058   -5.659  -10.684 1.00 14.03 ? 34  PRO A N   1 
ATOM   256  C  CA  . PRO A 1 34 ? 4.961   -6.543  -11.104 1.00 14.90 ? 34  PRO A CA  1 
ATOM   257  C  C   . PRO A 1 34 ? 5.237   -7.567  -12.205 1.00 13.06 ? 34  PRO A C   1 
ATOM   258  O  O   . PRO A 1 34 ? 4.535   -8.575  -12.296 1.00 14.75 ? 34  PRO A O   1 
ATOM   259  C  CB  . PRO A 1 34 ? 3.864   -5.565  -11.534 1.00 16.42 ? 34  PRO A CB  1 
ATOM   260  C  CG  . PRO A 1 34 ? 4.224   -4.277  -10.845 1.00 21.56 ? 34  PRO A CG  1 
ATOM   261  C  CD  . PRO A 1 34 ? 5.716   -4.253  -10.955 1.00 16.45 ? 34  PRO A CD  1 
ATOM   262  N  N   . HIS A 1 35 ? 6.241   -7.311  -13.038 1.00 13.21 ? 35  HIS A N   1 
ATOM   263  C  CA  . HIS A 1 35 ? 6.547   -8.213  -14.146 1.00 13.10 ? 35  HIS A CA  1 
ATOM   264  C  C   . HIS A 1 35 ? 7.592   -9.278  -13.869 1.00 12.96 ? 35  HIS A C   1 
ATOM   265  O  O   . HIS A 1 35 ? 7.898   -10.093 -14.740 1.00 13.92 ? 35  HIS A O   1 
ATOM   266  C  CB  . HIS A 1 35 ? 6.955   -7.405  -15.374 1.00 13.05 ? 35  HIS A CB  1 
ATOM   267  C  CG  . HIS A 1 35 ? 5.903   -6.441  -15.815 1.00 15.58 ? 35  HIS A CG  1 
ATOM   268  N  ND1 . HIS A 1 35 ? 6.040   -5.075  -15.675 1.00 16.14 ? 35  HIS A ND1 1 
ATOM   269  C  CD2 . HIS A 1 35 ? 4.664   -6.647  -16.314 1.00 14.39 ? 35  HIS A CD2 1 
ATOM   270  C  CE1 . HIS A 1 35 ? 4.925   -4.486  -16.065 1.00 14.74 ? 35  HIS A CE1 1 
ATOM   271  N  NE2 . HIS A 1 35 ? 4.072   -5.415  -16.456 1.00 17.52 ? 35  HIS A NE2 1 
ATOM   272  N  N   . PHE A 1 36 ? 8.141   -9.270  -12.664 1.00 13.86 ? 36  PHE A N   1 
ATOM   273  C  CA  . PHE A 1 36 ? 9.125   -10.273 -12.284 1.00 12.53 ? 36  PHE A CA  1 
ATOM   274  C  C   . PHE A 1 36 ? 8.450   -11.384 -11.512 1.00 14.43 ? 36  PHE A C   1 
ATOM   275  O  O   . PHE A 1 36 ? 7.513   -11.134 -10.755 1.00 16.78 ? 36  PHE A O   1 
ATOM   276  C  CB  . PHE A 1 36 ? 10.198  -9.677  -11.372 1.00 13.53 ? 36  PHE A CB  1 
ATOM   277  C  CG  . PHE A 1 36 ? 11.224  -8.859  -12.088 1.00 14.91 ? 36  PHE A CG  1 
ATOM   278  C  CD1 . PHE A 1 36 ? 10.949  -7.551  -12.473 1.00 15.46 ? 36  PHE A CD1 1 
ATOM   279  C  CD2 . PHE A 1 36 ? 12.470  -9.401  -12.384 1.00 17.55 ? 36  PHE A CD2 1 
ATOM   280  C  CE1 . PHE A 1 36 ? 11.907  -6.788  -13.146 1.00 19.30 ? 36  PHE A CE1 1 
ATOM   281  C  CE2 . PHE A 1 36 ? 13.431  -8.652  -13.054 1.00 19.00 ? 36  PHE A CE2 1 
ATOM   282  C  CZ  . PHE A 1 36 ? 13.150  -7.345  -13.436 1.00 18.83 ? 36  PHE A CZ  1 
ATOM   283  N  N   . GLU A 1 37 ? 8.906   -12.615 -11.705 1.00 12.93 ? 37  GLU A N   1 
ATOM   284  C  CA  . GLU A 1 37 ? 8.350   -13.702 -10.918 1.00 14.63 ? 37  GLU A CA  1 
ATOM   285  C  C   . GLU A 1 37 ? 9.258   -13.708 -9.698  1.00 12.50 ? 37  GLU A C   1 
ATOM   286  O  O   . GLU A 1 37 ? 10.460  -13.969 -9.809  1.00 12.63 ? 37  GLU A O   1 
ATOM   287  C  CB  . GLU A 1 37 ? 8.435   -15.045 -11.635 1.00 18.19 ? 37  GLU A CB  1 
ATOM   288  C  CG  . GLU A 1 37 ? 8.004   -16.187 -10.725 1.00 21.55 ? 37  GLU A CG  1 
ATOM   289  C  CD  . GLU A 1 37 ? 7.693   -17.456 -11.479 1.00 26.37 ? 37  GLU A CD  1 
ATOM   290  O  OE1 . GLU A 1 37 ? 6.627   -17.514 -12.132 1.00 29.57 ? 37  GLU A OE1 1 
ATOM   291  O  OE2 . GLU A 1 37 ? 8.515   -18.392 -11.419 1.00 26.77 ? 37  GLU A OE2 1 
ATOM   292  N  N   . ALA A 1 38 ? 8.684   -13.386 -8.549  1.00 12.58 ? 38  ALA A N   1 
ATOM   293  C  CA  . ALA A 1 38 ? 9.437   -13.304 -7.306  1.00 12.11 ? 38  ALA A CA  1 
ATOM   294  C  C   . ALA A 1 38 ? 9.039   -14.423 -6.360  1.00 12.18 ? 38  ALA A C   1 
ATOM   295  O  O   . ALA A 1 38 ? 7.883   -14.540 -5.982  1.00 13.57 ? 38  ALA A O   1 
ATOM   296  C  CB  . ALA A 1 38 ? 9.191   -11.963 -6.662  1.00 12.62 ? 38  ALA A CB  1 
ATOM   297  N  N   . ILE A 1 39 ? 10.015  -15.230 -5.966  1.00 10.86 ? 39  ILE A N   1 
ATOM   298  C  CA  . ILE A 1 39 ? 9.750   -16.363 -5.094  1.00 10.82 ? 39  ILE A CA  1 
ATOM   299  C  C   . ILE A 1 39 ? 10.355  -16.176 -3.709  1.00 13.21 ? 39  ILE A C   1 
ATOM   300  O  O   . ILE A 1 39 ? 11.383  -15.515 -3.560  1.00 11.23 ? 39  ILE A O   1 
ATOM   301  C  CB  . ILE A 1 39 ? 10.322  -17.662 -5.739  1.00 12.17 ? 39  ILE A CB  1 
ATOM   302  C  CG1 . ILE A 1 39 ? 9.792   -18.904 -5.017  1.00 10.28 ? 39  ILE A CG1 1 
ATOM   303  C  CG2 . ILE A 1 39 ? 11.850  -17.627 -5.708  1.00 14.10 ? 39  ILE A CG2 1 
ATOM   304  C  CD1 . ILE A 1 39 ? 10.133  -20.201 -5.725  1.00 13.85 ? 39  ILE A CD1 1 
ATOM   305  N  N   . LEU A 1 40 ? 9.695   -16.729 -2.691  1.00 12.25 ? 40  LEU A N   1 
ATOM   306  C  CA  . LEU A 1 40 ? 10.221  -16.675 -1.330  1.00 13.81 ? 40  LEU A CA  1 
ATOM   307  C  C   . LEU A 1 40 ? 11.133  -17.892 -1.307  1.00 13.71 ? 40  LEU A C   1 
ATOM   308  O  O   . LEU A 1 40 ? 10.681  -19.020 -1.109  1.00 13.38 ? 40  LEU A O   1 
ATOM   309  C  CB  . LEU A 1 40 ? 9.107   -16.824 -0.285  1.00 15.79 ? 40  LEU A CB  1 
ATOM   310  C  CG  . LEU A 1 40 ? 8.426   -15.529 0.176   1.00 16.12 ? 40  LEU A CG  1 
ATOM   311  C  CD1 . LEU A 1 40 ? 7.464   -15.834 1.325   1.00 17.67 ? 40  LEU A CD1 1 
ATOM   312  C  CD2 . LEU A 1 40 ? 9.472   -14.535 0.642   1.00 23.33 ? 40  LEU A CD2 1 
ATOM   313  N  N   . ALA A 1 41 ? 12.414  -17.644 -1.556  1.00 12.87 ? 41  ALA A N   1 
ATOM   314  C  CA  . ALA A 1 41 ? 13.432  -18.679 -1.637  1.00 15.45 ? 41  ALA A CA  1 
ATOM   315  C  C   . ALA A 1 41 ? 13.419  -19.675 -0.492  1.00 14.98 ? 41  ALA A C   1 
ATOM   316  O  O   . ALA A 1 41 ? 13.624  -20.871 -0.707  1.00 17.04 ? 41  ALA A O   1 
ATOM   317  C  CB  . ALA A 1 41 ? 14.813  -18.032 -1.744  1.00 15.72 ? 41  ALA A CB  1 
ATOM   318  N  N   . GLU A 1 42 ? 13.177  -19.188 0.721   1.00 14.62 ? 42  GLU A N   1 
ATOM   319  C  CA  . GLU A 1 42 ? 13.172  -20.064 1.890   1.00 17.93 ? 42  GLU A CA  1 
ATOM   320  C  C   . GLU A 1 42 ? 12.015  -21.059 1.933   1.00 16.65 ? 42  GLU A C   1 
ATOM   321  O  O   . GLU A 1 42 ? 12.097  -22.072 2.634   1.00 16.30 ? 42  GLU A O   1 
ATOM   322  C  CB  . GLU A 1 42 ? 13.182  -19.228 3.182   1.00 20.81 ? 42  GLU A CB  1 
ATOM   323  C  CG  . GLU A 1 42 ? 14.499  -18.486 3.434   1.00 30.63 ? 42  GLU A CG  1 
ATOM   324  C  CD  . GLU A 1 42 ? 14.614  -17.911 4.845   1.00 35.01 ? 42  GLU A CD  1 
ATOM   325  O  OE1 . GLU A 1 42 ? 14.521  -18.687 5.821   1.00 38.49 ? 42  GLU A OE1 1 
ATOM   326  O  OE2 . GLU A 1 42 ? 14.806  -16.682 4.981   1.00 37.01 ? 42  GLU A OE2 1 
ATOM   327  N  N   . SER A 1 43 ? 10.958  -20.791 1.169   1.00 15.81 ? 43  SER A N   1 
ATOM   328  C  CA  . SER A 1 43 ? 9.773   -21.652 1.160   1.00 15.78 ? 43  SER A CA  1 
ATOM   329  C  C   . SER A 1 43 ? 9.833   -22.843 0.209   1.00 16.01 ? 43  SER A C   1 
ATOM   330  O  O   . SER A 1 43 ? 9.064   -23.790 0.358   1.00 15.01 ? 43  SER A O   1 
ATOM   331  C  CB  . SER A 1 43 ? 8.526   -20.831 0.812   1.00 16.09 ? 43  SER A CB  1 
ATOM   332  O  OG  . SER A 1 43 ? 8.456   -20.580 -0.586  1.00 13.87 ? 43  SER A OG  1 
ATOM   333  N  N   . VAL A 1 44 ? 10.744  -22.800 -0.754  1.00 15.94 ? 44  VAL A N   1 
ATOM   334  C  CA  . VAL A 1 44 ? 10.862  -23.858 -1.750  1.00 17.06 ? 44  VAL A CA  1 
ATOM   335  C  C   . VAL A 1 44 ? 11.102  -25.252 -1.188  1.00 16.77 ? 44  VAL A C   1 
ATOM   336  O  O   . VAL A 1 44 ? 10.367  -26.186 -1.503  1.00 17.84 ? 44  VAL A O   1 
ATOM   337  C  CB  . VAL A 1 44 ? 11.984  -23.537 -2.759  1.00 19.18 ? 44  VAL A CB  1 
ATOM   338  C  CG1 . VAL A 1 44 ? 12.071  -24.628 -3.820  1.00 20.40 ? 44  VAL A CG1 1 
ATOM   339  C  CG2 . VAL A 1 44 ? 11.709  -22.189 -3.407  1.00 18.64 ? 44  VAL A CG2 1 
ATOM   340  N  N   . LYS A 1 45 ? 12.126  -25.392 -0.358  1.00 17.13 ? 45  LYS A N   1 
ATOM   341  C  CA  . LYS A 1 45 ? 12.446  -26.696 0.209   1.00 17.08 ? 45  LYS A CA  1 
ATOM   342  C  C   . LYS A 1 45 ? 12.165  -26.794 1.706   1.00 17.71 ? 45  LYS A C   1 
ATOM   343  O  O   . LYS A 1 45 ? 12.605  -27.742 2.366   1.00 15.19 ? 45  LYS A O   1 
ATOM   344  C  CB  . LYS A 1 45 ? 13.912  -27.025 -0.071  1.00 21.10 ? 45  LYS A CB  1 
ATOM   345  C  CG  . LYS A 1 45 ? 14.236  -27.109 -1.557  1.00 23.67 ? 45  LYS A CG  1 
ATOM   346  C  CD  . LYS A 1 45 ? 15.663  -27.565 -1.788  1.00 28.68 ? 45  LYS A CD  1 
ATOM   347  C  CE  . LYS A 1 45 ? 15.995  -27.609 -3.269  1.00 31.05 ? 45  LYS A CE  1 
ATOM   348  N  NZ  . LYS A 1 45 ? 15.964  -26.250 -3.874  1.00 35.48 ? 45  LYS A NZ  1 
HETATM 349  N  N   . MSE A 1 46 ? 11.424  -25.826 2.237   1.00 16.11 ? 46  MSE A N   1 
HETATM 350  C  CA  . MSE A 1 46 ? 11.099  -25.816 3.663   1.00 14.28 ? 46  MSE A CA  1 
HETATM 351  C  C   . MSE A 1 46 ? 10.419  -27.132 4.040   1.00 14.86 ? 46  MSE A C   1 
HETATM 352  O  O   . MSE A 1 46 ? 9.550   -27.619 3.315   1.00 14.28 ? 46  MSE A O   1 
HETATM 353  C  CB  . MSE A 1 46 ? 10.179  -24.632 3.980   1.00 16.15 ? 46  MSE A CB  1 
HETATM 354  C  CG  . MSE A 1 46 ? 9.865   -24.468 5.454   1.00 16.38 ? 46  MSE A CG  1 
HETATM 355  SE SE  . MSE A 1 46 ? 8.786   -22.904 5.768   1.00 20.57 ? 46  MSE A SE  1 
HETATM 356  C  CE  . MSE A 1 46 ? 10.168  -21.557 5.643   1.00 19.08 ? 46  MSE A CE  1 
ATOM   357  N  N   . HIS A 1 47 ? 10.810  -27.713 5.169   1.00 13.71 ? 47  HIS A N   1 
ATOM   358  C  CA  . HIS A 1 47 ? 10.229  -28.983 5.582   1.00 15.11 ? 47  HIS A CA  1 
ATOM   359  C  C   . HIS A 1 47 ? 8.708   -28.912 5.689   1.00 14.68 ? 47  HIS A C   1 
ATOM   360  O  O   . HIS A 1 47 ? 8.150   -27.950 6.216   1.00 14.05 ? 47  HIS A O   1 
ATOM   361  C  CB  . HIS A 1 47 ? 10.821  -29.452 6.911   1.00 16.20 ? 47  HIS A CB  1 
ATOM   362  C  CG  . HIS A 1 47 ? 10.641  -30.917 7.146   1.00 16.07 ? 47  HIS A CG  1 
ATOM   363  N  ND1 . HIS A 1 47 ? 11.307  -31.870 6.408   1.00 18.11 ? 47  HIS A ND1 1 
ATOM   364  C  CD2 . HIS A 1 47 ? 9.820   -31.594 7.984   1.00 17.66 ? 47  HIS A CD2 1 
ATOM   365  C  CE1 . HIS A 1 47 ? 10.903  -33.073 6.780   1.00 20.30 ? 47  HIS A CE1 1 
ATOM   366  N  NE2 . HIS A 1 47 ? 10.002  -32.933 7.733   1.00 15.53 ? 47  HIS A NE2 1 
HETATM 367  N  N   . MSE A 1 48 ? 8.052   -29.955 5.193   1.00 14.59 ? 48  MSE A N   1 
HETATM 368  C  CA  . MSE A 1 48 ? 6.597   -30.051 5.155   1.00 16.08 ? 48  MSE A CA  1 
HETATM 369  C  C   . MSE A 1 48 ? 5.732   -29.371 6.221   1.00 14.61 ? 48  MSE A C   1 
HETATM 370  O  O   . MSE A 1 48 ? 4.983   -28.453 5.906   1.00 12.58 ? 48  MSE A O   1 
HETATM 371  C  CB  . MSE A 1 48 ? 6.181   -31.514 5.071   1.00 20.22 ? 48  MSE A CB  1 
HETATM 372  C  CG  . MSE A 1 48 ? 4.693   -31.689 4.879   1.00 26.05 ? 48  MSE A CG  1 
HETATM 373  SE SE  . MSE A 1 48 ? 4.144   -33.400 5.522   1.00 38.60 ? 48  MSE A SE  1 
HETATM 374  C  CE  . MSE A 1 48 ? 3.833   -32.911 7.376   1.00 28.08 ? 48  MSE A CE  1 
ATOM   375  N  N   . ASP A 1 49 ? 5.806   -29.810 7.476   1.00 16.34 ? 49  ASP A N   1 
ATOM   376  C  CA  . ASP A 1 49 ? 4.935   -29.193 8.471   1.00 16.90 ? 49  ASP A CA  1 
ATOM   377  C  C   . ASP A 1 49 ? 5.176   -27.702 8.687   1.00 15.78 ? 49  ASP A C   1 
ATOM   378  O  O   . ASP A 1 49 ? 4.226   -26.951 8.908   1.00 19.51 ? 49  ASP A O   1 
ATOM   379  C  CB  . ASP A 1 49 ? 4.967   -29.964 9.798   1.00 17.79 ? 49  ASP A CB  1 
ATOM   380  C  CG  . ASP A 1 49 ? 6.327   -29.976 10.445  1.00 16.86 ? 49  ASP A CG  1 
ATOM   381  O  OD1 . ASP A 1 49 ? 7.261   -30.576 9.875   1.00 17.90 ? 49  ASP A OD1 1 
ATOM   382  O  OD2 . ASP A 1 49 ? 6.452   -29.394 11.542  1.00 18.94 ? 49  ASP A OD2 1 
ATOM   383  N  N   . ARG A 1 50 ? 6.423   -27.251 8.612   1.00 13.63 ? 50  ARG A N   1 
ATOM   384  C  CA  . ARG A 1 50 ? 6.661   -25.823 8.777   1.00 15.08 ? 50  ARG A CA  1 
ATOM   385  C  C   . ARG A 1 50 ? 6.184   -25.072 7.537   1.00 14.51 ? 50  ARG A C   1 
ATOM   386  O  O   . ARG A 1 50 ? 5.694   -23.943 7.639   1.00 15.24 ? 50  ARG A O   1 
ATOM   387  C  CB  . ARG A 1 50 ? 8.140   -25.526 9.047   1.00 15.53 ? 50  ARG A CB  1 
ATOM   388  C  CG  . ARG A 1 50 ? 8.538   -25.789 10.496  1.00 18.53 ? 50  ARG A CG  1 
ATOM   389  C  CD  . ARG A 1 50 ? 9.870   -25.147 10.857  1.00 19.59 ? 50  ARG A CD  1 
ATOM   390  N  NE  . ARG A 1 50 ? 10.984  -25.741 10.135  1.00 22.09 ? 50  ARG A NE  1 
ATOM   391  C  CZ  . ARG A 1 50 ? 11.666  -25.134 9.171   1.00 23.96 ? 50  ARG A CZ  1 
ATOM   392  N  NH1 . ARG A 1 50 ? 11.351  -23.896 8.802   1.00 25.85 ? 50  ARG A NH1 1 
ATOM   393  N  NH2 . ARG A 1 50 ? 12.665  -25.770 8.576   1.00 25.96 ? 50  ARG A NH2 1 
ATOM   394  N  N   . TYR A 1 51 ? 6.298   -25.700 6.368   1.00 12.82 ? 51  TYR A N   1 
ATOM   395  C  CA  . TYR A 1 51 ? 5.851   -25.041 5.144   1.00 13.49 ? 51  TYR A CA  1 
ATOM   396  C  C   . TYR A 1 51 ? 4.353   -24.764 5.233   1.00 15.69 ? 51  TYR A C   1 
ATOM   397  O  O   . TYR A 1 51 ? 3.891   -23.674 4.903   1.00 15.57 ? 51  TYR A O   1 
ATOM   398  C  CB  . TYR A 1 51 ? 6.131   -25.906 3.911   1.00 14.08 ? 51  TYR A CB  1 
ATOM   399  C  CG  . TYR A 1 51 ? 5.561   -25.307 2.642   1.00 13.76 ? 51  TYR A CG  1 
ATOM   400  C  CD1 . TYR A 1 51 ? 6.159   -24.200 2.039   1.00 14.15 ? 51  TYR A CD1 1 
ATOM   401  C  CD2 . TYR A 1 51 ? 4.384   -25.806 2.082   1.00 13.71 ? 51  TYR A CD2 1 
ATOM   402  C  CE1 . TYR A 1 51 ? 5.597   -23.602 0.913   1.00 13.79 ? 51  TYR A CE1 1 
ATOM   403  C  CE2 . TYR A 1 51 ? 3.812   -25.218 0.958   1.00 15.32 ? 51  TYR A CE2 1 
ATOM   404  C  CZ  . TYR A 1 51 ? 4.422   -24.116 0.377   1.00 14.24 ? 51  TYR A CZ  1 
ATOM   405  O  OH  . TYR A 1 51 ? 3.855   -23.521 -0.725  1.00 16.30 ? 51  TYR A OH  1 
ATOM   406  N  N   . VAL A 1 52 ? 3.593   -25.759 5.679   1.00 14.94 ? 52  VAL A N   1 
ATOM   407  C  CA  . VAL A 1 52 ? 2.148   -25.593 5.811   1.00 17.93 ? 52  VAL A CA  1 
ATOM   408  C  C   . VAL A 1 52 ? 1.830   -24.391 6.706   1.00 17.94 ? 52  VAL A C   1 
ATOM   409  O  O   . VAL A 1 52 ? 0.979   -23.559 6.375   1.00 18.90 ? 52  VAL A O   1 
ATOM   410  C  CB  . VAL A 1 52 ? 1.498   -26.859 6.415   1.00 19.95 ? 52  VAL A CB  1 
ATOM   411  C  CG1 . VAL A 1 52 ? 0.016   -26.613 6.680   1.00 22.52 ? 52  VAL A CG1 1 
ATOM   412  C  CG2 . VAL A 1 52 ? 1.682   -28.029 5.469   1.00 23.47 ? 52  VAL A CG2 1 
ATOM   413  N  N   . GLU A 1 53 ? 2.516   -24.302 7.839   1.00 17.08 ? 53  GLU A N   1 
ATOM   414  C  CA  . GLU A 1 53 ? 2.297   -23.193 8.766   1.00 19.56 ? 53  GLU A CA  1 
ATOM   415  C  C   . GLU A 1 53 ? 2.679   -21.871 8.106   1.00 18.59 ? 53  GLU A C   1 
ATOM   416  O  O   . GLU A 1 53 ? 1.975   -20.869 8.237   1.00 18.18 ? 53  GLU A O   1 
ATOM   417  C  CB  . GLU A 1 53 ? 3.139   -23.384 10.032  1.00 23.61 ? 53  GLU A CB  1 
ATOM   418  C  CG  . GLU A 1 53 ? 2.710   -24.549 10.915  1.00 31.89 ? 53  GLU A CG  1 
ATOM   419  C  CD  . GLU A 1 53 ? 3.603   -24.710 12.137  1.00 35.83 ? 53  GLU A CD  1 
ATOM   420  O  OE1 . GLU A 1 53 ? 4.786   -25.077 11.974  1.00 36.85 ? 53  GLU A OE1 1 
ATOM   421  O  OE2 . GLU A 1 53 ? 3.124   -24.461 13.263  1.00 40.49 ? 53  GLU A OE2 1 
ATOM   422  N  N   . TYR A 1 54 ? 3.798   -21.883 7.392   1.00 15.75 ? 54  TYR A N   1 
ATOM   423  C  CA  . TYR A 1 54 ? 4.310   -20.697 6.714   1.00 16.50 ? 54  TYR A CA  1 
ATOM   424  C  C   . TYR A 1 54 ? 3.300   -20.202 5.682   1.00 16.05 ? 54  TYR A C   1 
ATOM   425  O  O   . TYR A 1 54 ? 3.002   -19.014 5.603   1.00 16.34 ? 54  TYR A O   1 
ATOM   426  C  CB  . TYR A 1 54 ? 5.629   -21.045 6.023   1.00 15.16 ? 54  TYR A CB  1 
ATOM   427  C  CG  . TYR A 1 54 ? 6.592   -19.893 5.860   1.00 16.11 ? 54  TYR A CG  1 
ATOM   428  C  CD1 . TYR A 1 54 ? 7.007   -19.146 6.962   1.00 15.83 ? 54  TYR A CD1 1 
ATOM   429  C  CD2 . TYR A 1 54 ? 7.151   -19.595 4.613   1.00 14.99 ? 54  TYR A CD2 1 
ATOM   430  C  CE1 . TYR A 1 54 ? 7.959   -18.136 6.833   1.00 18.40 ? 54  TYR A CE1 1 
ATOM   431  C  CE2 . TYR A 1 54 ? 8.101   -18.590 4.472   1.00 15.52 ? 54  TYR A CE2 1 
ATOM   432  C  CZ  . TYR A 1 54 ? 8.504   -17.865 5.589   1.00 18.17 ? 54  TYR A CZ  1 
ATOM   433  O  OH  . TYR A 1 54 ? 9.469   -16.892 5.467   1.00 17.80 ? 54  TYR A OH  1 
ATOM   434  N  N   . ARG A 1 55 ? 2.783   -21.131 4.892   1.00 14.76 ? 55  ARG A N   1 
ATOM   435  C  CA  . ARG A 1 55 ? 1.808   -20.805 3.864   1.00 17.55 ? 55  ARG A CA  1 
ATOM   436  C  C   . ARG A 1 55 ? 0.558   -20.189 4.502   1.00 19.01 ? 55  ARG A C   1 
ATOM   437  O  O   . ARG A 1 55 ? 0.066   -19.152 4.053   1.00 17.30 ? 55  ARG A O   1 
ATOM   438  C  CB  . ARG A 1 55 ? 1.446   -22.075 3.098   1.00 20.21 ? 55  ARG A CB  1 
ATOM   439  C  CG  . ARG A 1 55 ? 0.287   -21.938 2.133   1.00 26.62 ? 55  ARG A CG  1 
ATOM   440  C  CD  . ARG A 1 55 ? -0.100  -23.304 1.588   1.00 34.66 ? 55  ARG A CD  1 
ATOM   441  N  NE  . ARG A 1 55 ? -1.421  -23.296 0.968   1.00 40.30 ? 55  ARG A NE  1 
ATOM   442  C  CZ  . ARG A 1 55 ? -2.048  -24.385 0.534   1.00 42.21 ? 55  ARG A CZ  1 
ATOM   443  N  NH1 . ARG A 1 55 ? -1.473  -25.575 0.652   1.00 44.65 ? 55  ARG A NH1 1 
ATOM   444  N  NH2 . ARG A 1 55 ? -3.250  -24.284 -0.020  1.00 45.34 ? 55  ARG A NH2 1 
ATOM   445  N  N   . ASP A 1 56 ? 0.063   -20.820 5.561   1.00 18.80 ? 56  ASP A N   1 
ATOM   446  C  CA  . ASP A 1 56 ? -1.133  -20.331 6.241   1.00 21.57 ? 56  ASP A CA  1 
ATOM   447  C  C   . ASP A 1 56 ? -0.921  -18.936 6.809   1.00 20.40 ? 56  ASP A C   1 
ATOM   448  O  O   . ASP A 1 56 ? -1.828  -18.100 6.795   1.00 20.13 ? 56  ASP A O   1 
ATOM   449  C  CB  . ASP A 1 56 ? -1.547  -21.282 7.368   1.00 26.57 ? 56  ASP A CB  1 
ATOM   450  C  CG  . ASP A 1 56 ? -2.003  -22.635 6.853   1.00 31.30 ? 56  ASP A CG  1 
ATOM   451  O  OD1 . ASP A 1 56 ? -2.641  -22.683 5.781   1.00 34.58 ? 56  ASP A OD1 1 
ATOM   452  O  OD2 . ASP A 1 56 ? -1.737  -23.652 7.531   1.00 36.06 ? 56  ASP A OD2 1 
ATOM   453  N  N   . LYS A 1 57 ? 0.284   -18.680 7.298   1.00 19.34 ? 57  LYS A N   1 
ATOM   454  C  CA  . LYS A 1 57 ? 0.605   -17.379 7.871   1.00 20.38 ? 57  LYS A CA  1 
ATOM   455  C  C   . LYS A 1 57 ? 0.733   -16.267 6.831   1.00 20.89 ? 57  LYS A C   1 
ATOM   456  O  O   . LYS A 1 57 ? 0.295   -15.139 7.061   1.00 20.31 ? 57  LYS A O   1 
ATOM   457  C  CB  . LYS A 1 57 ? 1.918   -17.463 8.651   1.00 21.26 ? 57  LYS A CB  1 
ATOM   458  C  CG  . LYS A 1 57 ? 2.440   -16.112 9.141   1.00 23.79 ? 57  LYS A CG  1 
ATOM   459  C  CD  . LYS A 1 57 ? 3.808   -16.243 9.804   1.00 26.76 ? 57  LYS A CD  1 
ATOM   460  C  CE  . LYS A 1 57 ? 4.308   -14.897 10.308  1.00 29.57 ? 57  LYS A CE  1 
ATOM   461  N  NZ  . LYS A 1 57 ? 5.627   -15.000 10.986  1.00 33.17 ? 57  LYS A NZ  1 
ATOM   462  N  N   . LEU A 1 58 ? 1.306   -16.592 5.678   1.00 19.31 ? 58  LEU A N   1 
ATOM   463  C  CA  . LEU A 1 58 ? 1.566   -15.576 4.663   1.00 19.69 ? 58  LEU A CA  1 
ATOM   464  C  C   . LEU A 1 58 ? 0.664   -15.389 3.453   1.00 18.03 ? 58  LEU A C   1 
ATOM   465  O  O   . LEU A 1 58 ? 0.520   -14.270 2.968   1.00 19.09 ? 58  LEU A O   1 
ATOM   466  C  CB  . LEU A 1 58 ? 3.002   -15.747 4.161   1.00 17.50 ? 58  LEU A CB  1 
ATOM   467  C  CG  . LEU A 1 58 ? 4.072   -15.739 5.254   1.00 19.75 ? 58  LEU A CG  1 
ATOM   468  C  CD1 . LEU A 1 58 ? 5.435   -16.018 4.634   1.00 19.33 ? 58  LEU A CD1 1 
ATOM   469  C  CD2 . LEU A 1 58 ? 4.075   -14.399 5.976   1.00 18.48 ? 58  LEU A CD2 1 
ATOM   470  N  N   . VAL A 1 59 ? 0.070   -16.458 2.944   1.00 17.36 ? 59  VAL A N   1 
ATOM   471  C  CA  . VAL A 1 59 ? -0.751  -16.317 1.752   1.00 18.42 ? 59  VAL A CA  1 
ATOM   472  C  C   . VAL A 1 59 ? -1.821  -15.236 1.857   1.00 18.66 ? 59  VAL A C   1 
ATOM   473  O  O   . VAL A 1 59 ? -2.555  -15.156 2.846   1.00 17.98 ? 59  VAL A O   1 
ATOM   474  C  CB  . VAL A 1 59 ? -1.395  -17.657 1.353   1.00 19.79 ? 59  VAL A CB  1 
ATOM   475  C  CG1 . VAL A 1 59 ? -2.336  -17.452 0.171   1.00 21.77 ? 59  VAL A CG1 1 
ATOM   476  C  CG2 . VAL A 1 59 ? -0.306  -18.650 0.973   1.00 18.39 ? 59  VAL A CG2 1 
ATOM   477  N  N   . GLY A 1 60 ? -1.879  -14.398 0.824   1.00 19.56 ? 60  GLY A N   1 
ATOM   478  C  CA  . GLY A 1 60 ? -2.851  -13.320 0.770   1.00 19.81 ? 60  GLY A CA  1 
ATOM   479  C  C   . GLY A 1 60 ? -2.477  -12.084 1.561   1.00 20.84 ? 60  GLY A C   1 
ATOM   480  O  O   . GLY A 1 60 ? -3.176  -11.071 1.497   1.00 21.43 ? 60  GLY A O   1 
ATOM   481  N  N   . LYS A 1 61 ? -1.372  -12.153 2.296   1.00 18.40 ? 61  LYS A N   1 
ATOM   482  C  CA  . LYS A 1 61 ? -0.935  -11.031 3.115   1.00 20.15 ? 61  LYS A CA  1 
ATOM   483  C  C   . LYS A 1 61 ? 0.060   -10.118 2.414   1.00 19.05 ? 61  LYS A C   1 
ATOM   484  O  O   . LYS A 1 61 ? 0.852   -10.564 1.578   1.00 16.89 ? 61  LYS A O   1 
ATOM   485  C  CB  . LYS A 1 61 ? -0.301  -11.540 4.414   1.00 22.21 ? 61  LYS A CB  1 
ATOM   486  C  CG  . LYS A 1 61 ? -1.180  -12.487 5.218   1.00 26.12 ? 61  LYS A CG  1 
ATOM   487  C  CD  . LYS A 1 61 ? -2.430  -11.800 5.745   1.00 28.20 ? 61  LYS A CD  1 
ATOM   488  C  CE  . LYS A 1 61 ? -3.312  -12.785 6.498   1.00 30.96 ? 61  LYS A CE  1 
ATOM   489  N  NZ  . LYS A 1 61 ? -4.543  -12.143 7.034   1.00 33.27 ? 61  LYS A NZ  1 
ATOM   490  N  N   . THR A 1 62 ? 0.006   -8.835  2.761   1.00 18.00 ? 62  THR A N   1 
ATOM   491  C  CA  . THR A 1 62 ? 0.925   -7.850  2.209   1.00 19.37 ? 62  THR A CA  1 
ATOM   492  C  C   . THR A 1 62 ? 2.085   -7.839  3.184   1.00 19.87 ? 62  THR A C   1 
ATOM   493  O  O   . THR A 1 62 ? 1.900   -7.644  4.390   1.00 21.09 ? 62  THR A O   1 
ATOM   494  C  CB  . THR A 1 62 ? 0.279   -6.449  2.135   1.00 20.87 ? 62  THR A CB  1 
ATOM   495  O  OG1 . THR A 1 62 ? -0.795  -6.481  1.193   1.00 22.31 ? 62  THR A OG1 1 
ATOM   496  C  CG2 . THR A 1 62 ? 1.295   -5.409  1.689   1.00 23.00 ? 62  THR A CG2 1 
ATOM   497  N  N   . VAL A 1 63 ? 3.287   -8.057  2.670   1.00 17.88 ? 63  VAL A N   1 
ATOM   498  C  CA  . VAL A 1 63 ? 4.450   -8.122  3.527   1.00 18.44 ? 63  VAL A CA  1 
ATOM   499  C  C   . VAL A 1 63 ? 5.658   -7.398  2.969   1.00 20.14 ? 63  VAL A C   1 
ATOM   500  O  O   . VAL A 1 63 ? 5.648   -6.896  1.837   1.00 20.45 ? 63  VAL A O   1 
ATOM   501  C  CB  . VAL A 1 63 ? 4.859   -9.589  3.744   1.00 18.27 ? 63  VAL A CB  1 
ATOM   502  C  CG1 . VAL A 1 63 ? 3.658   -10.400 4.206   1.00 17.41 ? 63  VAL A CG1 1 
ATOM   503  C  CG2 . VAL A 1 63 ? 5.400   -10.169 2.437   1.00 16.35 ? 63  VAL A CG2 1 
ATOM   504  N  N   . LYS A 1 64 ? 6.699   -7.350  3.789   1.00 19.06 ? 64  LYS A N   1 
ATOM   505  C  CA  . LYS A 1 64 ? 7.960   -6.752  3.402   1.00 19.58 ? 64  LYS A CA  1 
ATOM   506  C  C   . LYS A 1 64 ? 8.913   -7.922  3.240   1.00 18.04 ? 64  LYS A C   1 
ATOM   507  O  O   . LYS A 1 64 ? 8.922   -8.836  4.065   1.00 19.26 ? 64  LYS A O   1 
ATOM   508  C  CB  . LYS A 1 64 ? 8.471   -5.807  4.489   1.00 22.12 ? 64  LYS A CB  1 
ATOM   509  C  CG  . LYS A 1 64 ? 7.767   -4.465  4.512   1.00 24.94 ? 64  LYS A CG  1 
ATOM   510  C  CD  . LYS A 1 64 ? 8.286   -3.604  5.651   1.00 29.81 ? 64  LYS A CD  1 
ATOM   511  C  CE  . LYS A 1 64 ? 7.605   -2.248  5.673   1.00 31.96 ? 64  LYS A CE  1 
ATOM   512  N  NZ  . LYS A 1 64 ? 8.056   -1.418  6.827   1.00 34.36 ? 64  LYS A NZ  1 
ATOM   513  N  N   . VAL A 1 65 ? 9.698   -7.900  2.170   1.00 16.07 ? 65  VAL A N   1 
ATOM   514  C  CA  . VAL A 1 65 ? 10.654  -8.959  1.902   1.00 15.51 ? 65  VAL A CA  1 
ATOM   515  C  C   . VAL A 1 65 ? 12.001  -8.355  1.563   1.00 15.07 ? 65  VAL A C   1 
ATOM   516  O  O   . VAL A 1 65 ? 12.087  -7.217  1.102   1.00 16.50 ? 65  VAL A O   1 
ATOM   517  C  CB  . VAL A 1 65 ? 10.208  -9.836  0.721   1.00 15.29 ? 65  VAL A CB  1 
ATOM   518  C  CG1 . VAL A 1 65 ? 8.883   -10.514 1.055   1.00 13.57 ? 65  VAL A CG1 1 
ATOM   519  C  CG2 . VAL A 1 65 ? 10.071  -8.982  -0.536  1.00 17.14 ? 65  VAL A CG2 1 
ATOM   520  N  N   . LYS A 1 66 ? 13.059  -9.117  1.799   1.00 15.08 ? 66  LYS A N   1 
ATOM   521  C  CA  . LYS A 1 66 ? 14.399  -8.656  1.493   1.00 17.46 ? 66  LYS A CA  1 
ATOM   522  C  C   . LYS A 1 66 ? 14.844  -9.327  0.198   1.00 17.60 ? 66  LYS A C   1 
ATOM   523  O  O   . LYS A 1 66 ? 14.714  -10.541 0.044   1.00 15.96 ? 66  LYS A O   1 
ATOM   524  C  CB  . LYS A 1 66 ? 15.361  -9.029  2.623   1.00 19.51 ? 66  LYS A CB  1 
ATOM   525  C  CG  . LYS A 1 66 ? 16.796  -8.570  2.400   1.00 25.28 ? 66  LYS A CG  1 
ATOM   526  C  CD  . LYS A 1 66 ? 17.722  -9.126  3.477   1.00 29.75 ? 66  LYS A CD  1 
ATOM   527  C  CE  . LYS A 1 66 ? 19.169  -8.728  3.228   1.00 33.41 ? 66  LYS A CE  1 
ATOM   528  N  NZ  . LYS A 1 66 ? 20.095  -9.355  4.215   1.00 36.09 ? 66  LYS A NZ  1 
ATOM   529  N  N   . VAL A 1 67 ? 15.355  -8.527  -0.731  1.00 15.70 ? 67  VAL A N   1 
ATOM   530  C  CA  . VAL A 1 67 ? 15.830  -9.039  -2.009  1.00 15.88 ? 67  VAL A CA  1 
ATOM   531  C  C   . VAL A 1 67 ? 17.162  -9.751  -1.832  1.00 18.23 ? 67  VAL A C   1 
ATOM   532  O  O   . VAL A 1 67 ? 18.083  -9.220  -1.209  1.00 17.98 ? 67  VAL A O   1 
ATOM   533  C  CB  . VAL A 1 67 ? 16.017  -7.896  -3.022  1.00 15.60 ? 67  VAL A CB  1 
ATOM   534  C  CG1 . VAL A 1 67 ? 16.582  -8.442  -4.333  1.00 13.94 ? 67  VAL A CG1 1 
ATOM   535  C  CG2 . VAL A 1 67 ? 14.690  -7.194  -3.243  1.00 15.56 ? 67  VAL A CG2 1 
ATOM   536  N  N   . ILE A 1 68 ? 17.267  -10.958 -2.375  1.00 17.75 ? 68  ILE A N   1 
ATOM   537  C  CA  . ILE A 1 68 ? 18.508  -11.702 -2.258  1.00 19.29 ? 68  ILE A CA  1 
ATOM   538  C  C   . ILE A 1 68 ? 19.186  -11.933 -3.604  1.00 19.79 ? 68  ILE A C   1 
ATOM   539  O  O   . ILE A 1 68 ? 20.409  -12.026 -3.675  1.00 19.71 ? 68  ILE A O   1 
ATOM   540  C  CB  . ILE A 1 68 ? 18.276  -13.050 -1.544  1.00 22.23 ? 68  ILE A CB  1 
ATOM   541  C  CG1 . ILE A 1 68 ? 17.296  -13.910 -2.338  1.00 24.02 ? 68  ILE A CG1 1 
ATOM   542  C  CG2 . ILE A 1 68 ? 17.725  -12.797 -0.137  1.00 22.59 ? 68  ILE A CG2 1 
ATOM   543  C  CD1 . ILE A 1 68 ? 17.069  -15.290 -1.737  1.00 28.07 ? 68  ILE A CD1 1 
ATOM   544  N  N   . ARG A 1 69 ? 18.402  -11.994 -4.678  1.00 17.75 ? 69  ARG A N   1 
ATOM   545  C  CA  . ARG A 1 69 ? 18.963  -12.221 -6.007  1.00 17.73 ? 69  ARG A CA  1 
ATOM   546  C  C   . ARG A 1 69 ? 18.039  -11.691 -7.100  1.00 17.72 ? 69  ARG A C   1 
ATOM   547  O  O   . ARG A 1 69 ? 16.817  -11.805 -6.992  1.00 16.05 ? 69  ARG A O   1 
ATOM   548  C  CB  . ARG A 1 69 ? 19.201  -13.724 -6.210  1.00 21.71 ? 69  ARG A CB  1 
ATOM   549  C  CG  . ARG A 1 69 ? 19.700  -14.127 -7.590  1.00 27.15 ? 69  ARG A CG  1 
ATOM   550  C  CD  . ARG A 1 69 ? 19.907  -15.639 -7.659  1.00 32.04 ? 69  ARG A CD  1 
ATOM   551  N  NE  . ARG A 1 69 ? 20.517  -16.077 -8.914  1.00 36.69 ? 69  ARG A NE  1 
ATOM   552  C  CZ  . ARG A 1 69 ? 19.866  -16.228 -10.064 1.00 38.62 ? 69  ARG A CZ  1 
ATOM   553  N  NH1 . ARG A 1 69 ? 18.566  -15.978 -10.143 1.00 38.73 ? 69  ARG A NH1 1 
ATOM   554  N  NH2 . ARG A 1 69 ? 20.522  -16.633 -11.143 1.00 40.26 ? 69  ARG A NH2 1 
ATOM   555  N  N   . VAL A 1 70 ? 18.627  -11.108 -8.144  1.00 15.05 ? 70  VAL A N   1 
ATOM   556  C  CA  . VAL A 1 70 ? 17.850  -10.572 -9.263  1.00 15.80 ? 70  VAL A CA  1 
ATOM   557  C  C   . VAL A 1 70 ? 18.385  -11.044 -10.618 1.00 17.06 ? 70  VAL A C   1 
ATOM   558  O  O   . VAL A 1 70 ? 19.553  -10.833 -10.944 1.00 18.67 ? 70  VAL A O   1 
ATOM   559  C  CB  . VAL A 1 70 ? 17.842  -9.021  -9.272  1.00 15.69 ? 70  VAL A CB  1 
ATOM   560  C  CG1 . VAL A 1 70 ? 17.061  -8.511  -10.481 1.00 15.77 ? 70  VAL A CG1 1 
ATOM   561  C  CG2 . VAL A 1 70 ? 17.236  -8.487  -7.988  1.00 15.44 ? 70  VAL A CG2 1 
ATOM   562  N  N   . ASP A 1 71 ? 17.524  -11.702 -11.390 1.00 15.47 ? 71  ASP A N   1 
ATOM   563  C  CA  . ASP A 1 71 ? 17.868  -12.175 -12.731 1.00 15.43 ? 71  ASP A CA  1 
ATOM   564  C  C   . ASP A 1 71 ? 17.061  -11.269 -13.659 1.00 15.06 ? 71  ASP A C   1 
ATOM   565  O  O   . ASP A 1 71 ? 15.908  -11.564 -13.972 1.00 15.13 ? 71  ASP A O   1 
ATOM   566  C  CB  . ASP A 1 71 ? 17.431  -13.635 -12.919 1.00 16.94 ? 71  ASP A CB  1 
ATOM   567  C  CG  . ASP A 1 71 ? 17.727  -14.162 -14.318 1.00 20.13 ? 71  ASP A CG  1 
ATOM   568  O  OD1 . ASP A 1 71 ? 18.028  -13.351 -15.217 1.00 19.91 ? 71  ASP A OD1 1 
ATOM   569  O  OD2 . ASP A 1 71 ? 17.647  -15.391 -14.525 1.00 23.86 ? 71  ASP A OD2 1 
ATOM   570  N  N   . TYR A 1 72 ? 17.659  -10.165 -14.098 1.00 12.72 ? 72  TYR A N   1 
ATOM   571  C  CA  . TYR A 1 72 ? 16.935  -9.225  -14.950 1.00 14.72 ? 72  TYR A CA  1 
ATOM   572  C  C   . TYR A 1 72 ? 16.777  -9.668  -16.401 1.00 14.91 ? 72  TYR A C   1 
ATOM   573  O  O   . TYR A 1 72 ? 15.907  -9.176  -17.114 1.00 18.99 ? 72  TYR A O   1 
ATOM   574  C  CB  . TYR A 1 72 ? 17.589  -7.841  -14.877 1.00 16.62 ? 72  TYR A CB  1 
ATOM   575  C  CG  . TYR A 1 72 ? 19.012  -7.789  -15.369 1.00 14.88 ? 72  TYR A CG  1 
ATOM   576  C  CD1 . TYR A 1 72 ? 19.296  -7.665  -16.728 1.00 16.11 ? 72  TYR A CD1 1 
ATOM   577  C  CD2 . TYR A 1 72 ? 20.079  -7.865  -14.474 1.00 18.05 ? 72  TYR A CD2 1 
ATOM   578  C  CE1 . TYR A 1 72 ? 20.612  -7.614  -17.186 1.00 16.59 ? 72  TYR A CE1 1 
ATOM   579  C  CE2 . TYR A 1 72 ? 21.395  -7.817  -14.916 1.00 18.26 ? 72  TYR A CE2 1 
ATOM   580  C  CZ  . TYR A 1 72 ? 21.655  -7.690  -16.269 1.00 20.47 ? 72  TYR A CZ  1 
ATOM   581  O  OH  . TYR A 1 72 ? 22.956  -7.631  -16.703 1.00 23.67 ? 72  TYR A OH  1 
ATOM   582  N  N   . THR A 1 73 ? 17.609  -10.602 -16.840 1.00 13.91 ? 73  THR A N   1 
ATOM   583  C  CA  . THR A 1 73 ? 17.520  -11.091 -18.207 1.00 15.11 ? 73  THR A CA  1 
ATOM   584  C  C   . THR A 1 73 ? 16.299  -11.994 -18.361 1.00 15.81 ? 73  THR A C   1 
ATOM   585  O  O   . THR A 1 73 ? 15.547  -11.871 -19.333 1.00 16.31 ? 73  THR A O   1 
ATOM   586  C  CB  . THR A 1 73 ? 18.779  -11.891 -18.587 1.00 17.30 ? 73  THR A CB  1 
ATOM   587  O  OG1 . THR A 1 73 ? 19.927  -11.043 -18.485 1.00 19.91 ? 73  THR A OG1 1 
ATOM   588  C  CG2 . THR A 1 73 ? 18.671  -12.432 -20.011 1.00 18.83 ? 73  THR A CG2 1 
ATOM   589  N  N   . LYS A 1 74 ? 16.098  -12.884 -17.391 1.00 14.31 ? 74  LYS A N   1 
ATOM   590  C  CA  . LYS A 1 74 ? 14.980  -13.834 -17.432 1.00 15.07 ? 74  LYS A CA  1 
ATOM   591  C  C   . LYS A 1 74 ? 13.725  -13.383 -16.693 1.00 14.30 ? 74  LYS A C   1 
ATOM   592  O  O   . LYS A 1 74 ? 12.656  -13.964 -16.875 1.00 14.57 ? 74  LYS A O   1 
ATOM   593  C  CB  . LYS A 1 74 ? 15.414  -15.181 -16.861 1.00 17.94 ? 74  LYS A CB  1 
ATOM   594  C  CG  . LYS A 1 74 ? 16.738  -15.677 -17.386 1.00 26.87 ? 74  LYS A CG  1 
ATOM   595  C  CD  . LYS A 1 74 ? 16.699  -15.914 -18.870 1.00 31.53 ? 74  LYS A CD  1 
ATOM   596  C  CE  . LYS A 1 74 ? 18.032  -16.473 -19.348 1.00 35.17 ? 74  LYS A CE  1 
ATOM   597  N  NZ  . LYS A 1 74 ? 18.022  -16.724 -20.809 1.00 37.82 ? 74  LYS A NZ  1 
ATOM   598  N  N   . GLY A 1 75 ? 13.863  -12.380 -15.835 1.00 14.20 ? 75  GLY A N   1 
ATOM   599  C  CA  . GLY A 1 75 ? 12.714  -11.877 -15.103 1.00 15.44 ? 75  GLY A CA  1 
ATOM   600  C  C   . GLY A 1 75 ? 12.390  -12.584 -13.801 1.00 14.13 ? 75  GLY A C   1 
ATOM   601  O  O   . GLY A 1 75 ? 11.219  -12.793 -13.487 1.00 11.91 ? 75  GLY A O   1 
ATOM   602  N  N   . TYR A 1 76 ? 13.414  -12.942 -13.028 1.00 13.01 ? 76  TYR A N   1 
ATOM   603  C  CA  . TYR A 1 76 ? 13.184  -13.613 -11.753 1.00 13.10 ? 76  TYR A CA  1 
ATOM   604  C  C   . TYR A 1 76 ? 13.870  -12.901 -10.609 1.00 13.67 ? 76  TYR A C   1 
ATOM   605  O  O   . TYR A 1 76 ? 14.959  -12.355 -10.771 1.00 14.40 ? 76  TYR A O   1 
ATOM   606  C  CB  . TYR A 1 76 ? 13.697  -15.052 -11.784 1.00 14.23 ? 76  TYR A CB  1 
ATOM   607  C  CG  . TYR A 1 76 ? 12.986  -15.916 -12.784 1.00 14.73 ? 76  TYR A CG  1 
ATOM   608  C  CD1 . TYR A 1 76 ? 13.527  -16.144 -14.048 1.00 15.54 ? 76  TYR A CD1 1 
ATOM   609  C  CD2 . TYR A 1 76 ? 11.754  -16.487 -12.476 1.00 17.93 ? 76  TYR A CD2 1 
ATOM   610  C  CE1 . TYR A 1 76 ? 12.853  -16.929 -14.984 1.00 15.76 ? 76  TYR A CE1 1 
ATOM   611  C  CE2 . TYR A 1 76 ? 11.073  -17.268 -13.400 1.00 19.35 ? 76  TYR A CE2 1 
ATOM   612  C  CZ  . TYR A 1 76 ? 11.628  -17.486 -14.649 1.00 18.42 ? 76  TYR A CZ  1 
ATOM   613  O  OH  . TYR A 1 76 ? 10.956  -18.277 -15.551 1.00 17.94 ? 76  TYR A OH  1 
ATOM   614  N  N   . ILE A 1 77 ? 13.223  -12.924 -9.451  1.00 13.02 ? 77  ILE A N   1 
ATOM   615  C  CA  . ILE A 1 77 ? 13.768  -12.315 -8.247  1.00 13.76 ? 77  ILE A CA  1 
ATOM   616  C  C   . ILE A 1 77 ? 13.541  -13.279 -7.091  1.00 15.33 ? 77  ILE A C   1 
ATOM   617  O  O   . ILE A 1 77 ? 12.463  -13.865 -6.970  1.00 15.51 ? 77  ILE A O   1 
ATOM   618  C  CB  . ILE A 1 77 ? 13.072  -10.973 -7.913  1.00 12.53 ? 77  ILE A CB  1 
ATOM   619  C  CG1 . ILE A 1 77 ? 13.389  -9.936  -8.998  1.00 15.44 ? 77  ILE A CG1 1 
ATOM   620  C  CG2 . ILE A 1 77 ? 13.535  -10.468 -6.546  1.00 13.73 ? 77  ILE A CG2 1 
ATOM   621  C  CD1 . ILE A 1 77 ? 12.704  -8.603  -8.784  1.00 14.82 ? 77  ILE A CD1 1 
ATOM   622  N  N   . ASP A 1 78 ? 14.570  -13.478 -6.268  1.00 14.33 ? 78  ASP A N   1 
ATOM   623  C  CA  . ASP A 1 78 ? 14.442  -14.341 -5.100  1.00 15.80 ? 78  ASP A CA  1 
ATOM   624  C  C   . ASP A 1 78 ? 14.432  -13.430 -3.880  1.00 15.39 ? 78  ASP A C   1 
ATOM   625  O  O   . ASP A 1 78 ? 15.236  -12.500 -3.788  1.00 15.20 ? 78  ASP A O   1 
ATOM   626  C  CB  . ASP A 1 78 ? 15.613  -15.322 -4.974  1.00 19.14 ? 78  ASP A CB  1 
ATOM   627  C  CG  . ASP A 1 78 ? 15.709  -16.272 -6.144  1.00 24.10 ? 78  ASP A CG  1 
ATOM   628  O  OD1 . ASP A 1 78 ? 14.685  -16.503 -6.821  1.00 28.14 ? 78  ASP A OD1 1 
ATOM   629  O  OD2 . ASP A 1 78 ? 16.816  -16.797 -6.378  1.00 27.85 ? 78  ASP A OD2 1 
ATOM   630  N  N   . VAL A 1 79 ? 13.518  -13.683 -2.951  1.00 12.45 ? 79  VAL A N   1 
ATOM   631  C  CA  . VAL A 1 79 ? 13.430  -12.861 -1.751  1.00 13.51 ? 79  VAL A CA  1 
ATOM   632  C  C   . VAL A 1 79 ? 13.232  -13.720 -0.509  1.00 13.09 ? 79  VAL A C   1 
ATOM   633  O  O   . VAL A 1 79 ? 13.002  -14.925 -0.604  1.00 13.43 ? 79  VAL A O   1 
ATOM   634  C  CB  . VAL A 1 79 ? 12.242  -11.862 -1.829  1.00 12.23 ? 79  VAL A CB  1 
ATOM   635  C  CG1 . VAL A 1 79 ? 12.328  -11.039 -3.113  1.00 15.38 ? 79  VAL A CG1 1 
ATOM   636  C  CG2 . VAL A 1 79 ? 10.911  -12.624 -1.770  1.00 14.52 ? 79  VAL A CG2 1 
ATOM   637  N  N   . ASN A 1 80 ? 13.349  -13.089 0.655   1.00 14.10 ? 80  ASN A N   1 
ATOM   638  C  CA  . ASN A 1 80 ? 13.114  -13.762 1.930   1.00 15.52 ? 80  ASN A CA  1 
ATOM   639  C  C   . ASN A 1 80 ? 12.094  -12.919 2.676   1.00 15.20 ? 80  ASN A C   1 
ATOM   640  O  O   . ASN A 1 80 ? 12.201  -11.693 2.705   1.00 16.82 ? 80  ASN A O   1 
ATOM   641  C  CB  . ASN A 1 80 ? 14.379  -13.841 2.796   1.00 16.57 ? 80  ASN A CB  1 
ATOM   642  C  CG  . ASN A 1 80 ? 15.374  -14.875 2.311   1.00 19.64 ? 80  ASN A CG  1 
ATOM   643  O  OD1 . ASN A 1 80 ? 15.006  -15.911 1.745   1.00 22.30 ? 80  ASN A OD1 1 
ATOM   644  N  ND2 . ASN A 1 80 ? 16.650  -14.612 2.561   1.00 18.74 ? 80  ASN A ND2 1 
ATOM   645  N  N   . TYR A 1 81 ? 11.100  -13.571 3.262   1.00 16.19 ? 81  TYR A N   1 
ATOM   646  C  CA  . TYR A 1 81 ? 10.084  -12.866 4.036   1.00 17.18 ? 81  TYR A CA  1 
ATOM   647  C  C   . TYR A 1 81 ? 10.755  -12.179 5.221   1.00 19.23 ? 81  TYR A C   1 
ATOM   648  O  O   . TYR A 1 81 ? 11.587  -12.777 5.901   1.00 17.89 ? 81  TYR A O   1 
ATOM   649  C  CB  . TYR A 1 81 ? 9.045   -13.854 4.559   1.00 19.93 ? 81  TYR A CB  1 
ATOM   650  C  CG  . TYR A 1 81 ? 8.197   -13.306 5.686   1.00 22.25 ? 81  TYR A CG  1 
ATOM   651  C  CD1 . TYR A 1 81 ? 7.233   -12.325 5.452   1.00 24.32 ? 81  TYR A CD1 1 
ATOM   652  C  CD2 . TYR A 1 81 ? 8.366   -13.764 6.992   1.00 24.02 ? 81  TYR A CD2 1 
ATOM   653  C  CE1 . TYR A 1 81 ? 6.455   -11.814 6.498   1.00 24.64 ? 81  TYR A CE1 1 
ATOM   654  C  CE2 . TYR A 1 81 ? 7.597   -13.261 8.039   1.00 24.10 ? 81  TYR A CE2 1 
ATOM   655  C  CZ  . TYR A 1 81 ? 6.646   -12.289 7.786   1.00 25.09 ? 81  TYR A CZ  1 
ATOM   656  O  OH  . TYR A 1 81 ? 5.893   -11.797 8.825   1.00 25.08 ? 81  TYR A OH  1 
ATOM   657  N  N   . LYS A 1 82 ? 10.380  -10.929 5.473   1.00 22.09 ? 82  LYS A N   1 
ATOM   658  C  CA  . LYS A 1 82 ? 10.945  -10.178 6.585   1.00 26.26 ? 82  LYS A CA  1 
ATOM   659  C  C   . LYS A 1 82 ? 9.903   -9.908  7.671   1.00 27.99 ? 82  LYS A C   1 
ATOM   660  O  O   . LYS A 1 82 ? 10.019  -10.405 8.791   1.00 28.28 ? 82  LYS A O   1 
ATOM   661  C  CB  . LYS A 1 82 ? 11.524  -8.852  6.089   1.00 28.80 ? 82  LYS A CB  1 
ATOM   662  C  CG  . LYS A 1 82 ? 12.163  -8.012  7.183   1.00 33.43 ? 82  LYS A CG  1 
ATOM   663  C  CD  . LYS A 1 82 ? 12.614  -6.663  6.651   1.00 36.47 ? 82  LYS A CD  1 
ATOM   664  C  CE  . LYS A 1 82 ? 13.142  -5.782  7.771   1.00 38.38 ? 82  LYS A CE  1 
ATOM   665  N  NZ  . LYS A 1 82 ? 14.314  -6.402  8.444   1.00 41.72 ? 82  LYS A NZ  1 
ATOM   666  N  N   . ARG A 1 83 ? 8.880   -9.128  7.338   1.00 29.40 ? 83  ARG A N   1 
ATOM   667  C  CA  . ARG A 1 83 ? 7.846   -8.794  8.314   1.00 32.48 ? 83  ARG A CA  1 
ATOM   668  C  C   . ARG A 1 83 ? 6.501   -8.489  7.675   1.00 32.04 ? 83  ARG A C   1 
ATOM   669  O  O   . ARG A 1 83 ? 6.397   -8.285  6.466   1.00 31.21 ? 83  ARG A O   1 
ATOM   670  C  CB  . ARG A 1 83 ? 8.269   -7.574  9.136   1.00 35.00 ? 83  ARG A CB  1 
ATOM   671  C  CG  . ARG A 1 83 ? 9.643   -7.666  9.771   1.00 42.50 ? 83  ARG A CG  1 
ATOM   672  C  CD  . ARG A 1 83 ? 10.006  -6.357  10.451  1.00 46.43 ? 83  ARG A CD  1 
ATOM   673  N  NE  . ARG A 1 83 ? 11.382  -6.346  10.935  1.00 50.08 ? 83  ARG A NE  1 
ATOM   674  C  CZ  . ARG A 1 83 ? 11.939  -5.320  11.571  1.00 51.79 ? 83  ARG A CZ  1 
ATOM   675  N  NH1 . ARG A 1 83 ? 11.232  -4.220  11.799  1.00 52.56 ? 83  ARG A NH1 1 
ATOM   676  N  NH2 . ARG A 1 83 ? 13.199  -5.389  11.977  1.00 53.42 ? 83  ARG A NH2 1 
HETATM 677  N  N   . MSE A 1 84 ? 5.474   -8.445  8.515   1.00 33.49 ? 84  MSE A N   1 
HETATM 678  C  CA  . MSE A 1 84 ? 4.113   -8.142  8.088   1.00 37.51 ? 84  MSE A CA  1 
HETATM 679  C  C   . MSE A 1 84 ? 3.957   -6.634  7.932   1.00 37.80 ? 84  MSE A C   1 
HETATM 680  O  O   . MSE A 1 84 ? 4.625   -5.865  8.621   1.00 37.53 ? 84  MSE A O   1 
HETATM 681  C  CB  . MSE A 1 84 ? 3.116   -8.641  9.135   1.00 39.26 ? 84  MSE A CB  1 
HETATM 682  C  CG  . MSE A 1 84 ? 2.840   -10.123 9.075   1.00 44.13 ? 84  MSE A CG  1 
HETATM 683  SE SE  . MSE A 1 84 ? 1.654   -10.521 7.616   1.00 47.35 ? 84  MSE A SE  1 
HETATM 684  C  CE  . MSE A 1 84 ? 0.013   -10.714 8.617   1.00 46.96 ? 84  MSE A CE  1 
ATOM   685  N  N   . CYS A 1 85 ? 3.077   -6.213  7.027   1.00 40.08 ? 85  CYS A N   1 
ATOM   686  C  CA  . CYS A 1 85 ? 2.833   -4.790  6.807   1.00 42.27 ? 85  CYS A CA  1 
ATOM   687  C  C   . CYS A 1 85 ? 1.704   -4.295  7.701   1.00 45.46 ? 85  CYS A C   1 
ATOM   688  O  O   . CYS A 1 85 ? 1.085   -5.077  8.422   1.00 45.78 ? 85  CYS A O   1 
ATOM   689  C  CB  . CYS A 1 85 ? 2.464   -4.521  5.347   1.00 39.78 ? 85  CYS A CB  1 
ATOM   690  S  SG  . CYS A 1 85 ? 3.851   -4.528  4.203   1.00 34.27 ? 85  CYS A SG  1 
ATOM   691  N  N   . ARG A 1 86 ? 1.439   -2.993  7.647   1.00 49.94 ? 86  ARG A N   1 
ATOM   692  C  CA  . ARG A 1 86 ? 0.372   -2.394  8.440   1.00 53.34 ? 86  ARG A CA  1 
ATOM   693  C  C   . ARG A 1 86 ? -0.968  -2.709  7.786   1.00 55.86 ? 86  ARG A C   1 
ATOM   694  O  O   . ARG A 1 86 ? -2.003  -2.744  8.452   1.00 57.01 ? 86  ARG A O   1 
ATOM   695  C  CB  . ARG A 1 86 ? 0.571   -0.887  8.533   1.00 53.98 ? 86  ARG A CB  1 
ATOM   696  N  N   . HIS A 1 87 ? -0.936  -2.938  6.476   1.00 58.56 ? 87  HIS A N   1 
ATOM   697  C  CA  . HIS A 1 87 ? -2.135  -3.262  5.712   1.00 60.88 ? 87  HIS A CA  1 
ATOM   698  C  C   . HIS A 1 87 ? -2.361  -4.770  5.721   1.00 62.72 ? 87  HIS A C   1 
ATOM   699  O  O   . HIS A 1 87 ? -3.492  -5.242  5.577   1.00 63.16 ? 87  HIS A O   1 
ATOM   700  C  CB  . HIS A 1 87 ? -1.991  -2.763  4.280   1.00 61.02 ? 87  HIS A CB  1 
ATOM   701  N  N   . GLN A 1 88 ? -1.274  -5.520  5.887   1.00 64.09 ? 88  GLN A N   1 
ATOM   702  C  CA  . GLN A 1 88 ? -1.331  -6.978  5.927   1.00 64.76 ? 88  GLN A CA  1 
ATOM   703  C  C   . GLN A 1 88 ? -1.968  -7.557  4.668   1.00 65.16 ? 88  GLN A C   1 
ATOM   704  O  O   . GLN A 1 88 ? -2.292  -6.773  3.751   1.00 66.05 ? 88  GLN A O   1 
ATOM   705  C  CB  . GLN A 1 88 ? -2.101  -7.435  7.161   1.00 65.07 ? 88  GLN A CB  1 
ATOM   706  O  OXT . GLN A 1 88 ? -2.133  -8.792  4.617   1.00 64.78 ? 88  GLN A OXT 1 
ATOM   707  N  N   . TYR B 1 6  ? 9.478   11.549  11.200  1.00 46.93 ? 6   TYR B N   1 
ATOM   708  C  CA  . TYR B 1 6  ? 9.084   10.535  10.176  1.00 47.25 ? 6   TYR B CA  1 
ATOM   709  C  C   . TYR B 1 6  ? 8.766   11.211  8.844   1.00 46.13 ? 6   TYR B C   1 
ATOM   710  O  O   . TYR B 1 6  ? 8.395   12.384  8.807   1.00 47.67 ? 6   TYR B O   1 
ATOM   711  C  CB  . TYR B 1 6  ? 7.874   9.746   10.665  1.00 47.95 ? 6   TYR B CB  1 
ATOM   712  N  N   . SER B 1 7  ? 8.912   10.462  7.757   1.00 43.43 ? 7   SER B N   1 
ATOM   713  C  CA  . SER B 1 7  ? 8.654   10.978  6.416   1.00 40.57 ? 7   SER B CA  1 
ATOM   714  C  C   . SER B 1 7  ? 7.386   11.822  6.301   1.00 37.88 ? 7   SER B C   1 
ATOM   715  O  O   . SER B 1 7  ? 6.426   11.642  7.053   1.00 36.93 ? 7   SER B O   1 
ATOM   716  C  CB  . SER B 1 7  ? 8.592   9.819   5.416   1.00 42.47 ? 7   SER B CB  1 
ATOM   717  O  OG  . SER B 1 7  ? 7.578   8.892   5.768   1.00 44.36 ? 7   SER B OG  1 
ATOM   718  N  N   . LEU B 1 8  ? 7.401   12.745  5.344   1.00 34.42 ? 8   LEU B N   1 
ATOM   719  C  CA  . LEU B 1 8  ? 6.274   13.639  5.091   1.00 31.71 ? 8   LEU B CA  1 
ATOM   720  C  C   . LEU B 1 8  ? 5.946   13.643  3.601   1.00 29.27 ? 8   LEU B C   1 
ATOM   721  O  O   . LEU B 1 8  ? 6.844   13.569  2.760   1.00 27.06 ? 8   LEU B O   1 
ATOM   722  C  CB  . LEU B 1 8  ? 6.623   15.069  5.516   1.00 31.30 ? 8   LEU B CB  1 
ATOM   723  C  CG  . LEU B 1 8  ? 6.984   15.336  6.979   1.00 31.31 ? 8   LEU B CG  1 
ATOM   724  C  CD1 . LEU B 1 8  ? 7.567   16.732  7.117   1.00 30.83 ? 8   LEU B CD1 1 
ATOM   725  C  CD2 . LEU B 1 8  ? 5.749   15.182  7.843   1.00 32.10 ? 8   LEU B CD2 1 
ATOM   726  N  N   . PRO B 1 9  ? 4.652   13.724  3.254   1.00 27.73 ? 9   PRO B N   1 
ATOM   727  C  CA  . PRO B 1 9  ? 4.282   13.741  1.841   1.00 28.00 ? 9   PRO B CA  1 
ATOM   728  C  C   . PRO B 1 9  ? 4.573   15.120  1.250   1.00 27.73 ? 9   PRO B C   1 
ATOM   729  O  O   . PRO B 1 9  ? 4.536   16.128  1.960   1.00 27.94 ? 9   PRO B O   1 
ATOM   730  C  CB  . PRO B 1 9  ? 2.790   13.435  1.878   1.00 27.40 ? 9   PRO B CB  1 
ATOM   731  C  CG  . PRO B 1 9  ? 2.362   14.119  3.133   1.00 29.49 ? 9   PRO B CG  1 
ATOM   732  C  CD  . PRO B 1 9  ? 3.454   13.730  4.111   1.00 27.53 ? 9   PRO B CD  1 
ATOM   733  N  N   . ASN B 1 10 ? 4.877   15.160  -0.040  1.00 28.22 ? 10  ASN B N   1 
ATOM   734  C  CA  . ASN B 1 10 ? 5.153   16.424  -0.712  1.00 27.91 ? 10  ASN B CA  1 
ATOM   735  C  C   . ASN B 1 10 ? 3.885   16.917  -1.391  1.00 28.16 ? 10  ASN B C   1 
ATOM   736  O  O   . ASN B 1 10 ? 2.987   16.128  -1.682  1.00 26.15 ? 10  ASN B O   1 
ATOM   737  C  CB  . ASN B 1 10 ? 6.247   16.245  -1.765  1.00 30.06 ? 10  ASN B CB  1 
ATOM   738  C  CG  . ASN B 1 10 ? 7.549   15.749  -1.172  1.00 31.27 ? 10  ASN B CG  1 
ATOM   739  O  OD1 . ASN B 1 10 ? 8.058   16.314  -0.205  1.00 33.52 ? 10  ASN B OD1 1 
ATOM   740  N  ND2 . ASN B 1 10 ? 8.099   14.691  -1.754  1.00 32.54 ? 10  ASN B ND2 1 
ATOM   741  N  N   . ALA B 1 11 ? 3.808   18.221  -1.641  1.00 27.60 ? 11  ALA B N   1 
ATOM   742  C  CA  . ALA B 1 11 ? 2.642   18.789  -2.303  1.00 26.79 ? 11  ALA B CA  1 
ATOM   743  C  C   . ALA B 1 11 ? 2.530   18.169  -3.691  1.00 27.05 ? 11  ALA B C   1 
ATOM   744  O  O   . ALA B 1 11 ? 3.506   18.125  -4.442  1.00 26.33 ? 11  ALA B O   1 
ATOM   745  C  CB  . ALA B 1 11 ? 2.780   20.305  -2.411  1.00 28.20 ? 11  ALA B CB  1 
ATOM   746  N  N   . GLY B 1 12 ? 1.342   17.679  -4.026  1.00 26.10 ? 12  GLY B N   1 
ATOM   747  C  CA  . GLY B 1 12 ? 1.142   17.060  -5.322  1.00 25.90 ? 12  GLY B CA  1 
ATOM   748  C  C   . GLY B 1 12 ? 1.171   15.544  -5.274  1.00 25.66 ? 12  GLY B C   1 
ATOM   749  O  O   . GLY B 1 12 ? 0.765   14.882  -6.231  1.00 25.79 ? 12  GLY B O   1 
ATOM   750  N  N   . ASP B 1 13 ? 1.661   14.987  -4.169  1.00 24.94 ? 13  ASP B N   1 
ATOM   751  C  CA  . ASP B 1 13 ? 1.717   13.538  -4.014  1.00 22.80 ? 13  ASP B CA  1 
ATOM   752  C  C   . ASP B 1 13 ? 0.300   12.974  -4.003  1.00 22.23 ? 13  ASP B C   1 
ATOM   753  O  O   . ASP B 1 13 ? -0.586  13.533  -3.359  1.00 19.61 ? 13  ASP B O   1 
ATOM   754  C  CB  . ASP B 1 13 ? 2.402   13.155  -2.698  1.00 24.84 ? 13  ASP B CB  1 
ATOM   755  C  CG  . ASP B 1 13 ? 3.919   13.233  -2.770  1.00 26.74 ? 13  ASP B CG  1 
ATOM   756  O  OD1 . ASP B 1 13 ? 4.456   13.567  -3.848  1.00 24.81 ? 13  ASP B OD1 1 
ATOM   757  O  OD2 . ASP B 1 13 ? 4.570   12.954  -1.738  1.00 26.97 ? 13  ASP B OD2 1 
ATOM   758  N  N   . VAL B 1 14 ? 0.091   11.874  -4.721  1.00 21.03 ? 14  VAL B N   1 
ATOM   759  C  CA  . VAL B 1 14 ? -1.214  11.217  -4.762  1.00 21.19 ? 14  VAL B CA  1 
ATOM   760  C  C   . VAL B 1 14 ? -1.078  9.968   -3.902  1.00 20.46 ? 14  VAL B C   1 
ATOM   761  O  O   . VAL B 1 14 ? -0.313  9.060   -4.224  1.00 21.58 ? 14  VAL B O   1 
ATOM   762  C  CB  . VAL B 1 14 ? -1.613  10.822  -6.205  1.00 22.09 ? 14  VAL B CB  1 
ATOM   763  C  CG1 . VAL B 1 14 ? -2.980  10.143  -6.203  1.00 24.77 ? 14  VAL B CG1 1 
ATOM   764  C  CG2 . VAL B 1 14 ? -1.656  12.061  -7.088  1.00 24.75 ? 14  VAL B CG2 1 
ATOM   765  N  N   . ILE B 1 15 ? -1.814  9.931   -2.796  1.00 19.09 ? 15  ILE B N   1 
ATOM   766  C  CA  . ILE B 1 15 ? -1.737  8.806   -1.874  1.00 17.77 ? 15  ILE B CA  1 
ATOM   767  C  C   . ILE B 1 15 ? -3.110  8.248   -1.523  1.00 16.73 ? 15  ILE B C   1 
ATOM   768  O  O   . ILE B 1 15 ? -4.134  8.879   -1.784  1.00 16.26 ? 15  ILE B O   1 
ATOM   769  C  CB  . ILE B 1 15 ? -0.989  9.225   -0.590  1.00 18.38 ? 15  ILE B CB  1 
ATOM   770  C  CG1 . ILE B 1 15 ? -1.638  10.476  0.007   1.00 19.53 ? 15  ILE B CG1 1 
ATOM   771  C  CG2 . ILE B 1 15 ? 0.470   9.522   -0.917  1.00 22.27 ? 15  ILE B CG2 1 
ATOM   772  C  CD1 . ILE B 1 15 ? -0.936  10.994  1.251   1.00 21.61 ? 15  ILE B CD1 1 
ATOM   773  N  N   . LYS B 1 16 ? -3.119  7.068   -0.909  1.00 16.75 ? 16  LYS B N   1 
ATOM   774  C  CA  . LYS B 1 16 ? -4.360  6.388   -0.559  1.00 17.18 ? 16  LYS B CA  1 
ATOM   775  C  C   . LYS B 1 16 ? -4.765  6.459   0.905   1.00 16.19 ? 16  LYS B C   1 
ATOM   776  O  O   . LYS B 1 16 ? -3.928  6.581   1.800   1.00 15.12 ? 16  LYS B O   1 
ATOM   777  C  CB  . LYS B 1 16 ? -4.267  4.914   -0.965  1.00 20.31 ? 16  LYS B CB  1 
ATOM   778  C  CG  . LYS B 1 16 ? -4.048  4.683   -2.449  1.00 24.26 ? 16  LYS B CG  1 
ATOM   779  C  CD  . LYS B 1 16 ? -3.750  3.212   -2.726  1.00 27.55 ? 16  LYS B CD  1 
ATOM   780  C  CE  . LYS B 1 16 ? -3.606  2.941   -4.217  1.00 31.00 ? 16  LYS B CE  1 
ATOM   781  N  NZ  . LYS B 1 16 ? -3.116  1.552   -4.482  1.00 33.30 ? 16  LYS B NZ  1 
ATOM   782  N  N   . GLY B 1 17 ? -6.066  6.353   1.141   1.00 14.43 ? 17  GLY B N   1 
ATOM   783  C  CA  . GLY B 1 17 ? -6.570  6.386   2.501   1.00 15.09 ? 17  GLY B CA  1 
ATOM   784  C  C   . GLY B 1 17 ? -8.048  6.063   2.516   1.00 14.11 ? 17  GLY B C   1 
ATOM   785  O  O   . GLY B 1 17 ? -8.668  5.937   1.455   1.00 14.51 ? 17  GLY B O   1 
ATOM   786  N  N   . ARG B 1 18 ? -8.614  5.924   3.711   1.00 12.56 ? 18  ARG B N   1 
ATOM   787  C  CA  . ARG B 1 18 ? -10.037 5.621   3.848   1.00 14.75 ? 18  ARG B CA  1 
ATOM   788  C  C   . ARG B 1 18 ? -10.771 6.851   4.366   1.00 14.42 ? 18  ARG B C   1 
ATOM   789  O  O   . ARG B 1 18 ? -10.408 7.422   5.396   1.00 15.30 ? 18  ARG B O   1 
ATOM   790  C  CB  . ARG B 1 18 ? -10.245 4.440   4.804   1.00 18.63 ? 18  ARG B CB  1 
ATOM   791  C  CG  . ARG B 1 18 ? -11.703 4.021   4.952   1.00 25.06 ? 18  ARG B CG  1 
ATOM   792  C  CD  . ARG B 1 18 ? -11.852 2.736   5.762   1.00 30.73 ? 18  ARG B CD  1 
ATOM   793  N  NE  . ARG B 1 18 ? -13.255 2.341   5.884   1.00 37.60 ? 18  ARG B NE  1 
ATOM   794  C  CZ  . ARG B 1 18 ? -13.682 1.239   6.498   1.00 39.34 ? 18  ARG B CZ  1 
ATOM   795  N  NH1 . ARG B 1 18 ? -12.817 0.402   7.058   1.00 40.73 ? 18  ARG B NH1 1 
ATOM   796  N  NH2 . ARG B 1 18 ? -14.980 0.973   6.546   1.00 41.10 ? 18  ARG B NH2 1 
ATOM   797  N  N   . VAL B 1 19 ? -11.808 7.257   3.644   1.00 13.71 ? 19  VAL B N   1 
ATOM   798  C  CA  . VAL B 1 19 ? -12.579 8.438   4.004   1.00 13.30 ? 19  VAL B CA  1 
ATOM   799  C  C   . VAL B 1 19 ? -13.545 8.213   5.161   1.00 14.20 ? 19  VAL B C   1 
ATOM   800  O  O   . VAL B 1 19 ? -14.121 7.134   5.298   1.00 15.09 ? 19  VAL B O   1 
ATOM   801  C  CB  . VAL B 1 19 ? -13.377 8.946   2.771   1.00 13.37 ? 19  VAL B CB  1 
ATOM   802  C  CG1 . VAL B 1 19 ? -14.242 10.144  3.147   1.00 14.39 ? 19  VAL B CG1 1 
ATOM   803  C  CG2 . VAL B 1 19 ? -12.414 9.316   1.659   1.00 14.92 ? 19  VAL B CG2 1 
ATOM   804  N  N   . TYR B 1 20 ? -13.701 9.237   5.996   1.00 13.88 ? 20  TYR B N   1 
ATOM   805  C  CA  . TYR B 1 20 ? -14.632 9.185   7.120   1.00 15.02 ? 20  TYR B CA  1 
ATOM   806  C  C   . TYR B 1 20 ? -15.164 10.590  7.370   1.00 17.64 ? 20  TYR B C   1 
ATOM   807  O  O   . TYR B 1 20 ? -14.572 11.576  6.925   1.00 17.14 ? 20  TYR B O   1 
ATOM   808  C  CB  . TYR B 1 20 ? -13.950 8.633   8.378   1.00 16.32 ? 20  TYR B CB  1 
ATOM   809  C  CG  . TYR B 1 20 ? -12.847 9.490   8.952   1.00 15.28 ? 20  TYR B CG  1 
ATOM   810  C  CD1 . TYR B 1 20 ? -13.090 10.351  10.025  1.00 16.61 ? 20  TYR B CD1 1 
ATOM   811  C  CD2 . TYR B 1 20 ? -11.547 9.404   8.457   1.00 14.07 ? 20  TYR B CD2 1 
ATOM   812  C  CE1 . TYR B 1 20 ? -12.057 11.098  10.599  1.00 16.30 ? 20  TYR B CE1 1 
ATOM   813  C  CE2 . TYR B 1 20 ? -10.512 10.145  9.016   1.00 17.19 ? 20  TYR B CE2 1 
ATOM   814  C  CZ  . TYR B 1 20 ? -10.771 10.985  10.089  1.00 16.70 ? 20  TYR B CZ  1 
ATOM   815  O  OH  . TYR B 1 20 ? -9.733  11.688  10.659  1.00 18.61 ? 20  TYR B OH  1 
ATOM   816  N  N   . GLU B 1 21 ? -16.287 10.688  8.069   1.00 16.46 ? 21  GLU B N   1 
ATOM   817  C  CA  . GLU B 1 21 ? -16.864 11.995  8.338   1.00 18.62 ? 21  GLU B CA  1 
ATOM   818  C  C   . GLU B 1 21 ? -16.603 12.418  9.769   1.00 20.38 ? 21  GLU B C   1 
ATOM   819  O  O   . GLU B 1 21 ? -16.696 11.614  10.695  1.00 19.77 ? 21  GLU B O   1 
ATOM   820  C  CB  . GLU B 1 21 ? -18.372 11.978  8.071   1.00 19.00 ? 21  GLU B CB  1 
ATOM   821  C  CG  . GLU B 1 21 ? -19.053 13.317  8.299   1.00 19.98 ? 21  GLU B CG  1 
ATOM   822  C  CD  . GLU B 1 21 ? -20.539 13.284  7.980   1.00 23.84 ? 21  GLU B CD  1 
ATOM   823  O  OE1 . GLU B 1 21 ? -21.231 12.371  8.474   1.00 25.49 ? 21  GLU B OE1 1 
ATOM   824  O  OE2 . GLU B 1 21 ? -21.017 14.172  7.245   1.00 26.46 ? 21  GLU B OE2 1 
ATOM   825  N  N   . LYS B 1 22 ? -16.274 13.690  9.939   1.00 20.52 ? 22  LYS B N   1 
ATOM   826  C  CA  . LYS B 1 22 ? -16.001 14.241  11.253  1.00 23.71 ? 22  LYS B CA  1 
ATOM   827  C  C   . LYS B 1 22 ? -16.417 15.697  11.248  1.00 22.72 ? 22  LYS B C   1 
ATOM   828  O  O   . LYS B 1 22 ? -15.943 16.481  10.431  1.00 23.01 ? 22  LYS B O   1 
ATOM   829  C  CB  . LYS B 1 22 ? -14.511 14.120  11.581  1.00 24.45 ? 22  LYS B CB  1 
ATOM   830  C  CG  . LYS B 1 22 ? -14.099 14.793  12.885  1.00 31.21 ? 22  LYS B CG  1 
ATOM   831  C  CD  . LYS B 1 22 ? -12.602 14.651  13.119  1.00 33.00 ? 22  LYS B CD  1 
ATOM   832  C  CE  . LYS B 1 22 ? -12.149 15.459  14.324  1.00 37.25 ? 22  LYS B CE  1 
ATOM   833  N  NZ  . LYS B 1 22 ? -10.691 15.296  14.583  1.00 37.93 ? 22  LYS B NZ  1 
ATOM   834  N  N   . ASP B 1 23 ? -17.320 16.044  12.157  1.00 25.39 ? 23  ASP B N   1 
ATOM   835  C  CA  . ASP B 1 23 ? -17.812 17.408  12.282  1.00 26.96 ? 23  ASP B CA  1 
ATOM   836  C  C   . ASP B 1 23 ? -18.256 18.022  10.958  1.00 24.84 ? 23  ASP B C   1 
ATOM   837  O  O   . ASP B 1 23 ? -17.729 19.046  10.536  1.00 23.95 ? 23  ASP B O   1 
ATOM   838  C  CB  . ASP B 1 23 ? -16.744 18.299  12.920  1.00 30.52 ? 23  ASP B CB  1 
ATOM   839  C  CG  . ASP B 1 23 ? -16.344 17.828  14.304  1.00 32.33 ? 23  ASP B CG  1 
ATOM   840  O  OD1 . ASP B 1 23 ? -17.249 17.531  15.111  1.00 35.65 ? 23  ASP B OD1 1 
ATOM   841  O  OD2 . ASP B 1 23 ? -15.129 17.761  14.583  1.00 34.07 ? 23  ASP B OD2 1 
ATOM   842  N  N   . TYR B 1 24 ? -19.227 17.386  10.312  1.00 25.57 ? 24  TYR B N   1 
ATOM   843  C  CA  . TYR B 1 24 ? -19.775 17.872  9.048   1.00 25.15 ? 24  TYR B CA  1 
ATOM   844  C  C   . TYR B 1 24 ? -18.744 18.133  7.953   1.00 22.46 ? 24  TYR B C   1 
ATOM   845  O  O   . TYR B 1 24 ? -18.927 19.015  7.122   1.00 21.00 ? 24  TYR B O   1 
ATOM   846  C  CB  . TYR B 1 24 ? -20.596 19.148  9.284   1.00 30.04 ? 24  TYR B CB  1 
ATOM   847  C  CG  . TYR B 1 24 ? -21.865 18.932  10.079  1.00 35.22 ? 24  TYR B CG  1 
ATOM   848  C  CD1 . TYR B 1 24 ? -21.815 18.540  11.417  1.00 38.45 ? 24  TYR B CD1 1 
ATOM   849  C  CD2 . TYR B 1 24 ? -23.116 19.117  9.492   1.00 38.23 ? 24  TYR B CD2 1 
ATOM   850  C  CE1 . TYR B 1 24 ? -22.984 18.334  12.154  1.00 39.77 ? 24  TYR B CE1 1 
ATOM   851  C  CE2 . TYR B 1 24 ? -24.292 18.915  10.219  1.00 40.74 ? 24  TYR B CE2 1 
ATOM   852  C  CZ  . TYR B 1 24 ? -24.217 18.523  11.549  1.00 41.72 ? 24  TYR B CZ  1 
ATOM   853  O  OH  . TYR B 1 24 ? -25.374 18.317  12.272  1.00 42.85 ? 24  TYR B OH  1 
ATOM   854  N  N   . ALA B 1 25 ? -17.660 17.366  7.958   1.00 20.53 ? 25  ALA B N   1 
ATOM   855  C  CA  . ALA B 1 25 ? -16.629 17.500  6.937   1.00 18.28 ? 25  ALA B CA  1 
ATOM   856  C  C   . ALA B 1 25 ? -16.061 16.116  6.674   1.00 15.35 ? 25  ALA B C   1 
ATOM   857  O  O   . ALA B 1 25 ? -16.151 15.233  7.520   1.00 15.21 ? 25  ALA B O   1 
ATOM   858  C  CB  . ALA B 1 25 ? -15.526 18.441  7.405   1.00 18.94 ? 25  ALA B CB  1 
ATOM   859  N  N   . LEU B 1 26 ? -15.486 15.917  5.495   1.00 14.97 ? 26  LEU B N   1 
ATOM   860  C  CA  . LEU B 1 26 ? -14.905 14.621  5.173   1.00 12.69 ? 26  LEU B CA  1 
ATOM   861  C  C   . LEU B 1 26 ? -13.403 14.643  5.429   1.00 13.23 ? 26  LEU B C   1 
ATOM   862  O  O   . LEU B 1 26 ? -12.710 15.567  5.004   1.00 13.99 ? 26  LEU B O   1 
ATOM   863  C  CB  . LEU B 1 26 ? -15.165 14.261  3.706   1.00 11.65 ? 26  LEU B CB  1 
ATOM   864  C  CG  . LEU B 1 26 ? -16.638 14.074  3.326   1.00 12.91 ? 26  LEU B CG  1 
ATOM   865  C  CD1 . LEU B 1 26 ? -16.726 13.553  1.895   1.00 13.34 ? 26  LEU B CD1 1 
ATOM   866  C  CD2 . LEU B 1 26 ? -17.310 13.099  4.294   1.00 13.54 ? 26  LEU B CD2 1 
ATOM   867  N  N   . TYR B 1 27 ? -12.918 13.622  6.130   1.00 15.38 ? 27  TYR B N   1 
ATOM   868  C  CA  . TYR B 1 27 ? -11.500 13.474  6.436   1.00 14.51 ? 27  TYR B CA  1 
ATOM   869  C  C   . TYR B 1 27 ? -11.040 12.140  5.863   1.00 14.47 ? 27  TYR B C   1 
ATOM   870  O  O   . TYR B 1 27 ? -11.840 11.361  5.350   1.00 11.70 ? 27  TYR B O   1 
ATOM   871  C  CB  . TYR B 1 27 ? -11.258 13.469  7.943   1.00 17.42 ? 27  TYR B CB  1 
ATOM   872  C  CG  . TYR B 1 27 ? -11.490 14.801  8.611   1.00 19.13 ? 27  TYR B CG  1 
ATOM   873  C  CD1 . TYR B 1 27 ? -12.780 15.293  8.796   1.00 21.51 ? 27  TYR B CD1 1 
ATOM   874  C  CD2 . TYR B 1 27 ? -10.419 15.563  9.070   1.00 22.36 ? 27  TYR B CD2 1 
ATOM   875  C  CE1 . TYR B 1 27 ? -12.999 16.510  9.428   1.00 23.29 ? 27  TYR B CE1 1 
ATOM   876  C  CE2 . TYR B 1 27 ? -10.627 16.788  9.704   1.00 24.02 ? 27  TYR B CE2 1 
ATOM   877  C  CZ  . TYR B 1 27 ? -11.920 17.251  9.882   1.00 25.33 ? 27  TYR B CZ  1 
ATOM   878  O  OH  . TYR B 1 27 ? -12.144 18.446  10.532  1.00 28.49 ? 27  TYR B OH  1 
ATOM   879  N  N   . ILE B 1 28 ? -9.747  11.870  5.959   1.00 12.71 ? 28  ILE B N   1 
ATOM   880  C  CA  . ILE B 1 28 ? -9.235  10.621  5.430   1.00 12.78 ? 28  ILE B CA  1 
ATOM   881  C  C   . ILE B 1 28 ? -8.125  10.066  6.315   1.00 13.79 ? 28  ILE B C   1 
ATOM   882  O  O   . ILE B 1 28 ? -7.302  10.812  6.839   1.00 13.66 ? 28  ILE B O   1 
ATOM   883  C  CB  . ILE B 1 28 ? -8.728  10.817  3.975   1.00 12.90 ? 28  ILE B CB  1 
ATOM   884  C  CG1 . ILE B 1 28 ? -8.235  9.486   3.399   1.00 12.65 ? 28  ILE B CG1 1 
ATOM   885  C  CG2 . ILE B 1 28 ? -7.623  11.872  3.940   1.00 11.66 ? 28  ILE B CG2 1 
ATOM   886  C  CD1 . ILE B 1 28 ? -7.905  9.544   1.909   1.00 12.91 ? 28  ILE B CD1 1 
ATOM   887  N  N   . TYR B 1 29 ? -8.153  8.754   6.526   1.00 14.13 ? 29  TYR B N   1 
ATOM   888  C  CA  . TYR B 1 29 ? -7.117  8.087   7.307   1.00 14.91 ? 29  TYR B CA  1 
ATOM   889  C  C   . TYR B 1 29 ? -6.103  7.687   6.248   1.00 15.70 ? 29  TYR B C   1 
ATOM   890  O  O   . TYR B 1 29 ? -6.342  6.759   5.479   1.00 15.51 ? 29  TYR B O   1 
ATOM   891  C  CB  . TYR B 1 29 ? -7.664  6.830   7.993   1.00 17.43 ? 29  TYR B CB  1 
ATOM   892  C  CG  . TYR B 1 29 ? -8.609  7.099   9.143   1.00 21.15 ? 29  TYR B CG  1 
ATOM   893  C  CD1 . TYR B 1 29 ? -9.855  6.472   9.209   1.00 21.45 ? 29  TYR B CD1 1 
ATOM   894  C  CD2 . TYR B 1 29 ? -8.255  7.970   10.177  1.00 23.25 ? 29  TYR B CD2 1 
ATOM   895  C  CE1 . TYR B 1 29 ? -10.725 6.706   10.273  1.00 24.28 ? 29  TYR B CE1 1 
ATOM   896  C  CE2 . TYR B 1 29 ? -9.120  8.210   11.248  1.00 24.08 ? 29  TYR B CE2 1 
ATOM   897  C  CZ  . TYR B 1 29 ? -10.351 7.577   11.286  1.00 24.63 ? 29  TYR B CZ  1 
ATOM   898  O  OH  . TYR B 1 29 ? -11.223 7.834   12.322  1.00 26.67 ? 29  TYR B OH  1 
ATOM   899  N  N   . LEU B 1 30 ? -4.987  8.405   6.187   1.00 14.45 ? 30  LEU B N   1 
ATOM   900  C  CA  . LEU B 1 30 ? -3.968  8.116   5.188   1.00 15.94 ? 30  LEU B CA  1 
ATOM   901  C  C   . LEU B 1 30 ? -3.181  6.883   5.603   1.00 16.88 ? 30  LEU B C   1 
ATOM   902  O  O   . LEU B 1 30 ? -2.558  6.864   6.657   1.00 16.65 ? 30  LEU B O   1 
ATOM   903  C  CB  . LEU B 1 30 ? -3.034  9.315   5.030   1.00 15.88 ? 30  LEU B CB  1 
ATOM   904  C  CG  . LEU B 1 30 ? -3.707  10.586  4.503   1.00 17.04 ? 30  LEU B CG  1 
ATOM   905  C  CD1 . LEU B 1 30 ? -2.722  11.746  4.540   1.00 17.90 ? 30  LEU B CD1 1 
ATOM   906  C  CD2 . LEU B 1 30 ? -4.210  10.346  3.086   1.00 15.60 ? 30  LEU B CD2 1 
ATOM   907  N  N   . PHE B 1 31 ? -3.214  5.854   4.763   1.00 17.18 ? 31  PHE B N   1 
ATOM   908  C  CA  . PHE B 1 31 ? -2.518  4.607   5.068   1.00 19.47 ? 31  PHE B CA  1 
ATOM   909  C  C   . PHE B 1 31 ? -1.025  4.778   5.362   1.00 20.45 ? 31  PHE B C   1 
ATOM   910  O  O   . PHE B 1 31 ? -0.476  4.079   6.217   1.00 21.83 ? 31  PHE B O   1 
ATOM   911  C  CB  . PHE B 1 31 ? -2.720  3.613   3.920   1.00 19.65 ? 31  PHE B CB  1 
ATOM   912  C  CG  . PHE B 1 31 ? -4.168  3.249   3.677   1.00 21.23 ? 31  PHE B CG  1 
ATOM   913  C  CD1 . PHE B 1 31 ? -4.565  2.701   2.459   1.00 23.00 ? 31  PHE B CD1 1 
ATOM   914  C  CD2 . PHE B 1 31 ? -5.131  3.450   4.662   1.00 21.31 ? 31  PHE B CD2 1 
ATOM   915  C  CE1 . PHE B 1 31 ? -5.903  2.360   2.228   1.00 22.93 ? 31  PHE B CE1 1 
ATOM   916  C  CE2 . PHE B 1 31 ? -6.469  3.111   4.439   1.00 22.13 ? 31  PHE B CE2 1 
ATOM   917  C  CZ  . PHE B 1 31 ? -6.852  2.566   3.219   1.00 21.53 ? 31  PHE B CZ  1 
ATOM   918  N  N   . ASP B 1 32 ? -0.372  5.709   4.674   1.00 19.98 ? 32  ASP B N   1 
ATOM   919  C  CA  . ASP B 1 32 ? 1.058   5.936   4.874   1.00 23.43 ? 32  ASP B CA  1 
ATOM   920  C  C   . ASP B 1 32 ? 1.375   6.917   6.002   1.00 23.05 ? 32  ASP B C   1 
ATOM   921  O  O   . ASP B 1 32 ? 2.512   6.973   6.464   1.00 23.83 ? 32  ASP B O   1 
ATOM   922  C  CB  . ASP B 1 32 ? 1.710   6.464   3.589   1.00 26.08 ? 32  ASP B CB  1 
ATOM   923  C  CG  . ASP B 1 32 ? 1.466   5.570   2.391   1.00 30.31 ? 32  ASP B CG  1 
ATOM   924  O  OD1 . ASP B 1 32 ? 1.787   4.366   2.471   1.00 29.30 ? 32  ASP B OD1 1 
ATOM   925  O  OD2 . ASP B 1 32 ? 0.959   6.080   1.364   1.00 32.30 ? 32  ASP B OD2 1 
ATOM   926  N  N   . TYR B 1 33 ? 0.385   7.686   6.449   1.00 22.56 ? 33  TYR B N   1 
ATOM   927  C  CA  . TYR B 1 33 ? 0.629   8.681   7.495   1.00 21.46 ? 33  TYR B CA  1 
ATOM   928  C  C   . TYR B 1 33 ? -0.410  8.664   8.611   1.00 20.22 ? 33  TYR B C   1 
ATOM   929  O  O   . TYR B 1 33 ? -1.191  9.602   8.766   1.00 18.86 ? 33  TYR B O   1 
ATOM   930  C  CB  . TYR B 1 33 ? 0.692   10.069  6.859   1.00 22.21 ? 33  TYR B CB  1 
ATOM   931  C  CG  . TYR B 1 33 ? 1.661   10.143  5.702   1.00 24.82 ? 33  TYR B CG  1 
ATOM   932  C  CD1 . TYR B 1 33 ? 1.243   9.896   4.394   1.00 24.41 ? 33  TYR B CD1 1 
ATOM   933  C  CD2 . TYR B 1 33 ? 3.009   10.426  5.920   1.00 24.59 ? 33  TYR B CD2 1 
ATOM   934  C  CE1 . TYR B 1 33 ? 2.145   9.932   3.331   1.00 27.44 ? 33  TYR B CE1 1 
ATOM   935  C  CE2 . TYR B 1 33 ? 3.916   10.462  4.869   1.00 26.62 ? 33  TYR B CE2 1 
ATOM   936  C  CZ  . TYR B 1 33 ? 3.481   10.216  3.578   1.00 28.34 ? 33  TYR B CZ  1 
ATOM   937  O  OH  . TYR B 1 33 ? 4.382   10.264  2.539   1.00 30.88 ? 33  TYR B OH  1 
ATOM   938  N  N   . PRO B 1 34 ? -0.394  7.608   9.437   1.00 20.56 ? 34  PRO B N   1 
ATOM   939  C  CA  . PRO B 1 34 ? -1.313  7.399   10.559  1.00 20.49 ? 34  PRO B CA  1 
ATOM   940  C  C   . PRO B 1 34 ? -1.366  8.512   11.597  1.00 19.40 ? 34  PRO B C   1 
ATOM   941  O  O   . PRO B 1 34 ? -2.409  8.753   12.204  1.00 18.49 ? 34  PRO B O   1 
ATOM   942  C  CB  . PRO B 1 34 ? -0.810  6.094   11.185  1.00 21.03 ? 34  PRO B CB  1 
ATOM   943  C  CG  . PRO B 1 34 ? -0.063  5.423   10.082  1.00 24.84 ? 34  PRO B CG  1 
ATOM   944  C  CD  . PRO B 1 34 ? 0.640   6.559   9.412   1.00 21.86 ? 34  PRO B CD  1 
ATOM   945  N  N   . HIS B 1 35 ? -0.243  9.189   11.796  1.00 18.20 ? 35  HIS B N   1 
ATOM   946  C  CA  . HIS B 1 35 ? -0.157  10.234  12.811  1.00 18.10 ? 35  HIS B CA  1 
ATOM   947  C  C   . HIS B 1 35 ? -0.461  11.659  12.371  1.00 19.19 ? 35  HIS B C   1 
ATOM   948  O  O   . HIS B 1 35 ? -0.089  12.620  13.051  1.00 20.65 ? 35  HIS B O   1 
ATOM   949  C  CB  . HIS B 1 35 ? 1.219   10.169  13.471  1.00 17.33 ? 35  HIS B CB  1 
ATOM   950  C  CG  . HIS B 1 35 ? 1.480   8.873   14.175  1.00 17.09 ? 35  HIS B CG  1 
ATOM   951  N  ND1 . HIS B 1 35 ? 0.751   8.463   15.271  1.00 17.22 ? 35  HIS B ND1 1 
ATOM   952  C  CD2 . HIS B 1 35 ? 2.380   7.889   13.933  1.00 18.42 ? 35  HIS B CD2 1 
ATOM   953  C  CE1 . HIS B 1 35 ? 1.191   7.284   15.674  1.00 17.38 ? 35  HIS B CE1 1 
ATOM   954  N  NE2 . HIS B 1 35 ? 2.179   6.915   14.879  1.00 18.01 ? 35  HIS B NE2 1 
ATOM   955  N  N   . PHE B 1 36 ? -1.138  11.796  11.240  1.00 19.15 ? 36  PHE B N   1 
ATOM   956  C  CA  . PHE B 1 36 ? -1.520  13.108  10.739  1.00 18.66 ? 36  PHE B CA  1 
ATOM   957  C  C   . PHE B 1 36 ? -3.016  13.113  10.485  1.00 20.01 ? 36  PHE B C   1 
ATOM   958  O  O   . PHE B 1 36 ? -3.584  12.097  10.088  1.00 19.52 ? 36  PHE B O   1 
ATOM   959  C  CB  . PHE B 1 36 ? -0.802  13.432  9.424   1.00 20.12 ? 36  PHE B CB  1 
ATOM   960  C  CG  . PHE B 1 36 ? 0.638   13.807  9.593   1.00 22.15 ? 36  PHE B CG  1 
ATOM   961  C  CD1 . PHE B 1 36 ? 1.613   12.832  9.764   1.00 24.28 ? 36  PHE B CD1 1 
ATOM   962  C  CD2 . PHE B 1 36 ? 1.016   15.145  9.619   1.00 24.05 ? 36  PHE B CD2 1 
ATOM   963  C  CE1 . PHE B 1 36 ? 2.949   13.184  9.963   1.00 26.98 ? 36  PHE B CE1 1 
ATOM   964  C  CE2 . PHE B 1 36 ? 2.346   15.508  9.817   1.00 26.14 ? 36  PHE B CE2 1 
ATOM   965  C  CZ  . PHE B 1 36 ? 3.313   14.524  9.991   1.00 25.13 ? 36  PHE B CZ  1 
ATOM   966  N  N   . GLU B 1 37 ? -3.662  14.244  10.742  1.00 19.29 ? 37  GLU B N   1 
ATOM   967  C  CA  . GLU B 1 37 ? -5.082  14.352  10.452  1.00 22.50 ? 37  GLU B CA  1 
ATOM   968  C  C   . GLU B 1 37 ? -5.126  14.923  9.043   1.00 20.78 ? 37  GLU B C   1 
ATOM   969  O  O   . GLU B 1 37 ? -4.421  15.884  8.735   1.00 22.29 ? 37  GLU B O   1 
ATOM   970  C  CB  . GLU B 1 37 ? -5.786  15.302  11.417  1.00 26.74 ? 37  GLU B CB  1 
ATOM   971  C  CG  . GLU B 1 37 ? -6.147  14.682  12.750  1.00 33.54 ? 37  GLU B CG  1 
ATOM   972  C  CD  . GLU B 1 37 ? -7.462  15.217  13.290  1.00 37.39 ? 37  GLU B CD  1 
ATOM   973  O  OE1 . GLU B 1 37 ? -7.631  16.453  13.336  1.00 40.54 ? 37  GLU B OE1 1 
ATOM   974  O  OE2 . GLU B 1 37 ? -8.329  14.399  13.668  1.00 41.26 ? 37  GLU B OE2 1 
ATOM   975  N  N   . ALA B 1 38 ? -5.930  14.320  8.180   1.00 19.09 ? 38  ALA B N   1 
ATOM   976  C  CA  . ALA B 1 38 ? -6.022  14.785  6.807   1.00 17.72 ? 38  ALA B CA  1 
ATOM   977  C  C   . ALA B 1 38 ? -7.474  15.091  6.483   1.00 16.73 ? 38  ALA B C   1 
ATOM   978  O  O   . ALA B 1 38 ? -8.362  14.288  6.744   1.00 16.12 ? 38  ALA B O   1 
ATOM   979  C  CB  . ALA B 1 38 ? -5.475  13.729  5.865   1.00 18.90 ? 38  ALA B CB  1 
ATOM   980  N  N   . ILE B 1 39 ? -7.712  16.258  5.909   1.00 15.80 ? 39  ILE B N   1 
ATOM   981  C  CA  . ILE B 1 39 ? -9.071  16.653  5.590   1.00 16.19 ? 39  ILE B CA  1 
ATOM   982  C  C   . ILE B 1 39 ? -9.238  16.869  4.092   1.00 14.99 ? 39  ILE B C   1 
ATOM   983  O  O   . ILE B 1 39 ? -8.306  17.305  3.416   1.00 13.12 ? 39  ILE B O   1 
ATOM   984  C  CB  . ILE B 1 39 ? -9.436  17.958  6.361   1.00 17.70 ? 39  ILE B CB  1 
ATOM   985  C  CG1 . ILE B 1 39 ? -10.904 18.320  6.141   1.00 19.31 ? 39  ILE B CG1 1 
ATOM   986  C  CG2 . ILE B 1 39 ? -8.537  19.104  5.903   1.00 21.02 ? 39  ILE B CG2 1 
ATOM   987  C  CD1 . ILE B 1 39 ? -11.377 19.482  7.023   1.00 18.97 ? 39  ILE B CD1 1 
ATOM   988  N  N   . LEU B 1 40 ? -10.408 16.507  3.570   1.00 14.09 ? 40  LEU B N   1 
ATOM   989  C  CA  . LEU B 1 40 ? -10.712 16.732  2.160   1.00 14.90 ? 40  LEU B CA  1 
ATOM   990  C  C   . LEU B 1 40 ? -11.192 18.185  2.161   1.00 16.24 ? 40  LEU B C   1 
ATOM   991  O  O   . LEU B 1 40 ? -12.346 18.477  2.473   1.00 15.49 ? 40  LEU B O   1 
ATOM   992  C  CB  . LEU B 1 40 ? -11.822 15.789  1.672   1.00 12.98 ? 40  LEU B CB  1 
ATOM   993  C  CG  . LEU B 1 40 ? -11.329 14.426  1.151   1.00 14.81 ? 40  LEU B CG  1 
ATOM   994  C  CD1 . LEU B 1 40 ? -10.680 13.628  2.283   1.00 15.29 ? 40  LEU B CD1 1 
ATOM   995  C  CD2 . LEU B 1 40 ? -12.504 13.646  0.562   1.00 12.68 ? 40  LEU B CD2 1 
ATOM   996  N  N   . ALA B 1 41 ? -10.272 19.090  1.843   1.00 16.14 ? 41  ALA B N   1 
ATOM   997  C  CA  . ALA B 1 41 ? -10.533 20.523  1.847   1.00 17.95 ? 41  ALA B CA  1 
ATOM   998  C  C   . ALA B 1 41 ? -11.789 20.994  1.122   1.00 18.03 ? 41  ALA B C   1 
ATOM   999  O  O   . ALA B 1 41 ? -12.473 21.899  1.596   1.00 18.66 ? 41  ALA B O   1 
ATOM   1000 C  CB  . ALA B 1 41 ? -9.311  21.260  1.295   1.00 19.67 ? 41  ALA B CB  1 
ATOM   1001 N  N   . GLU B 1 42 ? -12.101 20.392  -0.020  1.00 17.77 ? 42  GLU B N   1 
ATOM   1002 C  CA  . GLU B 1 42 ? -13.266 20.831  -0.775  1.00 19.76 ? 42  GLU B CA  1 
ATOM   1003 C  C   . GLU B 1 42 ? -14.613 20.481  -0.143  1.00 18.92 ? 42  GLU B C   1 
ATOM   1004 O  O   . GLU B 1 42 ? -15.644 21.026  -0.534  1.00 19.15 ? 42  GLU B O   1 
ATOM   1005 C  CB  . GLU B 1 42 ? -13.210 20.282  -2.201  1.00 23.57 ? 42  GLU B CB  1 
ATOM   1006 C  CG  . GLU B 1 42 ? -13.409 18.791  -2.320  1.00 28.95 ? 42  GLU B CG  1 
ATOM   1007 C  CD  . GLU B 1 42 ? -13.509 18.360  -3.761  1.00 35.11 ? 42  GLU B CD  1 
ATOM   1008 O  OE1 . GLU B 1 42 ? -12.504 18.490  -4.494  1.00 38.09 ? 42  GLU B OE1 1 
ATOM   1009 O  OE2 . GLU B 1 42 ? -14.598 17.906  -4.167  1.00 41.14 ? 42  GLU B OE2 1 
ATOM   1010 N  N   . SER B 1 43 ? -14.606 19.587  0.840   1.00 16.37 ? 43  SER B N   1 
ATOM   1011 C  CA  . SER B 1 43 ? -15.848 19.180  1.489   1.00 15.99 ? 43  SER B CA  1 
ATOM   1012 C  C   . SER B 1 43 ? -16.293 20.129  2.601   1.00 17.53 ? 43  SER B C   1 
ATOM   1013 O  O   . SER B 1 43 ? -17.449 20.105  3.013   1.00 18.58 ? 43  SER B O   1 
ATOM   1014 C  CB  . SER B 1 43 ? -15.699 17.776  2.082   1.00 13.92 ? 43  SER B CB  1 
ATOM   1015 O  OG  . SER B 1 43 ? -14.916 17.807  3.272   1.00 13.55 ? 43  SER B OG  1 
ATOM   1016 N  N   . VAL B 1 44 ? -15.378 20.962  3.089   1.00 18.29 ? 44  VAL B N   1 
ATOM   1017 C  CA  . VAL B 1 44 ? -15.691 21.870  4.189   1.00 20.12 ? 44  VAL B CA  1 
ATOM   1018 C  C   . VAL B 1 44 ? -16.802 22.892  3.943   1.00 21.89 ? 44  VAL B C   1 
ATOM   1019 O  O   . VAL B 1 44 ? -17.752 22.976  4.722   1.00 22.16 ? 44  VAL B O   1 
ATOM   1020 C  CB  . VAL B 1 44 ? -14.428 22.622  4.649   1.00 21.20 ? 44  VAL B CB  1 
ATOM   1021 C  CG1 . VAL B 1 44 ? -14.761 23.540  5.816   1.00 23.46 ? 44  VAL B CG1 1 
ATOM   1022 C  CG2 . VAL B 1 44 ? -13.349 21.620  5.058   1.00 22.87 ? 44  VAL B CG2 1 
ATOM   1023 N  N   . LYS B 1 45 ? -16.684 23.658  2.865   1.00 23.76 ? 45  LYS B N   1 
ATOM   1024 C  CA  . LYS B 1 45 ? -17.669 24.689  2.533   1.00 26.04 ? 45  LYS B CA  1 
ATOM   1025 C  C   . LYS B 1 45 ? -18.597 24.287  1.393   1.00 25.05 ? 45  LYS B C   1 
ATOM   1026 O  O   . LYS B 1 45 ? -19.354 25.107  0.874   1.00 23.75 ? 45  LYS B O   1 
ATOM   1027 C  CB  . LYS B 1 45 ? -16.953 25.985  2.148   1.00 28.80 ? 45  LYS B CB  1 
ATOM   1028 C  CG  . LYS B 1 45 ? -15.955 26.494  3.176   1.00 32.46 ? 45  LYS B CG  1 
ATOM   1029 C  CD  . LYS B 1 45 ? -16.634 26.885  4.472   1.00 36.33 ? 45  LYS B CD  1 
ATOM   1030 C  CE  . LYS B 1 45 ? -15.646 27.538  5.429   1.00 37.46 ? 45  LYS B CE  1 
ATOM   1031 N  NZ  . LYS B 1 45 ? -16.313 27.972  6.687   1.00 37.79 ? 45  LYS B NZ  1 
HETATM 1032 N  N   . MSE B 1 46 ? -18.535 23.025  0.993   1.00 25.30 ? 46  MSE B N   1 
HETATM 1033 C  CA  . MSE B 1 46 ? -19.371 22.523  -0.092  1.00 23.66 ? 46  MSE B CA  1 
HETATM 1034 C  C   . MSE B 1 46 ? -20.856 22.740  0.221   1.00 23.09 ? 46  MSE B C   1 
HETATM 1035 O  O   . MSE B 1 46 ? -21.283 22.598  1.366   1.00 21.82 ? 46  MSE B O   1 
HETATM 1036 C  CB  . MSE B 1 46 ? -19.072 21.035  -0.289  1.00 24.55 ? 46  MSE B CB  1 
HETATM 1037 C  CG  . MSE B 1 46 ? -19.704 20.387  -1.496  1.00 23.42 ? 46  MSE B CG  1 
HETATM 1038 SE SE  . MSE B 1 46 ? -19.063 18.558  -1.646  1.00 23.18 ? 46  MSE B SE  1 
HETATM 1039 C  CE  . MSE B 1 46 ? -17.461 18.896  -2.658  1.00 19.69 ? 46  MSE B CE  1 
ATOM   1040 N  N   . HIS B 1 47 ? -21.645 23.104  -0.788  1.00 23.75 ? 47  HIS B N   1 
ATOM   1041 C  CA  . HIS B 1 47 ? -23.073 23.313  -0.574  1.00 25.58 ? 47  HIS B CA  1 
ATOM   1042 C  C   . HIS B 1 47 ? -23.709 22.052  -0.013  1.00 24.18 ? 47  HIS B C   1 
ATOM   1043 O  O   . HIS B 1 47 ? -23.376 20.941  -0.423  1.00 23.94 ? 47  HIS B O   1 
ATOM   1044 C  CB  . HIS B 1 47 ? -23.769 23.716  -1.875  1.00 29.06 ? 47  HIS B CB  1 
ATOM   1045 C  CG  . HIS B 1 47 ? -23.639 25.170  -2.199  1.00 34.05 ? 47  HIS B CG  1 
ATOM   1046 N  ND1 . HIS B 1 47 ? -22.424 25.773  -2.441  1.00 36.70 ? 47  HIS B ND1 1 
ATOM   1047 C  CD2 . HIS B 1 47 ? -24.572 26.146  -2.302  1.00 36.26 ? 47  HIS B CD2 1 
ATOM   1048 C  CE1 . HIS B 1 47 ? -22.614 27.060  -2.679  1.00 37.65 ? 47  HIS B CE1 1 
ATOM   1049 N  NE2 . HIS B 1 47 ? -23.908 27.311  -2.600  1.00 37.38 ? 47  HIS B NE2 1 
HETATM 1050 N  N   . MSE B 1 48 ? -24.633 22.230  0.922   1.00 24.76 ? 48  MSE B N   1 
HETATM 1051 C  CA  . MSE B 1 48 ? -25.290 21.105  1.567   1.00 26.52 ? 48  MSE B CA  1 
HETATM 1052 C  C   . MSE B 1 48 ? -25.780 20.004  0.626   1.00 26.36 ? 48  MSE B C   1 
HETATM 1053 O  O   . MSE B 1 48 ? -25.434 18.838  0.810   1.00 27.25 ? 48  MSE B O   1 
HETATM 1054 C  CB  . MSE B 1 48 ? -26.449 21.600  2.434   1.00 28.75 ? 48  MSE B CB  1 
HETATM 1055 C  CG  . MSE B 1 48 ? -27.027 20.534  3.356   1.00 30.27 ? 48  MSE B CG  1 
HETATM 1056 SE SE  . MSE B 1 48 ? -25.714 19.740  4.555   1.00 33.30 ? 48  MSE B SE  1 
HETATM 1057 C  CE  . MSE B 1 48 ? -26.778 18.246  5.192   1.00 34.13 ? 48  MSE B CE  1 
ATOM   1058 N  N   . ASP B 1 49 ? -26.570 20.359  -0.384  1.00 26.45 ? 49  ASP B N   1 
ATOM   1059 C  CA  . ASP B 1 49 ? -27.087 19.347  -1.303  1.00 25.73 ? 49  ASP B CA  1 
ATOM   1060 C  C   . ASP B 1 49 ? -25.967 18.518  -1.934  1.00 24.79 ? 49  ASP B C   1 
ATOM   1061 O  O   . ASP B 1 49 ? -26.055 17.289  -1.994  1.00 22.73 ? 49  ASP B O   1 
ATOM   1062 C  CB  . ASP B 1 49 ? -27.956 19.999  -2.391  1.00 28.52 ? 49  ASP B CB  1 
ATOM   1063 C  CG  . ASP B 1 49 ? -27.143 20.750  -3.428  1.00 31.14 ? 49  ASP B CG  1 
ATOM   1064 O  OD1 . ASP B 1 49 ? -26.286 21.574  -3.049  1.00 31.93 ? 49  ASP B OD1 1 
ATOM   1065 O  OD2 . ASP B 1 49 ? -27.372 20.520  -4.633  1.00 34.72 ? 49  ASP B OD2 1 
ATOM   1066 N  N   . ARG B 1 50 ? -24.909 19.187  -2.385  1.00 21.08 ? 50  ARG B N   1 
ATOM   1067 C  CA  . ARG B 1 50 ? -23.781 18.499  -3.000  1.00 21.39 ? 50  ARG B CA  1 
ATOM   1068 C  C   . ARG B 1 50 ? -22.967 17.731  -1.962  1.00 20.45 ? 50  ARG B C   1 
ATOM   1069 O  O   . ARG B 1 50 ? -22.400 16.673  -2.256  1.00 18.10 ? 50  ARG B O   1 
ATOM   1070 C  CB  . ARG B 1 50 ? -22.880 19.505  -3.718  1.00 23.74 ? 50  ARG B CB  1 
ATOM   1071 C  CG  . ARG B 1 50 ? -23.553 20.197  -4.893  1.00 27.91 ? 50  ARG B CG  1 
ATOM   1072 C  CD  . ARG B 1 50 ? -22.590 21.125  -5.614  1.00 33.28 ? 50  ARG B CD  1 
ATOM   1073 N  NE  . ARG B 1 50 ? -21.490 20.392  -6.234  1.00 37.46 ? 50  ARG B NE  1 
ATOM   1074 C  CZ  . ARG B 1 50 ? -20.447 20.968  -6.826  1.00 39.92 ? 50  ARG B CZ  1 
ATOM   1075 N  NH1 . ARG B 1 50 ? -20.360 22.292  -6.877  1.00 40.38 ? 50  ARG B NH1 1 
ATOM   1076 N  NH2 . ARG B 1 50 ? -19.490 20.223  -7.366  1.00 38.41 ? 50  ARG B NH2 1 
ATOM   1077 N  N   . TYR B 1 51 ? -22.913 18.272  -0.748  1.00 18.05 ? 51  TYR B N   1 
ATOM   1078 C  CA  . TYR B 1 51 ? -22.168 17.641  0.334   1.00 17.69 ? 51  TYR B CA  1 
ATOM   1079 C  C   . TYR B 1 51 ? -22.769 16.301  0.721   1.00 17.33 ? 51  TYR B C   1 
ATOM   1080 O  O   . TYR B 1 51 ? -22.048 15.331  0.923   1.00 15.96 ? 51  TYR B O   1 
ATOM   1081 C  CB  . TYR B 1 51 ? -22.130 18.547  1.570   1.00 18.92 ? 51  TYR B CB  1 
ATOM   1082 C  CG  . TYR B 1 51 ? -21.421 17.906  2.741   1.00 18.44 ? 51  TYR B CG  1 
ATOM   1083 C  CD1 . TYR B 1 51 ? -20.040 17.712  2.717   1.00 18.82 ? 51  TYR B CD1 1 
ATOM   1084 C  CD2 . TYR B 1 51 ? -22.133 17.431  3.840   1.00 19.30 ? 51  TYR B CD2 1 
ATOM   1085 C  CE1 . TYR B 1 51 ? -19.388 17.055  3.755   1.00 18.28 ? 51  TYR B CE1 1 
ATOM   1086 C  CE2 . TYR B 1 51 ? -21.489 16.769  4.889   1.00 21.21 ? 51  TYR B CE2 1 
ATOM   1087 C  CZ  . TYR B 1 51 ? -20.116 16.585  4.837   1.00 19.67 ? 51  TYR B CZ  1 
ATOM   1088 O  OH  . TYR B 1 51 ? -19.467 15.925  5.855   1.00 18.74 ? 51  TYR B OH  1 
ATOM   1089 N  N   . VAL B 1 52 ? -24.093 16.245  0.832   1.00 18.21 ? 52  VAL B N   1 
ATOM   1090 C  CA  . VAL B 1 52 ? -24.751 14.997  1.198   1.00 20.88 ? 52  VAL B CA  1 
ATOM   1091 C  C   . VAL B 1 52 ? -24.394 13.918  0.183   1.00 19.31 ? 52  VAL B C   1 
ATOM   1092 O  O   . VAL B 1 52 ? -24.113 12.781  0.546   1.00 19.47 ? 52  VAL B O   1 
ATOM   1093 C  CB  . VAL B 1 52 ? -26.288 15.163  1.250   1.00 21.94 ? 52  VAL B CB  1 
ATOM   1094 C  CG1 . VAL B 1 52 ? -26.951 13.831  1.562   1.00 25.79 ? 52  VAL B CG1 1 
ATOM   1095 C  CG2 . VAL B 1 52 ? -26.659 16.194  2.303   1.00 26.06 ? 52  VAL B CG2 1 
ATOM   1096 N  N   . GLU B 1 53 ? -24.393 14.288  -1.091  1.00 19.58 ? 53  GLU B N   1 
ATOM   1097 C  CA  . GLU B 1 53 ? -24.071 13.348  -2.156  1.00 20.22 ? 53  GLU B CA  1 
ATOM   1098 C  C   . GLU B 1 53 ? -22.613 12.908  -2.056  1.00 17.92 ? 53  GLU B C   1 
ATOM   1099 O  O   . GLU B 1 53 ? -22.301 11.734  -2.220  1.00 16.44 ? 53  GLU B O   1 
ATOM   1100 C  CB  . GLU B 1 53 ? -24.302 14.001  -3.516  1.00 23.91 ? 53  GLU B CB  1 
ATOM   1101 C  CG  . GLU B 1 53 ? -25.643 14.708  -3.645  1.00 30.51 ? 53  GLU B CG  1 
ATOM   1102 C  CD  . GLU B 1 53 ? -25.800 15.403  -4.984  1.00 34.75 ? 53  GLU B CD  1 
ATOM   1103 O  OE1 . GLU B 1 53 ? -25.869 14.695  -6.011  1.00 37.21 ? 53  GLU B OE1 1 
ATOM   1104 O  OE2 . GLU B 1 53 ? -25.846 16.654  -5.010  1.00 37.42 ? 53  GLU B OE2 1 
ATOM   1105 N  N   . TYR B 1 54 ? -21.735 13.869  -1.793  1.00 17.16 ? 54  TYR B N   1 
ATOM   1106 C  CA  . TYR B 1 54 ? -20.298 13.620  -1.680  1.00 16.91 ? 54  TYR B CA  1 
ATOM   1107 C  C   . TYR B 1 54 ? -20.009 12.667  -0.530  1.00 17.85 ? 54  TYR B C   1 
ATOM   1108 O  O   . TYR B 1 54 ? -19.257 11.703  -0.676  1.00 16.56 ? 54  TYR B O   1 
ATOM   1109 C  CB  . TYR B 1 54 ? -19.571 14.940  -1.439  1.00 16.45 ? 54  TYR B CB  1 
ATOM   1110 C  CG  . TYR B 1 54 ? -18.138 14.991  -1.928  1.00 14.32 ? 54  TYR B CG  1 
ATOM   1111 C  CD1 . TYR B 1 54 ? -17.830 14.745  -3.262  1.00 16.55 ? 54  TYR B CD1 1 
ATOM   1112 C  CD2 . TYR B 1 54 ? -17.106 15.392  -1.078  1.00 16.57 ? 54  TYR B CD2 1 
ATOM   1113 C  CE1 . TYR B 1 54 ? -16.533 14.913  -3.747  1.00 17.15 ? 54  TYR B CE1 1 
ATOM   1114 C  CE2 . TYR B 1 54 ? -15.805 15.562  -1.550  1.00 16.09 ? 54  TYR B CE2 1 
ATOM   1115 C  CZ  . TYR B 1 54 ? -15.529 15.327  -2.886  1.00 16.71 ? 54  TYR B CZ  1 
ATOM   1116 O  OH  . TYR B 1 54 ? -14.266 15.542  -3.389  1.00 14.88 ? 54  TYR B OH  1 
ATOM   1117 N  N   . ARG B 1 55 ? -20.608 12.941  0.624   1.00 17.10 ? 55  ARG B N   1 
ATOM   1118 C  CA  . ARG B 1 55 ? -20.395 12.093  1.784   1.00 20.10 ? 55  ARG B CA  1 
ATOM   1119 C  C   . ARG B 1 55 ? -20.948 10.698  1.525   1.00 19.68 ? 55  ARG B C   1 
ATOM   1120 O  O   . ARG B 1 55 ? -20.291 9.700   1.813   1.00 18.77 ? 55  ARG B O   1 
ATOM   1121 C  CB  . ARG B 1 55 ? -21.060 12.694  3.028   1.00 25.37 ? 55  ARG B CB  1 
ATOM   1122 C  CG  . ARG B 1 55 ? -22.573 12.614  3.044   1.00 32.47 ? 55  ARG B CG  1 
ATOM   1123 C  CD  . ARG B 1 55 ? -23.103 12.756  4.468   1.00 36.31 ? 55  ARG B CD  1 
ATOM   1124 N  NE  . ARG B 1 55 ? -24.548 12.565  4.542   1.00 42.78 ? 55  ARG B NE  1 
ATOM   1125 C  CZ  . ARG B 1 55 ? -25.250 12.620  5.668   1.00 43.76 ? 55  ARG B CZ  1 
ATOM   1126 N  NH1 . ARG B 1 55 ? -24.640 12.861  6.823   1.00 45.61 ? 55  ARG B NH1 1 
ATOM   1127 N  NH2 . ARG B 1 55 ? -26.561 12.432  5.645   1.00 47.27 ? 55  ARG B NH2 1 
ATOM   1128 N  N   . ASP B 1 56 ? -22.147 10.627  0.958   1.00 19.82 ? 56  ASP B N   1 
ATOM   1129 C  CA  . ASP B 1 56 ? -22.753 9.329   0.680   1.00 22.37 ? 56  ASP B CA  1 
ATOM   1130 C  C   . ASP B 1 56 ? -21.910 8.486   -0.268  1.00 21.98 ? 56  ASP B C   1 
ATOM   1131 O  O   . ASP B 1 56 ? -21.844 7.263   -0.140  1.00 20.34 ? 56  ASP B O   1 
ATOM   1132 C  CB  . ASP B 1 56 ? -24.162 9.495   0.102   1.00 26.58 ? 56  ASP B CB  1 
ATOM   1133 C  CG  . ASP B 1 56 ? -25.167 9.948   1.144   1.00 31.35 ? 56  ASP B CG  1 
ATOM   1134 O  OD1 . ASP B 1 56 ? -24.973 9.618   2.332   1.00 32.72 ? 56  ASP B OD1 1 
ATOM   1135 O  OD2 . ASP B 1 56 ? -26.155 10.621  0.774   1.00 35.55 ? 56  ASP B OD2 1 
ATOM   1136 N  N   . LYS B 1 57 ? -21.241 9.127   -1.214  1.00 20.14 ? 57  LYS B N   1 
ATOM   1137 C  CA  . LYS B 1 57 ? -20.449 8.339   -2.136  1.00 20.17 ? 57  LYS B CA  1 
ATOM   1138 C  C   . LYS B 1 57 ? -19.073 7.959   -1.606  1.00 19.24 ? 57  LYS B C   1 
ATOM   1139 O  O   . LYS B 1 57 ? -18.566 6.895   -1.942  1.00 17.16 ? 57  LYS B O   1 
ATOM   1140 C  CB  . LYS B 1 57 ? -20.301 9.053   -3.483  1.00 24.61 ? 57  LYS B CB  1 
ATOM   1141 C  CG  . LYS B 1 57 ? -19.244 10.127  -3.539  1.00 28.09 ? 57  LYS B CG  1 
ATOM   1142 C  CD  . LYS B 1 57 ? -18.951 10.491  -4.994  1.00 30.92 ? 57  LYS B CD  1 
ATOM   1143 C  CE  . LYS B 1 57 ? -17.857 11.530  -5.099  1.00 30.07 ? 57  LYS B CE  1 
ATOM   1144 N  NZ  . LYS B 1 57 ? -17.615 11.921  -6.517  1.00 30.71 ? 57  LYS B NZ  1 
ATOM   1145 N  N   . LEU B 1 58 ? -18.490 8.793   -0.748  1.00 16.15 ? 58  LEU B N   1 
ATOM   1146 C  CA  . LEU B 1 58 ? -17.137 8.532   -0.258  1.00 16.28 ? 58  LEU B CA  1 
ATOM   1147 C  C   . LEU B 1 58 ? -16.880 7.953   1.133   1.00 16.08 ? 58  LEU B C   1 
ATOM   1148 O  O   . LEU B 1 58 ? -15.876 7.276   1.331   1.00 14.14 ? 58  LEU B O   1 
ATOM   1149 C  CB  . LEU B 1 58 ? -16.310 9.812   -0.403  1.00 15.27 ? 58  LEU B CB  1 
ATOM   1150 C  CG  . LEU B 1 58 ? -16.231 10.354  -1.834  1.00 13.60 ? 58  LEU B CG  1 
ATOM   1151 C  CD1 . LEU B 1 58 ? -15.521 11.704  -1.822  1.00 14.92 ? 58  LEU B CD1 1 
ATOM   1152 C  CD2 . LEU B 1 58 ? -15.481 9.360   -2.729  1.00 12.92 ? 58  LEU B CD2 1 
ATOM   1153 N  N   . VAL B 1 59 ? -17.748 8.225   2.100   1.00 17.01 ? 59  VAL B N   1 
ATOM   1154 C  CA  . VAL B 1 59 ? -17.518 7.709   3.449   1.00 17.47 ? 59  VAL B CA  1 
ATOM   1155 C  C   . VAL B 1 59 ? -17.330 6.197   3.432   1.00 18.15 ? 59  VAL B C   1 
ATOM   1156 O  O   . VAL B 1 59 ? -18.137 5.472   2.851   1.00 18.24 ? 59  VAL B O   1 
ATOM   1157 C  CB  . VAL B 1 59 ? -18.683 8.071   4.395   1.00 19.58 ? 59  VAL B CB  1 
ATOM   1158 C  CG1 . VAL B 1 59 ? -18.480 7.407   5.754   1.00 18.97 ? 59  VAL B CG1 1 
ATOM   1159 C  CG2 . VAL B 1 59 ? -18.763 9.588   4.556   1.00 21.49 ? 59  VAL B CG2 1 
ATOM   1160 N  N   . GLY B 1 60 ? -16.251 5.734   4.056   1.00 18.12 ? 60  GLY B N   1 
ATOM   1161 C  CA  . GLY B 1 60 ? -15.959 4.310   4.109   1.00 19.79 ? 60  GLY B CA  1 
ATOM   1162 C  C   . GLY B 1 60 ? -15.138 3.777   2.945   1.00 19.51 ? 60  GLY B C   1 
ATOM   1163 O  O   . GLY B 1 60 ? -14.594 2.671   3.009   1.00 20.66 ? 60  GLY B O   1 
ATOM   1164 N  N   . LYS B 1 61 ? -15.029 4.562   1.880   1.00 17.77 ? 61  LYS B N   1 
ATOM   1165 C  CA  . LYS B 1 61 ? -14.286 4.139   0.698   1.00 16.40 ? 61  LYS B CA  1 
ATOM   1166 C  C   . LYS B 1 61 ? -12.790 4.404   0.780   1.00 16.64 ? 61  LYS B C   1 
ATOM   1167 O  O   . LYS B 1 61 ? -12.342 5.339   1.450   1.00 15.62 ? 61  LYS B O   1 
ATOM   1168 C  CB  . LYS B 1 61 ? -14.819 4.863   -0.546  1.00 18.45 ? 61  LYS B CB  1 
ATOM   1169 C  CG  . LYS B 1 61 ? -16.307 4.689   -0.821  1.00 22.05 ? 61  LYS B CG  1 
ATOM   1170 C  CD  . LYS B 1 61 ? -16.642 3.293   -1.307  1.00 25.84 ? 61  LYS B CD  1 
ATOM   1171 C  CE  . LYS B 1 61 ? -18.130 3.200   -1.654  1.00 29.84 ? 61  LYS B CE  1 
ATOM   1172 N  NZ  . LYS B 1 61 ? -18.544 1.842   -2.106  1.00 34.41 ? 61  LYS B NZ  1 
ATOM   1173 N  N   . THR B 1 62 ? -12.024 3.558   0.102   1.00 15.51 ? 62  THR B N   1 
ATOM   1174 C  CA  . THR B 1 62 ? -10.581 3.733   0.007   1.00 15.87 ? 62  THR B CA  1 
ATOM   1175 C  C   . THR B 1 62 ? -10.472 4.549   -1.274  1.00 16.44 ? 62  THR B C   1 
ATOM   1176 O  O   . THR B 1 62 ? -11.067 4.195   -2.297  1.00 14.81 ? 62  THR B O   1 
ATOM   1177 C  CB  . THR B 1 62 ? -9.849  2.390   -0.167  1.00 19.13 ? 62  THR B CB  1 
ATOM   1178 O  OG1 . THR B 1 62 ? -9.957  1.637   1.046   1.00 20.29 ? 62  THR B OG1 1 
ATOM   1179 C  CG2 . THR B 1 62 ? -8.375  2.620   -0.476  1.00 18.46 ? 62  THR B CG2 1 
ATOM   1180 N  N   . VAL B 1 63 ? -9.736  5.651   -1.211  1.00 15.31 ? 63  VAL B N   1 
ATOM   1181 C  CA  . VAL B 1 63 ? -9.597  6.545   -2.349  1.00 13.41 ? 63  VAL B CA  1 
ATOM   1182 C  C   . VAL B 1 63 ? -8.168  7.051   -2.482  1.00 15.27 ? 63  VAL B C   1 
ATOM   1183 O  O   . VAL B 1 63 ? -7.333  6.844   -1.594  1.00 13.63 ? 63  VAL B O   1 
ATOM   1184 C  CB  . VAL B 1 63 ? -10.497 7.786   -2.168  1.00 13.14 ? 63  VAL B CB  1 
ATOM   1185 C  CG1 . VAL B 1 63 ? -11.924 7.365   -1.845  1.00 13.83 ? 63  VAL B CG1 1 
ATOM   1186 C  CG2 . VAL B 1 63 ? -9.951  8.661   -1.036  1.00 14.63 ? 63  VAL B CG2 1 
ATOM   1187 N  N   . LYS B 1 64 ? -7.902  7.712   -3.604  1.00 13.83 ? 64  LYS B N   1 
ATOM   1188 C  CA  . LYS B 1 64 ? -6.612  8.337   -3.847  1.00 15.98 ? 64  LYS B CA  1 
ATOM   1189 C  C   . LYS B 1 64 ? -6.903  9.828   -3.732  1.00 14.30 ? 64  LYS B C   1 
ATOM   1190 O  O   . LYS B 1 64 ? -7.909  10.309  -4.245  1.00 13.00 ? 64  LYS B O   1 
ATOM   1191 C  CB  . LYS B 1 64 ? -6.091  8.016   -5.252  1.00 18.26 ? 64  LYS B CB  1 
ATOM   1192 C  CG  . LYS B 1 64 ? -5.725  6.552   -5.445  1.00 22.30 ? 64  LYS B CG  1 
ATOM   1193 C  CD  . LYS B 1 64 ? -4.995  6.329   -6.762  1.00 25.66 ? 64  LYS B CD  1 
ATOM   1194 C  CE  . LYS B 1 64 ? -4.565  4.880   -6.904  1.00 27.94 ? 64  LYS B CE  1 
ATOM   1195 N  NZ  . LYS B 1 64 ? -3.739  4.669   -8.127  1.00 31.55 ? 64  LYS B NZ  1 
ATOM   1196 N  N   . VAL B 1 65 ? -6.044  10.550  -3.023  1.00 14.88 ? 65  VAL B N   1 
ATOM   1197 C  CA  . VAL B 1 65 ? -6.222  11.981  -2.853  1.00 13.48 ? 65  VAL B CA  1 
ATOM   1198 C  C   . VAL B 1 65 ? -4.923  12.659  -3.233  1.00 13.96 ? 65  VAL B C   1 
ATOM   1199 O  O   . VAL B 1 65 ? -3.873  12.026  -3.246  1.00 16.35 ? 65  VAL B O   1 
ATOM   1200 C  CB  . VAL B 1 65 ? -6.578  12.350  -1.387  1.00 11.65 ? 65  VAL B CB  1 
ATOM   1201 C  CG1 . VAL B 1 65 ? -7.891  11.671  -0.991  1.00 11.65 ? 65  VAL B CG1 1 
ATOM   1202 C  CG2 . VAL B 1 65 ? -5.455  11.930  -0.438  1.00 12.68 ? 65  VAL B CG2 1 
ATOM   1203 N  N   . LYS B 1 66 ? -5.009  13.941  -3.563  1.00 15.85 ? 66  LYS B N   1 
ATOM   1204 C  CA  . LYS B 1 66 ? -3.834  14.714  -3.928  1.00 17.29 ? 66  LYS B CA  1 
ATOM   1205 C  C   . LYS B 1 66 ? -3.512  15.634  -2.762  1.00 18.38 ? 66  LYS B C   1 
ATOM   1206 O  O   . LYS B 1 66 ? -4.383  16.349  -2.267  1.00 17.53 ? 66  LYS B O   1 
ATOM   1207 C  CB  . LYS B 1 66 ? -4.111  15.546  -5.181  1.00 20.38 ? 66  LYS B CB  1 
ATOM   1208 C  CG  . LYS B 1 66 ? -2.904  16.317  -5.697  1.00 24.08 ? 66  LYS B CG  1 
ATOM   1209 C  CD  . LYS B 1 66 ? -3.273  17.123  -6.930  1.00 27.56 ? 66  LYS B CD  1 
ATOM   1210 C  CE  . LYS B 1 66 ? -2.098  17.939  -7.442  1.00 29.70 ? 66  LYS B CE  1 
ATOM   1211 N  NZ  . LYS B 1 66 ? -2.516  18.836  -8.556  1.00 33.34 ? 66  LYS B NZ  1 
ATOM   1212 N  N   . VAL B 1 67 ? -2.262  15.604  -2.316  1.00 18.69 ? 67  VAL B N   1 
ATOM   1213 C  CA  . VAL B 1 67 ? -1.837  16.446  -1.204  1.00 20.20 ? 67  VAL B CA  1 
ATOM   1214 C  C   . VAL B 1 67 ? -1.673  17.876  -1.699  1.00 22.66 ? 67  VAL B C   1 
ATOM   1215 O  O   . VAL B 1 67 ? -0.992  18.116  -2.697  1.00 22.44 ? 67  VAL B O   1 
ATOM   1216 C  CB  . VAL B 1 67 ? -0.500  15.956  -0.619  1.00 21.05 ? 67  VAL B CB  1 
ATOM   1217 C  CG1 . VAL B 1 67 ? -0.018  16.914  0.467   1.00 20.44 ? 67  VAL B CG1 1 
ATOM   1218 C  CG2 . VAL B 1 67 ? -0.669  14.552  -0.055  1.00 19.17 ? 67  VAL B CG2 1 
ATOM   1219 N  N   . ILE B 1 68 ? -2.312  18.819  -1.012  1.00 25.23 ? 68  ILE B N   1 
ATOM   1220 C  CA  . ILE B 1 68 ? -2.227  20.220  -1.402  1.00 29.74 ? 68  ILE B CA  1 
ATOM   1221 C  C   . ILE B 1 68 ? -1.429  21.051  -0.404  1.00 29.78 ? 68  ILE B C   1 
ATOM   1222 O  O   . ILE B 1 68 ? -0.670  21.934  -0.800  1.00 30.59 ? 68  ILE B O   1 
ATOM   1223 C  CB  . ILE B 1 68 ? -3.633  20.842  -1.583  1.00 32.79 ? 68  ILE B CB  1 
ATOM   1224 C  CG1 . ILE B 1 68 ? -4.431  20.737  -0.286  1.00 35.63 ? 68  ILE B CG1 1 
ATOM   1225 C  CG2 . ILE B 1 68 ? -4.367  20.137  -2.719  1.00 33.26 ? 68  ILE B CG2 1 
ATOM   1226 C  CD1 . ILE B 1 68 ? -5.866  21.237  -0.402  1.00 38.83 ? 68  ILE B CD1 1 
ATOM   1227 N  N   . ARG B 1 69 ? -1.587  20.760  0.885   1.00 29.83 ? 69  ARG B N   1 
ATOM   1228 C  CA  . ARG B 1 69 ? -0.865  21.495  1.921   1.00 31.52 ? 69  ARG B CA  1 
ATOM   1229 C  C   . ARG B 1 69 ? -0.509  20.624  3.119   1.00 30.84 ? 69  ARG B C   1 
ATOM   1230 O  O   . ARG B 1 69 ? -1.329  19.840  3.594   1.00 28.16 ? 69  ARG B O   1 
ATOM   1231 C  CB  . ARG B 1 69 ? -1.691  22.687  2.412   1.00 34.22 ? 69  ARG B CB  1 
ATOM   1232 C  CG  . ARG B 1 69 ? -1.016  23.441  3.547   1.00 39.36 ? 69  ARG B CG  1 
ATOM   1233 C  CD  . ARG B 1 69 ? -1.972  24.371  4.268   1.00 44.12 ? 69  ARG B CD  1 
ATOM   1234 N  NE  . ARG B 1 69 ? -1.376  24.895  5.494   1.00 47.86 ? 69  ARG B NE  1 
ATOM   1235 C  CZ  . ARG B 1 69 ? -2.028  25.628  6.390   1.00 49.87 ? 69  ARG B CZ  1 
ATOM   1236 N  NH1 . ARG B 1 69 ? -3.307  25.931  6.202   1.00 50.54 ? 69  ARG B NH1 1 
ATOM   1237 N  NH2 . ARG B 1 69 ? -1.402  26.056  7.479   1.00 51.15 ? 69  ARG B NH2 1 
ATOM   1238 N  N   . VAL B 1 70 ? 0.717   20.778  3.613   1.00 28.94 ? 70  VAL B N   1 
ATOM   1239 C  CA  . VAL B 1 70 ? 1.174   20.014  4.766   1.00 28.48 ? 70  VAL B CA  1 
ATOM   1240 C  C   . VAL B 1 70 ? 1.635   20.934  5.892   1.00 30.25 ? 70  VAL B C   1 
ATOM   1241 O  O   . VAL B 1 70 ? 2.515   21.768  5.698   1.00 29.59 ? 70  VAL B O   1 
ATOM   1242 C  CB  . VAL B 1 70 ? 2.355   19.082  4.397   1.00 28.44 ? 70  VAL B CB  1 
ATOM   1243 C  CG1 . VAL B 1 70 ? 2.872   18.379  5.643   1.00 28.35 ? 70  VAL B CG1 1 
ATOM   1244 C  CG2 . VAL B 1 70 ? 1.916   18.061  3.360   1.00 27.20 ? 70  VAL B CG2 1 
ATOM   1245 N  N   . ASP B 1 71 ? 1.029   20.784  7.064   1.00 30.00 ? 71  ASP B N   1 
ATOM   1246 C  CA  . ASP B 1 71 ? 1.413   21.582  8.224   1.00 30.84 ? 71  ASP B CA  1 
ATOM   1247 C  C   . ASP B 1 71 ? 1.966   20.580  9.229   1.00 28.92 ? 71  ASP B C   1 
ATOM   1248 O  O   . ASP B 1 71 ? 1.219   19.996  10.015  1.00 26.41 ? 71  ASP B O   1 
ATOM   1249 C  CB  . ASP B 1 71 ? 0.205   22.311  8.818   1.00 33.00 ? 71  ASP B CB  1 
ATOM   1250 C  CG  . ASP B 1 71 ? 0.607   23.358  9.843   1.00 35.59 ? 71  ASP B CG  1 
ATOM   1251 O  OD1 . ASP B 1 71 ? 1.394   23.028  10.754  1.00 36.06 ? 71  ASP B OD1 1 
ATOM   1252 O  OD2 . ASP B 1 71 ? 0.137   24.511  9.740   1.00 36.51 ? 71  ASP B OD2 1 
ATOM   1253 N  N   . TYR B 1 72 ? 3.278   20.372  9.185   1.00 29.05 ? 72  TYR B N   1 
ATOM   1254 C  CA  . TYR B 1 72 ? 3.927   19.420  10.074  1.00 30.39 ? 72  TYR B CA  1 
ATOM   1255 C  C   . TYR B 1 72 ? 4.022   19.925  11.505  1.00 31.18 ? 72  TYR B C   1 
ATOM   1256 O  O   . TYR B 1 72 ? 4.292   19.153  12.423  1.00 32.13 ? 72  TYR B O   1 
ATOM   1257 C  CB  . TYR B 1 72 ? 5.322   19.081  9.542   1.00 31.03 ? 72  TYR B CB  1 
ATOM   1258 C  CG  . TYR B 1 72 ? 6.235   20.276  9.425   1.00 31.60 ? 72  TYR B CG  1 
ATOM   1259 C  CD1 . TYR B 1 72 ? 6.888   20.791  10.544  1.00 32.85 ? 72  TYR B CD1 1 
ATOM   1260 C  CD2 . TYR B 1 72 ? 6.428   20.909  8.198   1.00 32.36 ? 72  TYR B CD2 1 
ATOM   1261 C  CE1 . TYR B 1 72 ? 7.712   21.907  10.446  1.00 34.21 ? 72  TYR B CE1 1 
ATOM   1262 C  CE2 . TYR B 1 72 ? 7.249   22.027  8.087   1.00 34.01 ? 72  TYR B CE2 1 
ATOM   1263 C  CZ  . TYR B 1 72 ? 7.886   22.519  9.215   1.00 35.60 ? 72  TYR B CZ  1 
ATOM   1264 O  OH  . TYR B 1 72 ? 8.697   23.627  9.114   1.00 37.31 ? 72  TYR B OH  1 
ATOM   1265 N  N   . THR B 1 73 ? 3.802   21.222  11.695  1.00 32.51 ? 73  THR B N   1 
ATOM   1266 C  CA  . THR B 1 73 ? 3.860   21.794  13.033  1.00 32.64 ? 73  THR B CA  1 
ATOM   1267 C  C   . THR B 1 73 ? 2.618   21.363  13.808  1.00 33.65 ? 73  THR B C   1 
ATOM   1268 O  O   . THR B 1 73 ? 2.707   20.959  14.967  1.00 32.78 ? 73  THR B O   1 
ATOM   1269 C  CB  . THR B 1 73 ? 3.916   23.337  12.987  1.00 33.04 ? 73  THR B CB  1 
ATOM   1270 O  OG1 . THR B 1 73 ? 5.047   23.756  12.211  1.00 33.33 ? 73  THR B OG1 1 
ATOM   1271 C  CG2 . THR B 1 73 ? 4.040   23.905  14.396  1.00 33.15 ? 73  THR B CG2 1 
ATOM   1272 N  N   . LYS B 1 74 ? 1.464   21.432  13.149  1.00 34.71 ? 74  LYS B N   1 
ATOM   1273 C  CA  . LYS B 1 74 ? 0.194   21.059  13.766  1.00 35.58 ? 74  LYS B CA  1 
ATOM   1274 C  C   . LYS B 1 74 ? -0.221  19.616  13.473  1.00 34.88 ? 74  LYS B C   1 
ATOM   1275 O  O   . LYS B 1 74 ? -1.131  19.081  14.108  1.00 36.08 ? 74  LYS B O   1 
ATOM   1276 C  CB  . LYS B 1 74 ? -0.909  22.012  13.300  1.00 37.37 ? 74  LYS B CB  1 
ATOM   1277 C  CG  . LYS B 1 74 ? -0.728  23.453  13.761  1.00 40.22 ? 74  LYS B CG  1 
ATOM   1278 C  CD  . LYS B 1 74 ? -1.899  24.325  13.328  1.00 41.82 ? 74  LYS B CD  1 
ATOM   1279 C  CE  . LYS B 1 74 ? -1.788  25.733  13.906  1.00 43.22 ? 74  LYS B CE  1 
ATOM   1280 N  NZ  . LYS B 1 74 ? -2.940  26.595  13.509  1.00 42.47 ? 74  LYS B NZ  1 
ATOM   1281 N  N   . GLY B 1 75 ? 0.448   18.987  12.514  1.00 33.47 ? 75  GLY B N   1 
ATOM   1282 C  CA  . GLY B 1 75 ? 0.120   17.614  12.169  1.00 30.47 ? 75  GLY B CA  1 
ATOM   1283 C  C   . GLY B 1 75 ? -1.165  17.517  11.367  1.00 27.91 ? 75  GLY B C   1 
ATOM   1284 O  O   . GLY B 1 75 ? -1.979  16.617  11.584  1.00 25.44 ? 75  GLY B O   1 
ATOM   1285 N  N   . TYR B 1 76 ? -1.347  18.453  10.440  1.00 27.70 ? 76  TYR B N   1 
ATOM   1286 C  CA  . TYR B 1 76 ? -2.535  18.481  9.593   1.00 27.40 ? 76  TYR B CA  1 
ATOM   1287 C  C   . TYR B 1 76 ? -2.161  18.473  8.122   1.00 26.49 ? 76  TYR B C   1 
ATOM   1288 O  O   . TYR B 1 76 ? -1.160  19.064  7.718   1.00 26.97 ? 76  TYR B O   1 
ATOM   1289 C  CB  . TYR B 1 76 ? -3.379  19.723  9.894   1.00 30.02 ? 76  TYR B CB  1 
ATOM   1290 C  CG  . TYR B 1 76 ? -4.088  19.667  11.226  1.00 34.04 ? 76  TYR B CG  1 
ATOM   1291 C  CD1 . TYR B 1 76 ? -5.101  18.739  11.457  1.00 36.30 ? 76  TYR B CD1 1 
ATOM   1292 C  CD2 . TYR B 1 76 ? -3.735  20.529  12.263  1.00 36.52 ? 76  TYR B CD2 1 
ATOM   1293 C  CE1 . TYR B 1 76 ? -5.746  18.666  12.690  1.00 37.51 ? 76  TYR B CE1 1 
ATOM   1294 C  CE2 . TYR B 1 76 ? -4.374  20.465  13.504  1.00 37.54 ? 76  TYR B CE2 1 
ATOM   1295 C  CZ  . TYR B 1 76 ? -5.377  19.530  13.708  1.00 38.66 ? 76  TYR B CZ  1 
ATOM   1296 O  OH  . TYR B 1 76 ? -6.007  19.451  14.929  1.00 39.79 ? 76  TYR B OH  1 
ATOM   1297 N  N   . ILE B 1 77 ? -2.979  17.798  7.323   1.00 23.54 ? 77  ILE B N   1 
ATOM   1298 C  CA  . ILE B 1 77 ? -2.747  17.702  5.894   1.00 22.41 ? 77  ILE B CA  1 
ATOM   1299 C  C   . ILE B 1 77 ? -4.035  18.025  5.147   1.00 22.30 ? 77  ILE B C   1 
ATOM   1300 O  O   . ILE B 1 77 ? -5.100  17.499  5.479   1.00 19.46 ? 77  ILE B O   1 
ATOM   1301 C  CB  . ILE B 1 77 ? -2.310  16.270  5.486   1.00 23.32 ? 77  ILE B CB  1 
ATOM   1302 C  CG1 . ILE B 1 77 ? -1.066  15.847  6.269   1.00 25.66 ? 77  ILE B CG1 1 
ATOM   1303 C  CG2 . ILE B 1 77 ? -2.023  16.215  3.993   1.00 22.36 ? 77  ILE B CG2 1 
ATOM   1304 C  CD1 . ILE B 1 77 ? 0.147   16.676  5.993   1.00 29.82 ? 77  ILE B CD1 1 
ATOM   1305 N  N   . ASP B 1 78 ? -3.943  18.907  4.160   1.00 21.06 ? 78  ASP B N   1 
ATOM   1306 C  CA  . ASP B 1 78 ? -5.105  19.244  3.351   1.00 21.05 ? 78  ASP B CA  1 
ATOM   1307 C  C   . ASP B 1 78 ? -4.961  18.465  2.051   1.00 19.45 ? 78  ASP B C   1 
ATOM   1308 O  O   . ASP B 1 78 ? -3.900  18.472  1.429   1.00 19.90 ? 78  ASP B O   1 
ATOM   1309 C  CB  . ASP B 1 78 ? -5.163  20.746  3.045   1.00 25.18 ? 78  ASP B CB  1 
ATOM   1310 C  CG  . ASP B 1 78 ? -5.494  21.583  4.265   1.00 29.25 ? 78  ASP B CG  1 
ATOM   1311 O  OD1 . ASP B 1 78 ? -6.499  21.283  4.945   1.00 30.75 ? 78  ASP B OD1 1 
ATOM   1312 O  OD2 . ASP B 1 78 ? -4.755  22.550  4.539   1.00 34.31 ? 78  ASP B OD2 1 
ATOM   1313 N  N   . VAL B 1 79 ? -6.023  17.778  1.647   1.00 16.55 ? 79  VAL B N   1 
ATOM   1314 C  CA  . VAL B 1 79 ? -5.988  17.008  0.412   1.00 14.96 ? 79  VAL B CA  1 
ATOM   1315 C  C   . VAL B 1 79 ? -7.255  17.234  -0.396  1.00 14.50 ? 79  VAL B C   1 
ATOM   1316 O  O   . VAL B 1 79 ? -8.219  17.835  0.086   1.00 14.01 ? 79  VAL B O   1 
ATOM   1317 C  CB  . VAL B 1 79 ? -5.886  15.482  0.677   1.00 13.91 ? 79  VAL B CB  1 
ATOM   1318 C  CG1 . VAL B 1 79 ? -4.704  15.189  1.585   1.00 14.72 ? 79  VAL B CG1 1 
ATOM   1319 C  CG2 . VAL B 1 79 ? -7.195  14.968  1.294   1.00 14.40 ? 79  VAL B CG2 1 
ATOM   1320 N  N   . ASN B 1 80 ? -7.229  16.759  -1.636  1.00 15.09 ? 80  ASN B N   1 
ATOM   1321 C  CA  . ASN B 1 80 ? -8.377  16.831  -2.529  1.00 15.88 ? 80  ASN B CA  1 
ATOM   1322 C  C   . ASN B 1 80 ? -8.629  15.428  -3.061  1.00 15.59 ? 80  ASN B C   1 
ATOM   1323 O  O   . ASN B 1 80 ? -7.710  14.748  -3.515  1.00 16.33 ? 80  ASN B O   1 
ATOM   1324 C  CB  . ASN B 1 80 ? -8.128  17.752  -3.722  1.00 18.81 ? 80  ASN B CB  1 
ATOM   1325 C  CG  . ASN B 1 80 ? -8.213  19.218  -3.365  1.00 22.05 ? 80  ASN B CG  1 
ATOM   1326 O  OD1 . ASN B 1 80 ? -8.943  19.612  -2.451  1.00 23.60 ? 80  ASN B OD1 1 
ATOM   1327 N  ND2 . ASN B 1 80 ? -7.480  20.044  -4.104  1.00 20.78 ? 80  ASN B ND2 1 
ATOM   1328 N  N   . TYR B 1 81 ? -9.880  14.996  -3.000  1.00 15.96 ? 81  TYR B N   1 
ATOM   1329 C  CA  . TYR B 1 81 ? -10.245 13.680  -3.498  1.00 15.81 ? 81  TYR B CA  1 
ATOM   1330 C  C   . TYR B 1 81 ? -10.010 13.602  -5.001  1.00 16.48 ? 81  TYR B C   1 
ATOM   1331 O  O   . TYR B 1 81 ? -10.294 14.556  -5.727  1.00 16.97 ? 81  TYR B O   1 
ATOM   1332 C  CB  . TYR B 1 81 ? -11.720 13.418  -3.205  1.00 14.44 ? 81  TYR B CB  1 
ATOM   1333 C  CG  . TYR B 1 81 ? -12.336 12.313  -4.030  1.00 13.58 ? 81  TYR B CG  1 
ATOM   1334 C  CD1 . TYR B 1 81 ? -11.996 10.973  -3.819  1.00 15.55 ? 81  TYR B CD1 1 
ATOM   1335 C  CD2 . TYR B 1 81 ? -13.262 12.607  -5.030  1.00 14.98 ? 81  TYR B CD2 1 
ATOM   1336 C  CE1 . TYR B 1 81 ? -12.567 9.956   -4.591  1.00 14.01 ? 81  TYR B CE1 1 
ATOM   1337 C  CE2 . TYR B 1 81 ? -13.840 11.598  -5.800  1.00 16.28 ? 81  TYR B CE2 1 
ATOM   1338 C  CZ  . TYR B 1 81 ? -13.487 10.280  -5.577  1.00 16.54 ? 81  TYR B CZ  1 
ATOM   1339 O  OH  . TYR B 1 81 ? -14.054 9.290   -6.350  1.00 15.82 ? 81  TYR B OH  1 
ATOM   1340 N  N   . LYS B 1 82 ? -9.487  12.472  -5.468  1.00 15.62 ? 82  LYS B N   1 
ATOM   1341 C  CA  . LYS B 1 82 ? -9.264  12.294  -6.899  1.00 15.64 ? 82  LYS B CA  1 
ATOM   1342 C  C   . LYS B 1 82 ? -10.144 11.183  -7.458  1.00 14.99 ? 82  LYS B C   1 
ATOM   1343 O  O   . LYS B 1 82 ? -10.932 11.416  -8.374  1.00 14.30 ? 82  LYS B O   1 
ATOM   1344 C  CB  . LYS B 1 82 ? -7.790  12.013  -7.190  1.00 18.88 ? 82  LYS B CB  1 
ATOM   1345 C  CG  . LYS B 1 82 ? -6.922  13.254  -7.068  1.00 20.89 ? 82  LYS B CG  1 
ATOM   1346 C  CD  . LYS B 1 82 ? -7.443  14.358  -7.984  1.00 22.74 ? 82  LYS B CD  1 
ATOM   1347 C  CE  . LYS B 1 82 ? -6.690  15.666  -7.795  1.00 25.90 ? 82  LYS B CE  1 
ATOM   1348 N  NZ  . LYS B 1 82 ? -7.285  16.754  -8.633  1.00 25.15 ? 82  LYS B NZ  1 
ATOM   1349 N  N   . ARG B 1 83 ? -10.016 9.978   -6.909  1.00 13.45 ? 83  ARG B N   1 
ATOM   1350 C  CA  . ARG B 1 83 ? -10.832 8.863   -7.376  1.00 15.40 ? 83  ARG B CA  1 
ATOM   1351 C  C   . ARG B 1 83 ? -10.856 7.702   -6.387  1.00 13.54 ? 83  ARG B C   1 
ATOM   1352 O  O   . ARG B 1 83 ? -9.935  7.529   -5.599  1.00 14.16 ? 83  ARG B O   1 
ATOM   1353 C  CB  . ARG B 1 83 ? -10.324 8.370   -8.737  1.00 17.67 ? 83  ARG B CB  1 
ATOM   1354 C  CG  . ARG B 1 83 ? -8.892  7.851   -8.741  1.00 21.71 ? 83  ARG B CG  1 
ATOM   1355 C  CD  . ARG B 1 83 ? -8.551  7.233   -10.095 1.00 24.87 ? 83  ARG B CD  1 
ATOM   1356 N  NE  . ARG B 1 83 ? -7.151  6.823   -10.187 1.00 27.92 ? 83  ARG B NE  1 
ATOM   1357 C  CZ  . ARG B 1 83 ? -6.122  7.667   -10.237 1.00 31.08 ? 83  ARG B CZ  1 
ATOM   1358 N  NH1 . ARG B 1 83 ? -6.325  8.978   -10.206 1.00 32.27 ? 83  ARG B NH1 1 
ATOM   1359 N  NH2 . ARG B 1 83 ? -4.885  7.199   -10.322 1.00 33.28 ? 83  ARG B NH2 1 
HETATM 1360 N  N   . MSE B 1 84 ? -11.925 6.916   -6.422  1.00 14.63 ? 84  MSE B N   1 
HETATM 1361 C  CA  . MSE B 1 84 ? -12.028 5.765   -5.536  1.00 13.99 ? 84  MSE B CA  1 
HETATM 1362 C  C   . MSE B 1 84 ? -11.109 4.680   -6.088  1.00 17.17 ? 84  MSE B C   1 
HETATM 1363 O  O   . MSE B 1 84 ? -10.966 4.533   -7.305  1.00 19.12 ? 84  MSE B O   1 
HETATM 1364 C  CB  . MSE B 1 84 ? -13.478 5.282   -5.467  1.00 14.73 ? 84  MSE B CB  1 
HETATM 1365 C  CG  . MSE B 1 84 ? -14.398 6.274   -4.779  1.00 14.79 ? 84  MSE B CG  1 
HETATM 1366 SE SE  . MSE B 1 84 ? -16.259 5.746   -4.822  1.00 25.40 ? 84  MSE B SE  1 
HETATM 1367 C  CE  . MSE B 1 84 ? -16.726 6.521   -6.525  1.00 22.53 ? 84  MSE B CE  1 
ATOM   1368 N  N   . CYS B 1 85 ? -10.473 3.928   -5.195  1.00 16.01 ? 85  CYS B N   1 
ATOM   1369 C  CA  . CYS B 1 85 ? -9.548  2.883   -5.620  1.00 21.05 ? 85  CYS B CA  1 
ATOM   1370 C  C   . CYS B 1 85 ? -10.213 1.704   -6.319  1.00 23.44 ? 85  CYS B C   1 
ATOM   1371 O  O   . CYS B 1 85 ? -11.261 1.216   -5.883  1.00 22.24 ? 85  CYS B O   1 
ATOM   1372 C  CB  . CYS B 1 85 ? -8.744  2.380   -4.422  1.00 22.87 ? 85  CYS B CB  1 
ATOM   1373 S  SG  . CYS B 1 85 ? -7.626  3.623   -3.750  1.00 25.00 ? 85  CYS B SG  1 
ATOM   1374 N  N   . ARG B 1 86 ? -9.588  1.262   -7.409  1.00 27.46 ? 86  ARG B N   1 
ATOM   1375 C  CA  . ARG B 1 86 ? -10.084 0.133   -8.190  1.00 33.35 ? 86  ARG B CA  1 
ATOM   1376 C  C   . ARG B 1 86 ? -10.338 -1.033  -7.242  1.00 36.16 ? 86  ARG B C   1 
ATOM   1377 O  O   . ARG B 1 86 ? -11.403 -1.652  -7.267  1.00 37.20 ? 86  ARG B O   1 
ATOM   1378 C  CB  . ARG B 1 86 ? -9.051  -0.272  -9.251  1.00 33.81 ? 86  ARG B CB  1 
ATOM   1379 C  CG  . ARG B 1 86 ? -9.432  -1.510  -10.050 1.00 37.76 ? 86  ARG B CG  1 
ATOM   1380 C  CD  . ARG B 1 86 ? -8.280  -2.047  -10.904 1.00 40.76 ? 86  ARG B CD  1 
ATOM   1381 N  NE  . ARG B 1 86 ? -7.949  -1.196  -12.047 1.00 41.29 ? 86  ARG B NE  1 
ATOM   1382 C  CZ  . ARG B 1 86 ? -7.170  -0.121  -11.989 1.00 44.09 ? 86  ARG B CZ  1 
ATOM   1383 N  NH1 . ARG B 1 86 ? -6.626  0.251   -10.837 1.00 44.33 ? 86  ARG B NH1 1 
ATOM   1384 N  NH2 . ARG B 1 86 ? -6.929  0.582   -13.089 1.00 42.58 ? 86  ARG B NH2 1 
ATOM   1385 N  N   . HIS B 1 87 ? -9.351  -1.320  -6.401  1.00 39.46 ? 87  HIS B N   1 
ATOM   1386 C  CA  . HIS B 1 87 ? -9.456  -2.397  -5.429  1.00 43.09 ? 87  HIS B CA  1 
ATOM   1387 C  C   . HIS B 1 87 ? -9.820  -1.796  -4.077  1.00 44.93 ? 87  HIS B C   1 
ATOM   1388 O  O   . HIS B 1 87 ? -8.984  -1.182  -3.413  1.00 45.68 ? 87  HIS B O   1 
ATOM   1389 C  CB  . HIS B 1 87 ? -8.128  -3.147  -5.328  1.00 43.92 ? 87  HIS B CB  1 
ATOM   1390 C  CG  . HIS B 1 87 ? -7.643  -3.689  -6.635  1.00 44.69 ? 87  HIS B CG  1 
ATOM   1391 N  ND1 . HIS B 1 87 ? -8.348  -4.624  -7.361  1.00 45.04 ? 87  HIS B ND1 1 
ATOM   1392 C  CD2 . HIS B 1 87 ? -6.527  -3.417  -7.354  1.00 45.38 ? 87  HIS B CD2 1 
ATOM   1393 C  CE1 . HIS B 1 87 ? -7.689  -4.906  -8.471  1.00 45.49 ? 87  HIS B CE1 1 
ATOM   1394 N  NE2 . HIS B 1 87 ? -6.581  -4.187  -8.490  1.00 45.73 ? 87  HIS B NE2 1 
ATOM   1395 N  N   . GLN B 1 88 ? -11.074 -1.979  -3.681  1.00 46.65 ? 88  GLN B N   1 
ATOM   1396 C  CA  . GLN B 1 88 ? -11.574 -1.448  -2.420  1.00 48.27 ? 88  GLN B CA  1 
ATOM   1397 C  C   . GLN B 1 88 ? -10.989 -2.195  -1.226  1.00 49.69 ? 88  GLN B C   1 
ATOM   1398 O  O   . GLN B 1 88 ? -10.304 -1.546  -0.408  1.00 50.18 ? 88  GLN B O   1 
ATOM   1399 C  CB  . GLN B 1 88 ? -13.101 -1.534  -2.403  1.00 48.42 ? 88  GLN B CB  1 
ATOM   1400 C  CG  . GLN B 1 88 ? -13.767 -0.678  -1.346  1.00 49.32 ? 88  GLN B CG  1 
ATOM   1401 C  CD  . GLN B 1 88 ? -13.257 0.750   -1.359  1.00 47.78 ? 88  GLN B CD  1 
ATOM   1402 O  OE1 . GLN B 1 88 ? -13.123 1.368   -2.415  1.00 46.11 ? 88  GLN B OE1 1 
ATOM   1403 N  NE2 . GLN B 1 88 ? -12.975 1.282   -0.180  1.00 49.52 ? 88  GLN B NE2 1 
ATOM   1404 O  OXT . GLN B 1 88 ? -11.219 -3.419  -1.124  1.00 51.14 ? 88  GLN B OXT 1 
HETATM 1405 O  O   . HOH C 2 .  ? 8.502   -5.120  -13.171 1.00 13.12 ? 89  HOH A O   1 
HETATM 1406 O  O   . HOH C 2 .  ? 8.714   -25.949 -3.644  1.00 16.44 ? 90  HOH A O   1 
HETATM 1407 O  O   . HOH C 2 .  ? 5.673   -12.885 -8.582  1.00 17.49 ? 91  HOH A O   1 
HETATM 1408 O  O   . HOH C 2 .  ? 11.699  -14.989 -19.359 1.00 20.18 ? 92  HOH A O   1 
HETATM 1409 O  O   . HOH C 2 .  ? 14.188  -23.478 0.224   1.00 22.35 ? 93  HOH A O   1 
HETATM 1410 O  O   . HOH C 2 .  ? 7.664   -3.828  -4.495  1.00 19.46 ? 94  HOH A O   1 
HETATM 1411 O  O   . HOH C 2 .  ? 10.800  -16.423 3.386   1.00 18.34 ? 95  HOH A O   1 
HETATM 1412 O  O   . HOH C 2 .  ? 20.293  -11.407 -15.374 1.00 26.07 ? 96  HOH A O   1 
HETATM 1413 O  O   . HOH C 2 .  ? 6.289   -9.421  -8.804  1.00 15.98 ? 97  HOH A O   1 
HETATM 1414 O  O   . HOH C 2 .  ? 11.818  -16.075 -8.705  1.00 24.23 ? 98  HOH A O   1 
HETATM 1415 O  O   . HOH C 2 .  ? -2.403  -18.238 -3.401  1.00 23.90 ? 99  HOH A O   1 
HETATM 1416 O  O   . HOH C 2 .  ? 7.927   -23.297 -7.301  1.00 23.87 ? 100 HOH A O   1 
HETATM 1417 O  O   . HOH C 2 .  ? 13.265  -31.355 4.142   1.00 27.45 ? 101 HOH A O   1 
HETATM 1418 O  O   . HOH C 2 .  ? 22.184  -11.756 -17.856 1.00 29.62 ? 102 HOH A O   1 
HETATM 1419 O  O   . HOH C 2 .  ? 6.653   -22.071 9.616   1.00 22.32 ? 103 HOH A O   1 
HETATM 1420 O  O   . HOH C 2 .  ? 13.446  -26.940 6.281   1.00 26.97 ? 104 HOH A O   1 
HETATM 1421 O  O   . HOH C 2 .  ? 21.508  -10.720 -7.888  1.00 21.90 ? 105 HOH A O   1 
HETATM 1422 O  O   . HOH C 2 .  ? 9.257   -28.916 9.637   1.00 22.27 ? 106 HOH A O   1 
HETATM 1423 O  O   . HOH C 2 .  ? 23.174  -4.256  -2.568  1.00 32.63 ? 107 HOH A O   1 
HETATM 1424 O  O   . HOH C 2 .  ? 4.500   -11.523 -10.417 1.00 28.72 ? 108 HOH A O   1 
HETATM 1425 O  O   . HOH C 2 .  ? 18.918  -17.143 -16.188 1.00 36.47 ? 109 HOH A O   1 
HETATM 1426 O  O   . HOH C 2 .  ? 1.742   -2.576  -9.091  1.00 25.73 ? 110 HOH A O   1 
HETATM 1427 O  O   . HOH C 2 .  ? 15.584  -10.080 -21.414 1.00 32.53 ? 111 HOH A O   1 
HETATM 1428 O  O   . HOH C 2 .  ? 5.715   -9.501  11.315  1.00 33.68 ? 112 HOH A O   1 
HETATM 1429 O  O   . HOH C 2 .  ? 1.273   -25.168 -4.741  1.00 31.79 ? 113 HOH A O   1 
HETATM 1430 O  O   . HOH C 2 .  ? -3.064  -8.329  1.137   1.00 29.21 ? 114 HOH A O   1 
HETATM 1431 O  O   . HOH C 2 .  ? 5.052   -11.180 -13.315 1.00 28.28 ? 115 HOH A O   1 
HETATM 1432 O  O   . HOH C 2 .  ? 15.009  -21.645 -3.230  1.00 26.90 ? 116 HOH A O   1 
HETATM 1433 O  O   . HOH C 2 .  ? 17.203  -17.157 -12.631 1.00 31.81 ? 117 HOH A O   1 
HETATM 1434 O  O   . HOH C 2 .  ? 15.508  -1.094  1.735   1.00 32.59 ? 118 HOH A O   1 
HETATM 1435 O  O   . HOH C 2 .  ? 1.555   -26.116 14.323  1.00 32.11 ? 119 HOH A O   1 
HETATM 1436 O  O   . HOH C 2 .  ? 11.286  -17.001 7.356   1.00 31.31 ? 120 HOH A O   1 
HETATM 1437 O  O   . HOH C 2 .  ? 18.582  -16.917 -3.988  1.00 39.30 ? 121 HOH A O   1 
HETATM 1438 O  O   . HOH C 2 .  ? 12.084  -12.253 9.867   1.00 43.65 ? 122 HOH A O   1 
HETATM 1439 O  O   . HOH C 2 .  ? 20.373  -2.735  -0.510  1.00 32.86 ? 123 HOH A O   1 
HETATM 1440 O  O   . HOH C 2 .  ? 1.989   -28.126 10.589  1.00 39.03 ? 124 HOH A O   1 
HETATM 1441 O  O   . HOH C 2 .  ? 9.055   -10.893 11.335  1.00 38.62 ? 125 HOH A O   1 
HETATM 1442 O  O   . HOH C 2 .  ? 21.907  -11.843 -1.518  1.00 32.80 ? 126 HOH A O   1 
HETATM 1443 O  O   . HOH C 2 .  ? -5.199  -14.046 3.713   1.00 47.79 ? 127 HOH A O   1 
HETATM 1444 O  O   . HOH C 2 .  ? 16.600  -14.548 -9.153  1.00 28.51 ? 128 HOH A O   1 
HETATM 1445 O  O   . HOH C 2 .  ? 8.166   -1.431  -1.755  1.00 25.12 ? 129 HOH A O   1 
HETATM 1446 O  O   . HOH C 2 .  ? 9.148   -2.635  -12.523 1.00 41.88 ? 130 HOH A O   1 
HETATM 1447 O  O   . HOH C 2 .  ? 1.135   -23.425 14.650  1.00 27.81 ? 131 HOH A O   1 
HETATM 1448 O  O   . HOH C 2 .  ? -0.723  -14.396 9.386   1.00 33.08 ? 132 HOH A O   1 
HETATM 1449 O  O   . HOH C 2 .  ? 9.670   -1.286  -3.892  1.00 49.43 ? 133 HOH A O   1 
HETATM 1450 O  O   . HOH C 2 .  ? 12.910  -15.210 5.772   1.00 41.70 ? 134 HOH A O   1 
HETATM 1451 O  O   . HOH C 2 .  ? 7.502   2.357   -2.992  1.00 42.50 ? 135 HOH A O   1 
HETATM 1452 O  O   . HOH C 2 .  ? -3.037  -17.055 4.748   1.00 44.85 ? 136 HOH A O   1 
HETATM 1453 O  O   . HOH C 2 .  ? 6.138   -22.957 12.114  1.00 29.45 ? 137 HOH A O   1 
HETATM 1454 O  O   . HOH C 2 .  ? 14.165  -22.688 4.230   1.00 35.60 ? 138 HOH A O   1 
HETATM 1455 O  O   . HOH C 2 .  ? 22.679  -11.003 -5.439  1.00 45.22 ? 139 HOH A O   1 
HETATM 1456 O  O   . HOH C 2 .  ? 13.406  -23.153 6.734   1.00 33.72 ? 140 HOH A O   1 
HETATM 1457 O  O   . HOH D 2 .  ? 2.619   9.168   10.303  1.00 14.97 ? 89  HOH B O   1 
HETATM 1458 O  O   . HOH D 2 .  ? -8.315  10.970  -11.045 1.00 12.49 ? 90  HOH B O   1 
HETATM 1459 O  O   . HOH D 2 .  ? -7.354  11.882  9.346   1.00 19.55 ? 91  HOH B O   1 
HETATM 1460 O  O   . HOH D 2 .  ? -1.232  7.287   2.473   1.00 18.77 ? 92  HOH B O   1 
HETATM 1461 O  O   . HOH D 2 .  ? -20.331 23.708  -3.506  1.00 28.06 ? 93  HOH B O   1 
HETATM 1462 O  O   . HOH D 2 .  ? -4.174  9.865   8.418   1.00 19.95 ? 94  HOH B O   1 
HETATM 1463 O  O   . HOH D 2 .  ? -17.598 8.252   9.144   1.00 20.48 ? 95  HOH B O   1 
HETATM 1464 O  O   . HOH D 2 .  ? -14.266 23.849  1.167   1.00 23.83 ? 96  HOH B O   1 
HETATM 1465 O  O   . HOH D 2 .  ? -21.789 19.155  -8.749  1.00 23.59 ? 97  HOH B O   1 
HETATM 1466 O  O   . HOH D 2 .  ? -14.648 5.105   7.141   1.00 25.04 ? 98  HOH B O   1 
HETATM 1467 O  O   . HOH D 2 .  ? 2.155   11.128  -6.526  1.00 24.53 ? 99  HOH B O   1 
HETATM 1468 O  O   . HOH D 2 .  ? -17.873 21.772  7.221   1.00 23.47 ? 100 HOH B O   1 
HETATM 1469 O  O   . HOH D 2 .  ? -20.950 26.930  1.842   1.00 26.67 ? 101 HOH B O   1 
HETATM 1470 O  O   . HOH D 2 .  ? -17.867 17.910  17.899  1.00 36.88 ? 102 HOH B O   1 
HETATM 1471 O  O   . HOH D 2 .  ? -18.429 28.606  7.862   1.00 43.25 ? 103 HOH B O   1 
HETATM 1472 O  O   . HOH D 2 .  ? -9.761  12.313  13.157  1.00 33.92 ? 104 HOH B O   1 
HETATM 1473 O  O   . HOH D 2 .  ? -6.402  19.064  -6.718  1.00 39.09 ? 105 HOH B O   1 
HETATM 1474 O  O   . HOH D 2 .  ? -16.016 22.709  -2.674  1.00 46.37 ? 106 HOH B O   1 
HETATM 1475 O  O   . HOH D 2 .  ? -14.285 16.247  -6.051  1.00 35.82 ? 107 HOH B O   1 
HETATM 1476 O  O   . HOH D 2 .  ? -0.496  5.548   -0.732  1.00 27.36 ? 108 HOH B O   1 
HETATM 1477 O  O   . HOH D 2 .  ? -14.628 19.201  10.861  1.00 46.60 ? 109 HOH B O   1 
HETATM 1478 O  O   . HOH D 2 .  ? -1.693  6.381   -4.917  1.00 35.66 ? 110 HOH B O   1 
HETATM 1479 O  O   . HOH D 2 .  ? -23.432 16.034  -6.688  1.00 41.53 ? 111 HOH B O   1 
HETATM 1480 O  O   . HOH D 2 .  ? -6.125  4.324   -10.315 1.00 37.20 ? 112 HOH B O   1 
HETATM 1481 O  O   . HOH D 2 .  ? 4.267   23.165  9.330   1.00 35.88 ? 113 HOH B O   1 
HETATM 1482 O  O   . HOH D 2 .  ? -11.109 23.626  3.195   1.00 32.35 ? 114 HOH B O   1 
HETATM 1483 O  O   . HOH D 2 .  ? -9.484  22.663  -1.951  1.00 34.02 ? 115 HOH B O   1 
HETATM 1484 O  O   . HOH D 2 .  ? 8.606   14.007  11.700  1.00 49.22 ? 116 HOH B O   1 
HETATM 1485 O  O   . HOH D 2 .  ? -18.717 26.920  -1.212  1.00 35.93 ? 117 HOH B O   1 
HETATM 1486 O  O   . HOH D 2 .  ? -12.240 1.196   2.501   1.00 32.33 ? 118 HOH B O   1 
HETATM 1487 O  O   . HOH D 2 .  ? 9.501   14.771  1.967   1.00 47.14 ? 119 HOH B O   1 
HETATM 1488 O  O   . HOH D 2 .  ? 4.652   23.123  5.477   1.00 38.28 ? 120 HOH B O   1 
HETATM 1489 O  O   . HOH D 2 .  ? 1.463   23.412  -1.135  1.00 42.67 ? 121 HOH B O   1 
HETATM 1490 O  O   . HOH D 2 .  ? -15.882 10.375  12.859  1.00 41.83 ? 122 HOH B O   1 
HETATM 1491 O  O   . HOH D 2 .  ? 3.464   10.648  0.005   1.00 29.52 ? 123 HOH B O   1 
# 
